data_6VJ7
#
_entry.id   6VJ7
#
_cell.length_a   125.704
_cell.length_b   125.704
_cell.length_c   298.151
_cell.angle_alpha   90.00
_cell.angle_beta   90.00
_cell.angle_gamma   120.00
#
_symmetry.space_group_name_H-M   'P 31 2 1'
#
loop_
_entity.id
_entity.type
_entity.pdbx_description
1 polymer 'Fe(3+)-Zn(2+) purple acid phosphatase'
2 branched beta-D-mannopyranose-(1-3)-beta-D-mannopyranose-(1-4)-2-acetamido-2-deoxy-beta-D-glucopyranose-(1-4)-2-acetamido-2-deoxy-beta-D-glucopyranose
3 branched beta-D-mannopyranose-(1-4)-2-acetamido-2-deoxy-beta-D-glucopyranose-(1-4)-2-acetamido-2-deoxy-beta-D-glucopyranose
4 branched beta-D-mannopyranose-(1-4)-beta-D-mannopyranose-(1-4)-2-acetamido-2-deoxy-beta-D-glucopyranose-(1-4)-2-acetamido-2-deoxy-beta-D-glucopyranose
5 branched alpha-L-fucopyranose-(1-3)-[2-acetamido-2-deoxy-beta-D-glucopyranose-(1-4)]2-acetamido-2-deoxy-beta-D-glucopyranose
6 branched 2-acetamido-2-deoxy-beta-D-glucopyranose-(1-4)-2-acetamido-2-deoxy-beta-D-glucopyranose
7 non-polymer 'ZINC ION'
8 non-polymer 'FE (III) ION'
9 non-polymer 'SULFATE ION'
10 non-polymer GLYCEROL
11 non-polymer 1,2-ETHANEDIOL
12 non-polymer 'TRIETHYLENE GLYCOL'
13 non-polymer 2-acetamido-2-deoxy-beta-D-glucopyranose
14 non-polymer 'PHOSPHOAMINOPHOSPHONIC ACID-ADENYLATE ESTER'
15 non-polymer 'TETRAETHYLENE GLYCOL'
16 non-polymer 'SODIUM ION'
17 non-polymer 'ISOPROPYL ALCOHOL'
18 water water
#
_entity_poly.entity_id   1
_entity_poly.type   'polypeptide(L)'
_entity_poly.pdbx_seq_one_letter_code
;KNRDMPLDSDVFRVPPGYNAPQQVHITQGDLVGRAMIISWVTMDEPGSSAVRYWSEKNGRKRIAKGKMSTYRFFNYSSGF
IHHTTIRKLKYNTKYYYEVGLRNTTRRFSFITPPQTGLDVPYTFGLIGDLGQSFDSNTTLSHYELSPKKGQTVLFVGDLS
YADRYPNHDNVRWDTWGRFTERSVAYQPWIWTAGNHEIEFAPEINETEPFKPFSYRYHVPYEASQSTSPFWYSIKRASAH
IIVLSSYSAYGRGTPQYTWLKKELRKVKRSETPWLIVLMHSPLYNSYNHHFMEGEAMRTKFEAWFVKYKVDVVFAGHVHA
YERSERVSNIAYKITNGLCTPVKDQSAPVYITIGDAGNYGVIDSNMIQPQPEYSAFREASFGHGMFDIKNRTHAHFSWNR
NQDGVAVEADSVWFFNRHWYPVDDST
;
_entity_poly.pdbx_strand_id   A,B,C,D
#
# COMPACT_ATOMS: atom_id res chain seq x y z
N ASN A 2 -22.54 -23.94 -24.99
CA ASN A 2 -22.23 -24.43 -26.33
C ASN A 2 -20.72 -24.67 -26.50
N ARG A 3 -20.18 -24.12 -27.60
CA ARG A 3 -18.94 -24.54 -28.24
C ARG A 3 -17.59 -24.35 -27.55
N ASP A 4 -17.52 -24.23 -26.24
CA ASP A 4 -16.21 -24.01 -25.64
C ASP A 4 -15.54 -25.34 -25.38
N MET A 5 -14.26 -25.43 -25.75
CA MET A 5 -13.50 -26.68 -25.67
C MET A 5 -13.46 -27.20 -24.24
N PRO A 6 -13.73 -28.47 -24.01
CA PRO A 6 -13.75 -29.01 -22.64
C PRO A 6 -12.40 -28.90 -21.95
N LEU A 7 -12.43 -29.03 -20.63
CA LEU A 7 -11.20 -28.97 -19.83
C LEU A 7 -10.26 -30.12 -20.14
N ASP A 8 -10.79 -31.30 -20.44
CA ASP A 8 -9.94 -32.44 -20.77
C ASP A 8 -9.36 -32.37 -22.18
N SER A 9 -9.54 -31.26 -22.89
CA SER A 9 -8.97 -31.09 -24.22
C SER A 9 -7.44 -31.11 -24.16
N ASP A 10 -6.83 -31.41 -25.31
CA ASP A 10 -5.37 -31.47 -25.36
C ASP A 10 -4.73 -30.08 -25.34
N VAL A 11 -5.40 -29.07 -25.90
CA VAL A 11 -4.84 -27.73 -25.88
C VAL A 11 -4.67 -27.19 -24.46
N PHE A 12 -5.44 -27.70 -23.49
CA PHE A 12 -5.38 -27.22 -22.11
C PHE A 12 -4.53 -28.11 -21.19
N ARG A 13 -3.75 -29.03 -21.75
CA ARG A 13 -3.03 -29.98 -20.90
C ARG A 13 -1.99 -29.28 -20.06
N VAL A 14 -1.76 -29.83 -18.87
CA VAL A 14 -0.84 -29.24 -17.91
C VAL A 14 0.55 -29.81 -18.18
N PRO A 15 1.56 -28.97 -18.46
CA PRO A 15 2.93 -29.47 -18.64
C PRO A 15 3.36 -30.34 -17.48
N PRO A 16 4.10 -31.40 -17.72
CA PRO A 16 4.45 -32.36 -16.66
C PRO A 16 5.71 -31.98 -15.89
N GLY A 17 5.71 -32.38 -14.62
CA GLY A 17 6.83 -32.09 -13.74
C GLY A 17 6.43 -31.20 -12.57
N TYR A 18 7.08 -31.37 -11.42
CA TYR A 18 6.71 -30.58 -10.24
C TYR A 18 6.95 -29.09 -10.52
N ASN A 19 5.90 -28.30 -10.29
CA ASN A 19 5.96 -26.85 -10.45
C ASN A 19 6.42 -26.44 -11.85
N ALA A 20 6.02 -27.19 -12.85
CA ALA A 20 6.41 -26.89 -14.23
C ALA A 20 5.81 -25.55 -14.65
N PRO A 21 6.59 -24.66 -15.27
CA PRO A 21 6.01 -23.43 -15.81
C PRO A 21 4.95 -23.74 -16.85
N GLN A 22 3.88 -22.95 -16.83
CA GLN A 22 2.80 -23.12 -17.79
C GLN A 22 2.29 -21.75 -18.19
N GLN A 23 1.53 -21.71 -19.28
CA GLN A 23 1.03 -20.47 -19.83
C GLN A 23 2.16 -19.52 -20.19
N VAL A 24 3.25 -20.05 -20.78
CA VAL A 24 4.35 -19.18 -21.14
C VAL A 24 3.94 -18.32 -22.33
N HIS A 25 4.29 -17.03 -22.27
CA HIS A 25 3.94 -16.07 -23.32
C HIS A 25 4.88 -14.88 -23.28
N ILE A 26 5.37 -14.48 -24.44
CA ILE A 26 6.35 -13.41 -24.56
C ILE A 26 5.73 -12.23 -25.30
N THR A 27 6.36 -11.07 -25.16
CA THR A 27 5.94 -9.86 -25.87
C THR A 27 7.11 -8.90 -25.91
N GLN A 28 7.04 -7.94 -26.84
CA GLN A 28 8.08 -6.92 -26.95
C GLN A 28 8.26 -6.23 -25.60
N GLY A 29 9.53 -6.10 -25.20
CA GLY A 29 9.86 -5.64 -23.86
C GLY A 29 10.31 -4.20 -23.76
N ASP A 30 10.60 -3.57 -24.89
CA ASP A 30 11.03 -2.17 -24.93
C ASP A 30 10.38 -1.51 -26.13
N LEU A 31 10.93 -0.36 -26.55
CA LEU A 31 10.35 0.43 -27.64
C LEU A 31 10.84 0.02 -29.02
N VAL A 32 12.01 -0.62 -29.12
CA VAL A 32 12.69 -0.81 -30.40
C VAL A 32 12.87 -2.27 -30.78
N GLY A 33 12.61 -3.22 -29.88
CA GLY A 33 12.76 -4.62 -30.17
C GLY A 33 13.94 -5.30 -29.51
N ARG A 34 14.72 -4.57 -28.72
CA ARG A 34 15.88 -5.14 -28.06
C ARG A 34 15.56 -5.80 -26.73
N ALA A 35 14.30 -5.77 -26.32
CA ALA A 35 13.88 -6.36 -25.07
C ALA A 35 12.65 -7.24 -25.29
N MET A 36 12.44 -8.15 -24.34
CA MET A 36 11.36 -9.13 -24.42
C MET A 36 10.88 -9.46 -23.02
N ILE A 37 9.57 -9.37 -22.79
CA ILE A 37 8.98 -9.69 -21.50
C ILE A 37 8.55 -11.15 -21.51
N ILE A 38 9.17 -11.95 -20.65
CA ILE A 38 8.89 -13.38 -20.53
C ILE A 38 7.90 -13.55 -19.38
N SER A 39 6.79 -14.23 -19.65
CA SER A 39 5.73 -14.38 -18.66
C SER A 39 5.24 -15.83 -18.61
N TRP A 40 5.01 -16.32 -17.41
CA TRP A 40 4.51 -17.68 -17.20
C TRP A 40 3.90 -17.77 -15.81
N VAL A 41 3.19 -18.88 -15.57
CA VAL A 41 2.52 -19.12 -14.30
C VAL A 41 3.05 -20.43 -13.74
N THR A 42 3.38 -20.44 -12.45
CA THR A 42 3.67 -21.68 -11.73
C THR A 42 2.51 -21.97 -10.79
N MET A 43 2.11 -23.23 -10.73
CA MET A 43 0.92 -23.64 -10.01
C MET A 43 1.20 -24.36 -8.70
N ASP A 44 2.33 -25.06 -8.59
CA ASP A 44 2.59 -25.89 -7.42
C ASP A 44 3.27 -25.12 -6.29
N GLU A 45 4.03 -24.08 -6.59
CA GLU A 45 4.68 -23.26 -5.58
C GLU A 45 5.26 -22.02 -6.28
N PRO A 46 5.63 -20.97 -5.51
CA PRO A 46 6.06 -19.71 -6.15
C PRO A 46 7.16 -19.85 -7.18
N GLY A 47 8.25 -20.52 -6.85
CA GLY A 47 9.32 -20.76 -7.81
C GLY A 47 10.16 -19.52 -8.06
N SER A 48 11.12 -19.66 -8.97
CA SER A 48 11.98 -18.55 -9.34
C SER A 48 11.42 -17.78 -10.54
N SER A 49 11.56 -16.46 -10.50
CA SER A 49 11.20 -15.61 -11.62
C SER A 49 12.40 -15.35 -12.55
N ALA A 50 13.46 -16.13 -12.44
CA ALA A 50 14.63 -15.93 -13.27
C ALA A 50 14.45 -16.63 -14.60
N VAL A 51 15.00 -16.02 -15.64
CA VAL A 51 14.95 -16.55 -16.99
C VAL A 51 16.39 -16.69 -17.48
N ARG A 52 16.76 -17.91 -17.90
CA ARG A 52 18.06 -18.17 -18.49
C ARG A 52 17.92 -18.11 -20.01
N TYR A 53 18.72 -17.27 -20.66
CA TYR A 53 18.61 -17.02 -22.09
C TYR A 53 19.98 -16.93 -22.74
N TRP A 54 20.00 -17.22 -24.04
CA TRP A 54 21.24 -17.13 -24.81
C TRP A 54 20.89 -17.11 -26.29
N SER A 55 21.80 -16.54 -27.07
CA SER A 55 21.66 -16.48 -28.52
C SER A 55 22.43 -17.59 -29.17
N GLU A 56 22.00 -17.96 -30.38
CA GLU A 56 22.71 -18.96 -31.17
CA GLU A 56 22.73 -18.96 -31.15
C GLU A 56 24.07 -18.43 -31.64
N LYS A 57 24.16 -17.13 -31.90
CA LYS A 57 25.40 -16.53 -32.40
C LYS A 57 26.53 -16.65 -31.38
N ASN A 58 26.22 -16.50 -30.10
CA ASN A 58 27.25 -16.49 -29.08
C ASN A 58 27.16 -17.63 -28.08
N GLY A 59 25.95 -18.10 -27.75
CA GLY A 59 25.84 -19.25 -26.87
C GLY A 59 26.41 -19.03 -25.50
N ARG A 60 26.48 -17.78 -25.04
CA ARG A 60 26.85 -17.46 -23.67
C ARG A 60 25.58 -17.16 -22.89
N LYS A 61 25.30 -18.00 -21.89
CA LYS A 61 24.01 -17.97 -21.23
C LYS A 61 23.98 -16.92 -20.12
N ARG A 62 22.84 -16.23 -20.02
CA ARG A 62 22.63 -15.14 -19.09
C ARG A 62 21.48 -15.47 -18.16
N ILE A 63 21.39 -14.75 -17.05
CA ILE A 63 20.29 -14.88 -16.10
C ILE A 63 19.63 -13.52 -15.94
N ALA A 64 18.32 -13.48 -16.08
CA ALA A 64 17.56 -12.24 -15.95
C ALA A 64 16.58 -12.41 -14.80
N LYS A 65 16.69 -11.56 -13.79
CA LYS A 65 15.79 -11.61 -12.65
C LYS A 65 14.47 -10.91 -12.99
N GLY A 66 13.38 -11.45 -12.47
CA GLY A 66 12.07 -10.86 -12.65
C GLY A 66 11.26 -10.77 -11.38
N LYS A 67 9.95 -10.60 -11.53
CA LYS A 67 9.00 -10.36 -10.47
C LYS A 67 8.05 -11.55 -10.36
N MET A 68 7.41 -11.70 -9.20
CA MET A 68 6.32 -12.64 -9.02
C MET A 68 5.13 -11.90 -8.44
N SER A 69 3.92 -12.33 -8.84
CA SER A 69 2.70 -11.69 -8.37
C SER A 69 1.59 -12.73 -8.33
N THR A 70 0.53 -12.38 -7.60
CA THR A 70 -0.68 -13.19 -7.49
C THR A 70 -1.88 -12.25 -7.49
N TYR A 71 -3.06 -12.83 -7.68
CA TYR A 71 -4.29 -12.08 -7.51
C TYR A 71 -5.41 -13.03 -7.13
N ARG A 72 -6.44 -12.47 -6.53
CA ARG A 72 -7.70 -13.15 -6.34
C ARG A 72 -8.77 -12.42 -7.13
N PHE A 73 -9.79 -13.16 -7.55
CA PHE A 73 -10.94 -12.58 -8.21
C PHE A 73 -12.18 -13.27 -7.65
N PHE A 74 -12.97 -12.52 -6.87
CA PHE A 74 -14.08 -13.10 -6.15
C PHE A 74 -13.56 -14.29 -5.39
N ASN A 75 -13.82 -15.46 -5.93
CA ASN A 75 -13.76 -16.65 -5.13
C ASN A 75 -12.65 -17.55 -5.73
N TYR A 76 -11.87 -16.95 -6.62
CA TYR A 76 -10.73 -17.57 -7.28
C TYR A 76 -9.40 -17.01 -6.76
N SER A 77 -8.39 -17.88 -6.64
CA SER A 77 -7.05 -17.48 -6.21
C SER A 77 -6.06 -17.98 -7.25
N SER A 78 -5.35 -17.04 -7.86
CA SER A 78 -4.45 -17.36 -8.95
C SER A 78 -3.25 -18.16 -8.46
N GLY A 79 -2.56 -18.75 -9.41
CA GLY A 79 -1.23 -19.28 -9.18
C GLY A 79 -0.23 -18.14 -9.13
N PHE A 80 1.04 -18.50 -9.24
CA PHE A 80 2.13 -17.54 -9.05
C PHE A 80 2.59 -17.06 -10.41
N ILE A 81 2.19 -15.84 -10.76
CA ILE A 81 2.49 -15.25 -12.06
C ILE A 81 3.88 -14.66 -12.05
N HIS A 82 4.64 -14.90 -13.11
CA HIS A 82 5.99 -14.39 -13.26
C HIS A 82 6.07 -13.45 -14.43
N HIS A 83 6.85 -12.38 -14.29
CA HIS A 83 7.13 -11.46 -15.39
C HIS A 83 8.58 -11.03 -15.29
N THR A 84 9.36 -11.34 -16.32
CA THR A 84 10.78 -11.02 -16.36
C THR A 84 11.12 -10.37 -17.69
N THR A 85 11.96 -9.35 -17.65
CA THR A 85 12.35 -8.61 -18.84
C THR A 85 13.79 -8.96 -19.23
N ILE A 86 13.96 -9.44 -20.46
CA ILE A 86 15.26 -9.67 -21.08
C ILE A 86 15.60 -8.45 -21.92
N ARG A 87 16.81 -7.89 -21.75
CA ARG A 87 17.18 -6.63 -22.39
C ARG A 87 18.51 -6.74 -23.13
N LYS A 88 18.91 -5.62 -23.73
CA LYS A 88 20.07 -5.47 -24.61
C LYS A 88 20.30 -6.69 -25.51
N LEU A 89 19.22 -7.21 -26.09
CA LEU A 89 19.31 -8.29 -27.07
C LEU A 89 19.83 -7.77 -28.40
N LYS A 90 20.58 -8.61 -29.10
CA LYS A 90 21.02 -8.31 -30.46
C LYS A 90 19.83 -8.36 -31.41
N TYR A 91 19.90 -7.58 -32.48
CA TYR A 91 18.84 -7.58 -33.47
C TYR A 91 18.96 -8.80 -34.37
N ASN A 92 17.82 -9.26 -34.88
CA ASN A 92 17.78 -10.30 -35.92
C ASN A 92 18.49 -11.57 -35.46
N THR A 93 18.28 -11.95 -34.20
CA THR A 93 19.04 -13.03 -33.58
C THR A 93 18.10 -14.02 -32.93
N LYS A 94 18.39 -15.30 -33.13
CA LYS A 94 17.64 -16.36 -32.47
C LYS A 94 18.15 -16.50 -31.05
N TYR A 95 17.25 -16.35 -30.07
CA TYR A 95 17.56 -16.52 -28.65
C TYR A 95 16.73 -17.66 -28.09
N TYR A 96 17.38 -18.50 -27.28
CA TYR A 96 16.69 -19.53 -26.52
C TYR A 96 16.54 -19.02 -25.10
N TYR A 97 15.38 -19.26 -24.49
CA TYR A 97 15.16 -18.84 -23.12
C TYR A 97 14.53 -19.97 -22.33
N GLU A 98 14.73 -19.93 -21.01
CA GLU A 98 14.33 -21.01 -20.12
C GLU A 98 13.66 -20.47 -18.87
N VAL A 99 12.62 -21.18 -18.41
CA VAL A 99 11.88 -20.83 -17.21
C VAL A 99 11.67 -22.10 -16.38
N GLY A 100 11.47 -21.89 -15.07
CA GLY A 100 11.36 -22.99 -14.14
C GLY A 100 12.71 -23.50 -13.68
N LEU A 101 13.60 -22.58 -13.32
CA LEU A 101 15.00 -22.94 -13.14
C LEU A 101 15.24 -23.78 -11.89
N ARG A 102 14.37 -23.68 -10.88
CA ARG A 102 14.66 -24.39 -9.63
C ARG A 102 14.16 -25.85 -9.65
N ASN A 103 12.99 -26.13 -10.23
CA ASN A 103 12.50 -27.50 -10.27
C ASN A 103 12.35 -28.00 -11.70
N THR A 104 11.19 -27.82 -12.32
CA THR A 104 10.99 -28.27 -13.70
C THR A 104 11.34 -27.12 -14.66
N THR A 105 12.41 -27.31 -15.44
CA THR A 105 12.83 -26.31 -16.42
C THR A 105 12.18 -26.57 -17.76
N ARG A 106 11.76 -25.50 -18.44
CA ARG A 106 11.29 -25.60 -19.82
C ARG A 106 12.02 -24.58 -20.68
N ARG A 107 12.22 -24.94 -21.95
CA ARG A 107 13.02 -24.16 -22.88
C ARG A 107 12.21 -23.77 -24.10
N PHE A 108 12.37 -22.51 -24.53
CA PHE A 108 11.69 -21.97 -25.69
C PHE A 108 12.68 -21.08 -26.43
N SER A 109 12.27 -20.60 -27.60
CA SER A 109 13.16 -19.79 -28.42
C SER A 109 12.37 -18.70 -29.12
N PHE A 110 13.07 -17.62 -29.47
CA PHE A 110 12.48 -16.55 -30.27
C PHE A 110 13.58 -15.91 -31.10
N ILE A 111 13.17 -15.24 -32.17
CA ILE A 111 14.06 -14.44 -33.01
C ILE A 111 13.68 -12.99 -32.83
N THR A 112 14.63 -12.17 -32.35
CA THR A 112 14.37 -10.74 -32.24
C THR A 112 14.19 -10.14 -33.63
N PRO A 113 13.46 -9.02 -33.73
CA PRO A 113 13.28 -8.38 -35.04
C PRO A 113 14.56 -7.67 -35.46
N PRO A 114 14.62 -7.20 -36.70
CA PRO A 114 15.77 -6.38 -37.10
C PRO A 114 15.66 -4.98 -36.52
N GLN A 115 16.79 -4.27 -36.54
CA GLN A 115 16.81 -2.86 -36.18
C GLN A 115 15.81 -2.11 -37.04
N THR A 116 15.02 -1.23 -36.40
CA THR A 116 13.99 -0.51 -37.14
C THR A 116 14.63 0.26 -38.30
N GLY A 117 14.02 0.15 -39.48
CA GLY A 117 14.59 0.79 -40.66
C GLY A 117 13.53 1.00 -41.73
N LEU A 118 13.93 1.77 -42.74
CA LEU A 118 12.97 2.26 -43.72
C LEU A 118 12.36 1.12 -44.54
N ASP A 119 13.17 0.17 -44.98
CA ASP A 119 12.71 -0.87 -45.90
C ASP A 119 12.68 -2.25 -45.26
N VAL A 120 12.82 -2.35 -43.95
CA VAL A 120 12.92 -3.64 -43.28
C VAL A 120 11.61 -4.40 -43.44
N PRO A 121 11.60 -5.53 -44.11
CA PRO A 121 10.35 -6.31 -44.21
C PRO A 121 10.00 -6.93 -42.87
N TYR A 122 8.71 -7.24 -42.71
CA TYR A 122 8.21 -7.93 -41.53
C TYR A 122 6.77 -8.38 -41.79
N THR A 123 6.42 -9.54 -41.23
CA THR A 123 5.12 -10.15 -41.44
C THR A 123 4.39 -10.26 -40.11
N PHE A 124 3.38 -9.42 -39.91
CA PHE A 124 2.54 -9.47 -38.72
C PHE A 124 1.30 -10.33 -38.98
N GLY A 125 0.99 -11.19 -38.00
CA GLY A 125 -0.31 -11.82 -37.97
C GLY A 125 -1.30 -10.96 -37.19
N LEU A 126 -2.55 -10.97 -37.62
CA LEU A 126 -3.59 -10.19 -36.96
C LEU A 126 -4.75 -11.10 -36.53
N ILE A 127 -4.73 -11.47 -35.26
CA ILE A 127 -5.79 -12.24 -34.62
C ILE A 127 -6.61 -11.29 -33.76
N GLY A 128 -7.93 -11.45 -33.77
CA GLY A 128 -8.80 -10.69 -32.89
C GLY A 128 -9.97 -11.52 -32.39
N ASP A 129 -10.28 -11.43 -31.10
CA ASP A 129 -11.42 -12.14 -30.50
C ASP A 129 -11.23 -13.65 -30.63
N LEU A 130 -10.14 -14.14 -30.03
CA LEU A 130 -9.73 -15.53 -30.22
C LEU A 130 -10.67 -16.49 -29.53
N GLY A 131 -10.67 -16.48 -28.21
CA GLY A 131 -11.58 -17.29 -27.44
C GLY A 131 -11.03 -18.67 -27.17
N GLN A 132 -11.95 -19.61 -26.91
CA GLN A 132 -11.62 -20.96 -26.47
C GLN A 132 -12.51 -22.00 -27.15
N SER A 133 -13.16 -21.65 -28.25
CA SER A 133 -14.00 -22.59 -28.96
C SER A 133 -13.15 -23.48 -29.86
N PHE A 134 -13.79 -24.42 -30.56
CA PHE A 134 -13.09 -25.16 -31.61
C PHE A 134 -12.78 -24.27 -32.82
N ASP A 135 -13.64 -23.27 -33.09
CA ASP A 135 -13.33 -22.29 -34.11
C ASP A 135 -12.06 -21.54 -33.76
N SER A 136 -11.78 -21.35 -32.48
CA SER A 136 -10.57 -20.65 -32.07
C SER A 136 -9.32 -21.48 -32.37
N ASN A 137 -9.35 -22.77 -32.07
CA ASN A 137 -8.21 -23.64 -32.36
C ASN A 137 -7.94 -23.70 -33.86
N THR A 138 -9.01 -23.70 -34.67
CA THR A 138 -8.84 -23.73 -36.12
C THR A 138 -8.15 -22.47 -36.64
N THR A 139 -8.50 -21.30 -36.09
CA THR A 139 -7.82 -20.08 -36.50
C THR A 139 -6.35 -20.11 -36.13
N LEU A 140 -6.04 -20.55 -34.90
CA LEU A 140 -4.65 -20.65 -34.49
C LEU A 140 -3.86 -21.60 -35.39
N SER A 141 -4.48 -22.71 -35.81
CA SER A 141 -3.82 -23.63 -36.74
C SER A 141 -3.49 -22.95 -38.06
N HIS A 142 -4.50 -22.31 -38.66
CA HIS A 142 -4.27 -21.59 -39.90
C HIS A 142 -3.18 -20.53 -39.77
N TYR A 143 -3.04 -19.94 -38.58
CA TYR A 143 -1.96 -18.97 -38.40
C TYR A 143 -0.61 -19.65 -38.40
N GLU A 144 -0.45 -20.69 -37.60
CA GLU A 144 0.85 -21.34 -37.50
C GLU A 144 1.20 -22.15 -38.75
N LEU A 145 0.23 -22.38 -39.65
CA LEU A 145 0.46 -23.12 -40.89
C LEU A 145 0.53 -22.21 -42.11
N SER A 146 0.42 -20.89 -41.93
CA SER A 146 0.41 -19.99 -43.08
C SER A 146 1.76 -20.00 -43.76
N PRO A 147 1.82 -20.31 -45.06
CA PRO A 147 3.10 -20.17 -45.78
C PRO A 147 3.69 -18.77 -45.69
N LYS A 148 2.88 -17.77 -45.34
CA LYS A 148 3.40 -16.42 -45.21
C LYS A 148 4.25 -16.25 -43.95
N LYS A 149 4.10 -17.14 -42.97
CA LYS A 149 4.90 -17.16 -41.74
C LYS A 149 4.79 -15.85 -40.97
N GLY A 150 3.93 -15.83 -39.96
CA GLY A 150 3.84 -14.68 -39.09
C GLY A 150 5.02 -14.61 -38.13
N GLN A 151 5.45 -13.39 -37.84
CA GLN A 151 6.59 -13.18 -36.96
C GLN A 151 6.22 -12.58 -35.62
N THR A 152 5.19 -11.74 -35.56
CA THR A 152 4.53 -11.36 -34.31
C THR A 152 3.05 -11.23 -34.58
N VAL A 153 2.25 -11.36 -33.51
CA VAL A 153 0.80 -11.28 -33.61
C VAL A 153 0.34 -9.94 -33.04
N LEU A 154 -0.41 -9.18 -33.84
CA LEU A 154 -1.10 -7.98 -33.37
C LEU A 154 -2.52 -8.40 -32.98
N PHE A 155 -2.77 -8.47 -31.67
CA PHE A 155 -3.99 -9.04 -31.13
C PHE A 155 -4.92 -7.93 -30.69
N VAL A 156 -6.01 -7.71 -31.43
CA VAL A 156 -6.83 -6.51 -31.25
C VAL A 156 -7.85 -6.69 -30.12
N GLY A 157 -7.58 -7.58 -29.18
CA GLY A 157 -8.33 -7.63 -27.94
C GLY A 157 -9.27 -8.82 -27.85
N ASP A 158 -9.86 -8.96 -26.65
CA ASP A 158 -10.75 -10.06 -26.28
C ASP A 158 -10.03 -11.40 -26.35
N LEU A 159 -9.45 -11.81 -25.22
CA LEU A 159 -8.54 -12.95 -25.16
C LEU A 159 -9.25 -14.25 -24.81
N SER A 160 -9.57 -14.45 -23.53
CA SER A 160 -10.05 -15.75 -23.06
C SER A 160 -11.57 -15.89 -23.05
N TYR A 161 -12.30 -14.80 -22.85
CA TYR A 161 -13.75 -14.81 -22.64
C TYR A 161 -14.14 -15.55 -21.36
N ALA A 162 -13.19 -15.67 -20.44
CA ALA A 162 -13.48 -16.25 -19.13
C ALA A 162 -14.63 -15.54 -18.42
N ASP A 163 -14.89 -14.27 -18.73
CA ASP A 163 -15.98 -13.56 -18.06
C ASP A 163 -17.36 -14.00 -18.53
N ARG A 164 -17.45 -15.02 -19.38
CA ARG A 164 -18.73 -15.58 -19.78
C ARG A 164 -19.15 -16.76 -18.91
N TYR A 165 -18.35 -17.11 -17.94
CA TYR A 165 -18.55 -18.22 -17.02
C TYR A 165 -19.05 -17.71 -15.67
N PRO A 166 -19.62 -18.57 -14.83
CA PRO A 166 -20.11 -18.10 -13.53
C PRO A 166 -19.00 -17.44 -12.73
N ASN A 167 -19.26 -16.20 -12.31
CA ASN A 167 -18.25 -15.35 -11.66
C ASN A 167 -16.93 -15.35 -12.43
N HIS A 168 -17.04 -15.32 -13.75
CA HIS A 168 -15.90 -15.11 -14.64
C HIS A 168 -14.86 -16.20 -14.55
N ASP A 169 -15.23 -17.36 -13.98
CA ASP A 169 -14.34 -18.48 -13.65
C ASP A 169 -12.95 -18.34 -14.24
N ASN A 170 -12.04 -17.77 -13.46
CA ASN A 170 -10.70 -17.48 -13.94
C ASN A 170 -9.86 -18.72 -14.19
N VAL A 171 -10.39 -19.92 -13.94
CA VAL A 171 -9.76 -21.13 -14.46
C VAL A 171 -9.75 -21.08 -15.99
N ARG A 172 -10.72 -20.38 -16.59
CA ARG A 172 -10.75 -20.22 -18.03
C ARG A 172 -9.73 -19.20 -18.54
N TRP A 173 -9.08 -18.44 -17.65
CA TRP A 173 -7.90 -17.69 -18.06
C TRP A 173 -6.68 -18.60 -18.08
N ASP A 174 -6.62 -19.57 -17.17
CA ASP A 174 -5.51 -20.50 -17.15
C ASP A 174 -5.51 -21.39 -18.39
N THR A 175 -6.68 -21.87 -18.79
CA THR A 175 -6.77 -22.74 -19.96
C THR A 175 -6.36 -21.98 -21.22
N TRP A 176 -6.86 -20.76 -21.37
CA TRP A 176 -6.48 -19.96 -22.53
C TRP A 176 -4.98 -19.70 -22.54
N GLY A 177 -4.37 -19.50 -21.37
CA GLY A 177 -2.94 -19.32 -21.30
C GLY A 177 -2.18 -20.54 -21.80
N ARG A 178 -2.62 -21.74 -21.39
CA ARG A 178 -1.96 -22.97 -21.79
C ARG A 178 -2.23 -23.32 -23.24
N PHE A 179 -3.30 -22.80 -23.82
CA PHE A 179 -3.68 -23.15 -25.19
C PHE A 179 -2.96 -22.26 -26.20
N THR A 180 -2.93 -20.95 -25.96
CA THR A 180 -2.25 -20.07 -26.91
C THR A 180 -0.74 -20.16 -26.78
N GLU A 181 -0.24 -20.92 -25.80
CA GLU A 181 1.18 -20.95 -25.54
C GLU A 181 1.98 -21.38 -26.76
N ARG A 182 1.49 -22.40 -27.48
CA ARG A 182 2.26 -22.98 -28.59
C ARG A 182 2.60 -21.95 -29.66
N SER A 183 1.91 -20.80 -29.69
CA SER A 183 2.31 -19.69 -30.54
C SER A 183 2.98 -18.58 -29.75
N VAL A 184 2.39 -18.16 -28.62
CA VAL A 184 2.86 -16.98 -27.91
C VAL A 184 4.10 -17.24 -27.05
N ALA A 185 4.55 -18.50 -26.93
CA ALA A 185 5.81 -18.78 -26.26
C ALA A 185 7.02 -18.66 -27.18
N TYR A 186 6.81 -18.63 -28.49
CA TYR A 186 7.89 -18.50 -29.45
C TYR A 186 7.81 -17.24 -30.30
N GLN A 187 6.74 -16.46 -30.14
CA GLN A 187 6.39 -15.37 -30.99
C GLN A 187 5.67 -14.36 -30.10
N PRO A 188 6.06 -13.09 -30.15
CA PRO A 188 5.40 -12.10 -29.30
C PRO A 188 4.04 -11.71 -29.85
N TRP A 189 3.06 -11.61 -28.94
CA TRP A 189 1.75 -11.06 -29.24
C TRP A 189 1.65 -9.66 -28.62
N ILE A 190 1.15 -8.72 -29.39
CA ILE A 190 1.00 -7.34 -28.94
C ILE A 190 -0.45 -7.16 -28.48
N TRP A 191 -0.60 -6.83 -27.21
CA TRP A 191 -1.88 -6.97 -26.53
C TRP A 191 -2.69 -5.68 -26.61
N THR A 192 -3.89 -5.77 -27.18
CA THR A 192 -4.92 -4.75 -27.08
C THR A 192 -5.94 -5.20 -26.06
N ALA A 193 -6.54 -4.26 -25.34
CA ALA A 193 -7.55 -4.58 -24.35
C ALA A 193 -8.94 -4.49 -24.97
N GLY A 194 -9.72 -5.56 -24.80
CA GLY A 194 -11.07 -5.63 -25.31
C GLY A 194 -12.08 -5.58 -24.18
N ASN A 195 -13.36 -5.50 -24.56
CA ASN A 195 -14.40 -5.34 -23.56
C ASN A 195 -14.53 -6.56 -22.66
N HIS A 196 -14.20 -7.75 -23.16
CA HIS A 196 -14.23 -8.92 -22.30
C HIS A 196 -13.08 -8.96 -21.32
N GLU A 197 -12.16 -8.00 -21.36
CA GLU A 197 -11.15 -7.86 -20.34
C GLU A 197 -11.56 -6.91 -19.23
N ILE A 198 -12.61 -6.11 -19.45
CA ILE A 198 -13.02 -5.12 -18.46
C ILE A 198 -13.35 -5.78 -17.13
N GLU A 199 -14.12 -6.86 -17.18
CA GLU A 199 -14.47 -7.67 -16.01
C GLU A 199 -14.89 -6.79 -14.83
N PHE A 200 -15.79 -5.86 -15.12
CA PHE A 200 -16.37 -4.98 -14.11
C PHE A 200 -17.60 -5.70 -13.57
N ALA A 201 -17.44 -6.36 -12.43
CA ALA A 201 -18.50 -7.13 -11.81
C ALA A 201 -18.72 -6.59 -10.40
N PRO A 202 -19.32 -5.40 -10.27
CA PRO A 202 -19.50 -4.81 -8.94
C PRO A 202 -20.31 -5.69 -8.02
N GLU A 203 -21.19 -6.54 -8.57
CA GLU A 203 -22.05 -7.40 -7.76
C GLU A 203 -21.29 -8.47 -7.00
N ILE A 204 -20.05 -8.76 -7.38
CA ILE A 204 -19.21 -9.66 -6.59
C ILE A 204 -17.97 -8.88 -6.15
N ASN A 205 -18.17 -7.58 -5.92
CA ASN A 205 -17.15 -6.65 -5.43
C ASN A 205 -15.81 -6.87 -6.10
N GLU A 206 -15.84 -6.97 -7.42
CA GLU A 206 -14.65 -6.89 -8.27
C GLU A 206 -14.89 -5.69 -9.16
N THR A 207 -14.38 -4.52 -8.75
CA THR A 207 -14.64 -3.27 -9.45
C THR A 207 -13.38 -2.64 -10.01
N GLU A 208 -12.26 -3.36 -10.00
CA GLU A 208 -11.03 -2.85 -10.59
C GLU A 208 -11.00 -3.24 -12.06
N PRO A 209 -11.25 -2.32 -12.98
CA PRO A 209 -11.31 -2.71 -14.40
C PRO A 209 -9.98 -3.28 -14.88
N PHE A 210 -10.08 -4.35 -15.67
CA PHE A 210 -8.95 -5.04 -16.29
C PHE A 210 -8.06 -5.77 -15.29
N LYS A 211 -8.57 -6.10 -14.10
CA LYS A 211 -7.69 -6.70 -13.09
C LYS A 211 -7.09 -8.03 -13.56
N PRO A 212 -7.88 -9.05 -13.95
CA PRO A 212 -7.24 -10.32 -14.31
C PRO A 212 -6.38 -10.22 -15.56
N PHE A 213 -6.80 -9.42 -16.55
CA PHE A 213 -6.00 -9.22 -17.75
C PHE A 213 -4.67 -8.58 -17.42
N SER A 214 -4.71 -7.44 -16.70
CA SER A 214 -3.49 -6.66 -16.47
C SER A 214 -2.49 -7.40 -15.60
N TYR A 215 -2.97 -8.30 -14.73
CA TYR A 215 -2.03 -9.11 -13.95
C TYR A 215 -1.34 -10.15 -14.83
N ARG A 216 -2.09 -10.77 -15.75
CA ARG A 216 -1.56 -11.89 -16.53
C ARG A 216 -0.77 -11.45 -17.76
N TYR A 217 -1.03 -10.27 -18.32
CA TYR A 217 -0.38 -9.84 -19.54
C TYR A 217 0.17 -8.44 -19.35
N HIS A 218 1.49 -8.32 -19.46
CA HIS A 218 2.20 -7.06 -19.32
C HIS A 218 2.56 -6.48 -20.68
N VAL A 219 2.71 -5.16 -20.72
CA VAL A 219 3.08 -4.44 -21.95
C VAL A 219 4.10 -3.36 -21.62
N PRO A 220 5.02 -3.08 -22.56
CA PRO A 220 6.07 -2.08 -22.35
C PRO A 220 5.57 -0.65 -22.38
N TYR A 221 4.52 -0.35 -21.60
CA TYR A 221 3.84 0.95 -21.75
C TYR A 221 4.66 2.12 -21.21
N GLU A 222 5.58 1.89 -20.28
CA GLU A 222 6.50 2.92 -19.87
C GLU A 222 7.57 3.27 -20.93
N ALA A 223 7.82 2.36 -21.89
CA ALA A 223 8.86 2.65 -22.88
C ALA A 223 8.47 3.79 -23.82
N SER A 224 7.17 4.07 -23.96
CA SER A 224 6.67 5.19 -24.75
C SER A 224 6.08 6.27 -23.86
N GLN A 225 6.46 6.31 -22.58
CA GLN A 225 6.05 7.34 -21.62
C GLN A 225 4.55 7.34 -21.34
N SER A 226 3.83 6.30 -21.74
CA SER A 226 2.46 6.12 -21.28
C SER A 226 2.45 5.77 -19.80
N THR A 227 1.37 6.15 -19.12
CA THR A 227 1.24 5.89 -17.69
C THR A 227 0.23 4.79 -17.39
N SER A 228 -0.07 3.95 -18.38
CA SER A 228 -1.11 2.95 -18.21
C SER A 228 -0.88 1.82 -19.19
N PRO A 229 -1.03 0.57 -18.75
CA PRO A 229 -0.86 -0.56 -19.69
C PRO A 229 -1.83 -0.55 -20.87
N PHE A 230 -2.93 0.17 -20.81
CA PHE A 230 -3.99 -0.04 -21.79
C PHE A 230 -3.83 0.78 -23.07
N TRP A 231 -2.88 1.72 -23.11
CA TRP A 231 -2.49 2.39 -24.34
C TRP A 231 -0.98 2.62 -24.32
N TYR A 232 -0.35 2.38 -25.46
CA TYR A 232 1.11 2.35 -25.55
C TYR A 232 1.49 2.11 -27.00
N SER A 233 2.74 2.37 -27.31
N SER A 233 2.75 2.36 -27.31
CA SER A 233 3.26 2.18 -28.65
CA SER A 233 3.25 2.17 -28.67
C SER A 233 4.58 1.43 -28.61
C SER A 233 4.59 1.46 -28.63
N ILE A 234 4.85 0.69 -29.68
CA ILE A 234 6.14 0.04 -29.86
C ILE A 234 6.57 0.23 -31.31
N LYS A 235 7.89 0.21 -31.53
CA LYS A 235 8.45 0.14 -32.86
C LYS A 235 8.97 -1.27 -33.10
N ARG A 236 8.82 -1.74 -34.33
CA ARG A 236 9.21 -3.12 -34.68
C ARG A 236 9.44 -3.20 -36.19
N ALA A 237 10.67 -3.47 -36.59
CA ALA A 237 11.06 -3.52 -38.00
C ALA A 237 10.66 -2.19 -38.63
N SER A 238 9.86 -2.17 -39.70
CA SER A 238 9.52 -0.92 -40.35
C SER A 238 8.23 -0.32 -39.84
N ALA A 239 7.71 -0.80 -38.71
CA ALA A 239 6.37 -0.48 -38.26
C ALA A 239 6.42 0.28 -36.93
N HIS A 240 5.62 1.35 -36.85
CA HIS A 240 5.32 2.06 -35.62
C HIS A 240 3.88 1.71 -35.27
N ILE A 241 3.69 0.97 -34.17
CA ILE A 241 2.41 0.38 -33.79
C ILE A 241 1.91 1.10 -32.56
N ILE A 242 0.68 1.64 -32.62
CA ILE A 242 0.11 2.42 -31.54
C ILE A 242 -1.13 1.68 -31.03
N VAL A 243 -1.09 1.27 -29.77
CA VAL A 243 -2.18 0.51 -29.17
C VAL A 243 -3.02 1.47 -28.35
N LEU A 244 -4.34 1.44 -28.56
CA LEU A 244 -5.27 2.31 -27.87
C LEU A 244 -6.23 1.49 -27.03
N SER A 245 -6.78 2.12 -25.99
CA SER A 245 -7.71 1.47 -25.07
C SER A 245 -9.11 1.97 -25.36
N SER A 246 -9.93 1.08 -25.93
CA SER A 246 -11.29 1.47 -26.30
C SER A 246 -12.13 1.81 -25.07
N TYR A 247 -11.89 1.11 -23.96
CA TYR A 247 -12.76 1.18 -22.80
C TYR A 247 -12.12 1.95 -21.65
N SER A 248 -11.31 2.95 -21.98
CA SER A 248 -10.73 3.88 -21.03
C SER A 248 -11.12 5.30 -21.41
N ALA A 249 -10.87 6.24 -20.52
CA ALA A 249 -11.17 7.64 -20.81
C ALA A 249 -10.33 8.13 -21.98
N TYR A 250 -10.96 8.92 -22.86
CA TYR A 250 -10.22 9.58 -23.94
C TYR A 250 -10.80 10.96 -24.24
N GLY A 251 -11.46 11.58 -23.26
CA GLY A 251 -11.86 12.97 -23.41
C GLY A 251 -10.66 13.89 -23.47
N ARG A 252 -10.92 15.13 -23.89
CA ARG A 252 -9.85 16.12 -24.03
C ARG A 252 -9.18 16.39 -22.68
N GLY A 253 -7.88 16.13 -22.61
CA GLY A 253 -7.11 16.32 -21.40
C GLY A 253 -6.89 15.08 -20.57
N THR A 254 -7.63 14.00 -20.86
CA THR A 254 -7.43 12.73 -20.19
C THR A 254 -6.04 12.18 -20.54
N PRO A 255 -5.51 11.26 -19.74
CA PRO A 255 -4.18 10.72 -20.04
C PRO A 255 -4.04 10.12 -21.42
N GLN A 256 -4.94 9.21 -21.82
CA GLN A 256 -4.80 8.54 -23.11
C GLN A 256 -4.92 9.53 -24.27
N TYR A 257 -5.88 10.45 -24.16
CA TYR A 257 -6.00 11.50 -25.17
C TYR A 257 -4.72 12.31 -25.27
N THR A 258 -4.18 12.73 -24.11
CA THR A 258 -2.93 13.48 -24.09
C THR A 258 -1.78 12.65 -24.67
N TRP A 259 -1.68 11.39 -24.24
CA TRP A 259 -0.57 10.56 -24.71
C TRP A 259 -0.64 10.33 -26.21
N LEU A 260 -1.83 10.00 -26.72
CA LEU A 260 -1.97 9.81 -28.17
C LEU A 260 -1.62 11.08 -28.93
N LYS A 261 -1.99 12.25 -28.39
CA LYS A 261 -1.69 13.50 -29.10
C LYS A 261 -0.19 13.69 -29.26
N LYS A 262 0.56 13.44 -28.20
CA LYS A 262 2.00 13.64 -28.26
C LYS A 262 2.68 12.57 -29.10
N GLU A 263 2.19 11.33 -29.01
CA GLU A 263 2.86 10.20 -29.66
C GLU A 263 2.81 10.32 -31.18
N LEU A 264 1.69 10.77 -31.75
CA LEU A 264 1.64 10.94 -33.20
C LEU A 264 2.62 11.98 -33.69
N ARG A 265 2.90 13.02 -32.89
CA ARG A 265 3.90 14.01 -33.25
C ARG A 265 5.31 13.46 -33.17
N LYS A 266 5.51 12.36 -32.45
CA LYS A 266 6.83 11.75 -32.30
C LYS A 266 7.12 10.67 -33.34
N VAL A 267 6.15 10.33 -34.19
CA VAL A 267 6.40 9.31 -35.20
C VAL A 267 7.39 9.84 -36.22
N LYS A 268 8.40 9.05 -36.52
CA LYS A 268 9.38 9.39 -37.56
C LYS A 268 9.15 8.41 -38.70
N ARG A 269 8.30 8.80 -39.65
CA ARG A 269 8.06 7.94 -40.80
C ARG A 269 9.33 7.73 -41.61
N SER A 270 10.36 8.55 -41.40
CA SER A 270 11.62 8.35 -42.10
C SER A 270 12.39 7.14 -41.59
N GLU A 271 12.01 6.55 -40.45
CA GLU A 271 12.61 5.32 -39.98
C GLU A 271 11.61 4.17 -39.87
N THR A 272 10.43 4.40 -39.29
CA THR A 272 9.33 3.44 -39.31
C THR A 272 8.20 4.00 -40.16
N PRO A 273 8.17 3.72 -41.46
CA PRO A 273 7.18 4.35 -42.34
C PRO A 273 5.76 3.79 -42.21
N TRP A 274 5.55 2.67 -41.51
CA TRP A 274 4.23 2.04 -41.44
C TRP A 274 3.58 2.39 -40.11
N LEU A 275 2.46 3.13 -40.18
CA LEU A 275 1.77 3.64 -39.00
C LEU A 275 0.55 2.76 -38.72
N ILE A 276 0.71 1.83 -37.77
CA ILE A 276 -0.34 0.88 -37.39
C ILE A 276 -0.99 1.37 -36.11
N VAL A 277 -2.33 1.30 -36.07
CA VAL A 277 -3.08 1.58 -34.86
C VAL A 277 -3.96 0.37 -34.54
N LEU A 278 -3.98 0.01 -33.26
CA LEU A 278 -4.78 -1.11 -32.75
C LEU A 278 -5.79 -0.57 -31.75
N MET A 279 -7.07 -0.85 -31.99
CA MET A 279 -8.12 -0.63 -31.02
C MET A 279 -9.05 -1.84 -31.03
N HIS A 280 -9.93 -1.93 -30.03
CA HIS A 280 -10.85 -3.05 -30.03
C HIS A 280 -12.16 -2.74 -30.75
N SER A 281 -12.70 -1.54 -30.55
CA SER A 281 -13.97 -1.16 -31.12
C SER A 281 -13.73 -0.51 -32.49
N PRO A 282 -14.27 -1.06 -33.58
CA PRO A 282 -14.03 -0.46 -34.91
C PRO A 282 -14.71 0.90 -35.06
N LEU A 283 -13.94 1.89 -35.56
CA LEU A 283 -14.52 3.18 -35.94
C LEU A 283 -15.35 3.06 -37.20
N TYR A 284 -15.19 1.98 -37.96
CA TYR A 284 -15.96 1.75 -39.16
C TYR A 284 -16.46 0.31 -39.15
N ASN A 285 -17.78 0.14 -39.25
CA ASN A 285 -18.42 -1.15 -39.04
C ASN A 285 -19.81 -1.08 -39.65
N SER A 286 -20.09 -1.97 -40.61
CA SER A 286 -21.41 -2.03 -41.23
C SER A 286 -22.16 -3.29 -40.84
N TYR A 287 -21.71 -3.96 -39.78
CA TYR A 287 -22.41 -5.12 -39.24
C TYR A 287 -23.46 -4.70 -38.24
N ASN A 288 -24.49 -5.53 -38.11
CA ASN A 288 -25.54 -5.27 -37.13
C ASN A 288 -24.98 -5.23 -35.71
N HIS A 289 -24.09 -6.16 -35.39
CA HIS A 289 -23.56 -6.30 -34.04
C HIS A 289 -22.64 -5.14 -33.70
N HIS A 290 -22.88 -4.54 -32.54
CA HIS A 290 -22.16 -3.35 -32.06
C HIS A 290 -22.05 -2.26 -33.12
N PHE A 291 -23.11 -2.11 -33.91
CA PHE A 291 -23.14 -1.05 -34.91
C PHE A 291 -23.08 0.31 -34.21
N MET A 292 -22.21 1.19 -34.72
CA MET A 292 -22.02 2.57 -34.31
C MET A 292 -21.48 2.72 -32.89
N GLU A 293 -21.08 1.63 -32.24
CA GLU A 293 -20.50 1.77 -30.89
C GLU A 293 -19.14 2.45 -30.95
N GLY A 294 -18.44 2.34 -32.08
CA GLY A 294 -17.16 2.99 -32.25
C GLY A 294 -17.21 4.46 -32.53
N GLU A 295 -18.39 5.07 -32.42
CA GLU A 295 -18.58 6.45 -32.87
C GLU A 295 -17.86 7.44 -31.97
N ALA A 296 -17.96 7.25 -30.65
CA ALA A 296 -17.43 8.24 -29.72
C ALA A 296 -15.93 8.46 -29.95
N MET A 297 -15.16 7.38 -30.03
CA MET A 297 -13.72 7.55 -30.21
C MET A 297 -13.40 8.12 -31.58
N ARG A 298 -14.17 7.76 -32.61
CA ARG A 298 -13.95 8.31 -33.95
C ARG A 298 -14.12 9.84 -33.94
N THR A 299 -15.20 10.34 -33.32
CA THR A 299 -15.38 11.79 -33.22
C THR A 299 -14.23 12.45 -32.50
N LYS A 300 -13.48 11.69 -31.70
CA LYS A 300 -12.33 12.22 -30.98
C LYS A 300 -11.01 12.09 -31.76
N PHE A 301 -10.75 10.93 -32.37
CA PHE A 301 -9.43 10.64 -32.91
C PHE A 301 -9.36 10.59 -34.43
N GLU A 302 -10.50 10.60 -35.14
CA GLU A 302 -10.48 10.33 -36.57
C GLU A 302 -9.64 11.36 -37.33
N ALA A 303 -9.86 12.65 -37.05
CA ALA A 303 -9.09 13.67 -37.77
C ALA A 303 -7.60 13.57 -37.48
N TRP A 304 -7.22 13.12 -36.27
CA TRP A 304 -5.79 12.90 -36.03
C TRP A 304 -5.24 11.81 -36.94
N PHE A 305 -6.01 10.74 -37.12
CA PHE A 305 -5.54 9.64 -37.96
C PHE A 305 -5.28 10.11 -39.39
N VAL A 306 -6.15 10.98 -39.92
CA VAL A 306 -5.96 11.47 -41.28
C VAL A 306 -4.81 12.47 -41.33
N LYS A 307 -4.73 13.34 -40.33
CA LYS A 307 -3.70 14.38 -40.30
C LYS A 307 -2.29 13.78 -40.28
N TYR A 308 -2.10 12.65 -39.60
CA TYR A 308 -0.81 11.99 -39.52
C TYR A 308 -0.68 10.82 -40.46
N LYS A 309 -1.64 10.63 -41.38
CA LYS A 309 -1.53 9.68 -42.49
C LYS A 309 -1.33 8.25 -42.01
N VAL A 310 -2.22 7.80 -41.13
CA VAL A 310 -2.20 6.43 -40.64
C VAL A 310 -2.46 5.46 -41.80
N ASP A 311 -1.68 4.39 -41.85
CA ASP A 311 -1.81 3.44 -42.95
C ASP A 311 -3.03 2.54 -42.76
N VAL A 312 -3.15 1.91 -41.60
CA VAL A 312 -4.27 1.01 -41.32
C VAL A 312 -4.61 1.05 -39.84
N VAL A 313 -5.91 0.93 -39.54
CA VAL A 313 -6.40 0.74 -38.17
C VAL A 313 -7.03 -0.64 -38.11
N PHE A 314 -6.61 -1.44 -37.13
CA PHE A 314 -7.16 -2.77 -36.93
C PHE A 314 -8.05 -2.79 -35.70
N ALA A 315 -9.15 -3.53 -35.78
CA ALA A 315 -10.06 -3.67 -34.66
C ALA A 315 -10.75 -5.03 -34.73
N GLY A 316 -11.33 -5.44 -33.61
CA GLY A 316 -12.09 -6.67 -33.55
C GLY A 316 -13.53 -6.42 -33.16
N HIS A 317 -13.96 -6.99 -32.03
CA HIS A 317 -15.26 -6.72 -31.40
C HIS A 317 -16.45 -7.22 -32.23
N VAL A 318 -16.46 -6.94 -33.53
CA VAL A 318 -17.44 -7.52 -34.44
C VAL A 318 -16.90 -8.87 -34.90
N HIS A 319 -17.64 -9.94 -34.61
CA HIS A 319 -17.18 -11.30 -34.90
C HIS A 319 -17.42 -11.62 -36.37
N ALA A 320 -16.60 -10.99 -37.21
CA ALA A 320 -16.65 -11.15 -38.66
C ALA A 320 -15.45 -10.48 -39.29
N TYR A 321 -15.54 -10.10 -40.56
CA TYR A 321 -14.44 -9.46 -41.27
C TYR A 321 -14.99 -8.32 -42.14
N GLU A 322 -14.27 -7.20 -42.14
CA GLU A 322 -14.65 -6.04 -42.94
C GLU A 322 -13.40 -5.29 -43.33
N ARG A 323 -13.33 -4.83 -44.57
CA ARG A 323 -12.23 -3.98 -45.05
C ARG A 323 -12.83 -2.73 -45.65
N SER A 324 -12.54 -1.59 -45.05
CA SER A 324 -13.13 -0.36 -45.54
C SER A 324 -12.31 0.22 -46.69
N GLU A 325 -12.92 1.12 -47.45
CA GLU A 325 -12.17 1.97 -48.33
C GLU A 325 -11.46 3.04 -47.50
N ARG A 326 -10.54 3.75 -48.14
CA ARG A 326 -9.94 4.93 -47.52
C ARG A 326 -11.03 6.00 -47.48
N VAL A 327 -11.60 6.21 -46.29
CA VAL A 327 -12.81 6.98 -46.13
C VAL A 327 -12.66 7.91 -44.94
N SER A 328 -13.43 9.00 -44.95
CA SER A 328 -13.32 10.00 -43.90
C SER A 328 -14.68 10.61 -43.62
N ASN A 329 -14.91 10.97 -42.35
CA ASN A 329 -16.17 11.57 -41.90
C ASN A 329 -15.88 12.72 -40.93
N ILE A 330 -15.02 13.65 -41.34
CA ILE A 330 -14.41 14.62 -40.43
C ILE A 330 -14.93 16.03 -40.68
N ALA A 331 -15.89 16.22 -41.57
CA ALA A 331 -16.36 17.55 -41.96
C ALA A 331 -17.63 17.97 -41.22
N TYR A 332 -18.08 17.22 -40.22
CA TYR A 332 -19.32 17.54 -39.53
C TYR A 332 -19.10 18.73 -38.61
N LYS A 333 -20.02 19.69 -38.65
CA LYS A 333 -20.01 20.86 -37.77
C LYS A 333 -21.40 21.13 -37.19
N ILE A 334 -22.10 20.05 -36.85
CA ILE A 334 -23.41 20.07 -36.16
C ILE A 334 -24.53 20.43 -37.11
N THR A 335 -24.47 21.59 -37.77
CA THR A 335 -25.62 22.06 -38.54
C THR A 335 -25.34 22.21 -40.04
N ASN A 336 -24.22 21.70 -40.54
CA ASN A 336 -23.90 21.77 -41.96
C ASN A 336 -24.26 20.52 -42.73
N GLY A 337 -24.84 19.51 -42.06
CA GLY A 337 -25.33 18.33 -42.74
C GLY A 337 -24.28 17.40 -43.30
N LEU A 338 -23.00 17.70 -43.13
CA LEU A 338 -21.91 16.89 -43.69
C LEU A 338 -21.58 15.75 -42.72
N CYS A 339 -22.39 14.69 -42.77
CA CYS A 339 -22.21 13.54 -41.89
C CYS A 339 -22.19 12.23 -42.66
N THR A 340 -21.78 12.27 -43.93
CA THR A 340 -21.73 11.10 -44.78
C THR A 340 -20.28 10.81 -45.14
N PRO A 341 -19.77 9.60 -44.86
CA PRO A 341 -18.37 9.31 -45.17
C PRO A 341 -18.08 9.50 -46.64
N VAL A 342 -16.91 10.06 -46.94
CA VAL A 342 -16.50 10.31 -48.31
C VAL A 342 -15.17 9.63 -48.57
N LYS A 343 -14.92 9.31 -49.83
CA LYS A 343 -13.60 8.83 -50.23
C LYS A 343 -12.53 9.83 -49.83
N ASP A 344 -11.41 9.33 -49.29
CA ASP A 344 -10.34 10.19 -48.79
C ASP A 344 -9.05 9.37 -48.84
N GLN A 345 -8.24 9.61 -49.86
CA GLN A 345 -7.00 8.86 -49.99
C GLN A 345 -5.97 9.23 -48.93
N SER A 346 -6.25 10.24 -48.12
CA SER A 346 -5.39 10.58 -47.00
C SER A 346 -5.79 9.90 -45.71
N ALA A 347 -6.93 9.26 -45.70
CA ALA A 347 -7.47 8.54 -44.56
C ALA A 347 -6.94 7.12 -44.53
N PRO A 348 -6.96 6.47 -43.36
CA PRO A 348 -6.50 5.08 -43.28
C PRO A 348 -7.57 4.10 -43.76
N VAL A 349 -7.12 2.87 -44.00
CA VAL A 349 -8.01 1.73 -44.22
C VAL A 349 -8.37 1.15 -42.85
N TYR A 350 -9.66 0.92 -42.64
CA TYR A 350 -10.16 0.38 -41.38
C TYR A 350 -10.56 -1.08 -41.62
N ILE A 351 -9.96 -1.99 -40.86
CA ILE A 351 -10.19 -3.42 -41.01
C ILE A 351 -10.74 -3.98 -39.72
N THR A 352 -11.82 -4.76 -39.81
CA THR A 352 -12.33 -5.57 -38.72
C THR A 352 -11.83 -7.00 -38.89
N ILE A 353 -11.19 -7.53 -37.85
CA ILE A 353 -10.53 -8.84 -37.95
C ILE A 353 -10.80 -9.61 -36.65
N GLY A 354 -11.95 -9.32 -36.02
CA GLY A 354 -12.34 -9.97 -34.78
C GLY A 354 -13.06 -11.29 -34.94
N ASP A 355 -12.71 -12.03 -35.99
CA ASP A 355 -13.39 -13.27 -36.36
C ASP A 355 -12.56 -14.50 -36.00
N ALA A 356 -11.69 -14.42 -35.00
CA ALA A 356 -10.82 -15.55 -34.70
C ALA A 356 -11.56 -16.73 -34.11
N GLY A 357 -12.79 -16.53 -33.61
CA GLY A 357 -13.58 -17.64 -33.12
C GLY A 357 -14.52 -17.35 -31.97
N ASN A 358 -14.09 -16.47 -31.06
CA ASN A 358 -14.72 -16.23 -29.76
C ASN A 358 -15.19 -17.55 -29.15
N TYR A 359 -16.41 -17.59 -28.61
CA TYR A 359 -17.02 -18.82 -28.13
C TYR A 359 -17.75 -19.58 -29.24
N GLY A 360 -17.53 -19.21 -30.50
CA GLY A 360 -18.07 -19.93 -31.64
C GLY A 360 -19.25 -19.31 -32.33
N VAL A 361 -19.53 -18.02 -32.12
CA VAL A 361 -20.71 -17.37 -32.65
C VAL A 361 -20.27 -16.28 -33.63
N ILE A 362 -20.47 -16.53 -34.92
CA ILE A 362 -20.10 -15.56 -35.94
C ILE A 362 -21.21 -14.52 -36.08
N ASP A 363 -20.82 -13.28 -36.36
CA ASP A 363 -21.77 -12.20 -36.55
C ASP A 363 -22.10 -12.12 -38.04
N SER A 364 -23.27 -12.65 -38.40
CA SER A 364 -23.69 -12.79 -39.79
C SER A 364 -24.47 -11.61 -40.33
N ASN A 365 -25.24 -10.93 -39.49
CA ASN A 365 -26.22 -9.96 -39.97
C ASN A 365 -25.53 -8.66 -40.35
N MET A 366 -25.60 -8.30 -41.63
CA MET A 366 -25.02 -7.09 -42.16
C MET A 366 -26.11 -6.08 -42.48
N ILE A 367 -25.77 -4.80 -42.40
CA ILE A 367 -26.69 -3.75 -42.86
C ILE A 367 -26.64 -3.69 -44.38
N GLN A 368 -27.81 -3.75 -45.00
CA GLN A 368 -27.87 -3.82 -46.45
C GLN A 368 -28.47 -2.54 -47.04
N PRO A 369 -27.92 -2.04 -48.16
CA PRO A 369 -26.75 -2.61 -48.84
C PRO A 369 -25.43 -2.18 -48.22
N GLN A 370 -24.36 -2.89 -48.59
CA GLN A 370 -22.98 -2.54 -48.27
C GLN A 370 -22.75 -1.06 -48.57
N PRO A 371 -22.50 -0.23 -47.56
CA PRO A 371 -22.24 1.20 -47.82
C PRO A 371 -20.98 1.40 -48.64
N GLU A 372 -20.85 2.61 -49.18
CA GLU A 372 -19.69 2.92 -50.03
C GLU A 372 -18.39 2.79 -49.25
N TYR A 373 -18.39 3.13 -47.97
CA TYR A 373 -17.15 3.06 -47.23
C TYR A 373 -16.67 1.63 -47.00
N SER A 374 -17.51 0.62 -47.25
CA SER A 374 -17.14 -0.78 -47.05
C SER A 374 -16.69 -1.37 -48.37
N ALA A 375 -15.43 -1.80 -48.44
CA ALA A 375 -14.93 -2.40 -49.67
C ALA A 375 -15.20 -3.89 -49.74
N PHE A 376 -15.03 -4.60 -48.62
CA PHE A 376 -15.18 -6.04 -48.55
C PHE A 376 -15.63 -6.42 -47.14
N ARG A 377 -16.59 -7.35 -47.06
CA ARG A 377 -17.02 -7.85 -45.77
C ARG A 377 -17.58 -9.26 -45.94
N GLU A 378 -17.34 -10.12 -44.95
CA GLU A 378 -17.84 -11.49 -44.96
C GLU A 378 -17.82 -12.04 -43.54
N ALA A 379 -18.88 -12.76 -43.17
CA ALA A 379 -19.00 -13.32 -41.83
C ALA A 379 -18.43 -14.74 -41.81
N SER A 380 -17.12 -14.83 -41.67
CA SER A 380 -16.43 -16.11 -41.60
C SER A 380 -15.33 -16.04 -40.56
N PHE A 381 -15.07 -17.18 -39.92
CA PHE A 381 -13.95 -17.27 -38.99
C PHE A 381 -12.62 -17.30 -39.75
N GLY A 382 -11.65 -16.55 -39.24
CA GLY A 382 -10.36 -16.53 -39.89
C GLY A 382 -9.40 -15.58 -39.20
N HIS A 383 -8.28 -15.32 -39.87
CA HIS A 383 -7.26 -14.42 -39.37
C HIS A 383 -6.78 -13.54 -40.52
N GLY A 384 -5.93 -12.57 -40.20
CA GLY A 384 -5.34 -11.72 -41.21
C GLY A 384 -3.82 -11.67 -41.10
N MET A 385 -3.20 -11.18 -42.18
CA MET A 385 -1.75 -11.04 -42.25
C MET A 385 -1.41 -9.72 -42.93
N PHE A 386 -0.55 -8.94 -42.29
CA PHE A 386 -0.09 -7.66 -42.84
C PHE A 386 1.39 -7.82 -43.14
N ASP A 387 1.71 -8.03 -44.41
CA ASP A 387 3.05 -8.42 -44.82
C ASP A 387 3.77 -7.23 -45.43
N ILE A 388 4.63 -6.60 -44.63
CA ILE A 388 5.42 -5.47 -45.11
C ILE A 388 6.52 -5.97 -46.04
N LYS A 389 6.61 -5.40 -47.24
CA LYS A 389 7.71 -5.67 -48.16
C LYS A 389 8.79 -4.61 -48.10
N ASN A 390 8.41 -3.34 -48.09
CA ASN A 390 9.37 -2.24 -48.03
C ASN A 390 8.60 -0.97 -47.62
N ARG A 391 9.28 0.18 -47.70
CA ARG A 391 8.65 1.42 -47.29
C ARG A 391 7.45 1.77 -48.15
N THR A 392 7.32 1.13 -49.31
CA THR A 392 6.28 1.42 -50.30
C THR A 392 5.08 0.51 -50.18
N HIS A 393 5.32 -0.78 -49.98
CA HIS A 393 4.34 -1.83 -50.22
C HIS A 393 4.15 -2.68 -48.98
N ALA A 394 2.90 -3.01 -48.70
CA ALA A 394 2.55 -4.02 -47.73
C ALA A 394 1.36 -4.78 -48.29
N HIS A 395 1.44 -6.10 -48.24
CA HIS A 395 0.42 -6.96 -48.79
C HIS A 395 -0.42 -7.52 -47.64
N PHE A 396 -1.67 -7.07 -47.52
CA PHE A 396 -2.60 -7.65 -46.56
C PHE A 396 -3.41 -8.77 -47.20
N SER A 397 -3.68 -9.82 -46.42
CA SER A 397 -4.42 -10.98 -46.89
C SER A 397 -5.25 -11.55 -45.74
N TRP A 398 -6.42 -12.07 -46.09
CA TRP A 398 -7.38 -12.63 -45.14
C TRP A 398 -7.59 -14.09 -45.45
N ASN A 399 -7.49 -14.94 -44.42
CA ASN A 399 -7.59 -16.39 -44.57
C ASN A 399 -8.83 -16.88 -43.85
N ARG A 400 -9.63 -17.69 -44.55
CA ARG A 400 -10.83 -18.27 -43.98
C ARG A 400 -10.53 -19.67 -43.46
N ASN A 401 -11.10 -20.00 -42.30
CA ASN A 401 -10.84 -21.31 -41.69
C ASN A 401 -11.47 -22.44 -42.48
N GLN A 402 -12.45 -22.13 -43.34
CA GLN A 402 -13.00 -23.16 -44.21
C GLN A 402 -12.13 -23.40 -45.43
N ASP A 403 -11.26 -22.44 -45.80
CA ASP A 403 -10.36 -22.63 -46.93
C ASP A 403 -9.10 -23.37 -46.49
N GLY A 404 -8.22 -23.64 -47.44
CA GLY A 404 -6.90 -24.13 -47.10
C GLY A 404 -6.07 -23.06 -46.42
N VAL A 405 -5.00 -23.51 -45.75
CA VAL A 405 -4.14 -22.59 -45.02
C VAL A 405 -3.36 -21.68 -45.95
N ALA A 406 -3.33 -21.97 -47.24
CA ALA A 406 -2.62 -21.15 -48.19
C ALA A 406 -3.53 -20.25 -49.03
N VAL A 407 -4.84 -20.32 -48.82
CA VAL A 407 -5.80 -19.61 -49.65
C VAL A 407 -6.14 -18.25 -49.03
N GLU A 408 -6.11 -17.18 -49.85
CA GLU A 408 -6.50 -15.83 -49.43
C GLU A 408 -7.88 -15.52 -50.02
N ALA A 409 -8.92 -15.64 -49.18
CA ALA A 409 -10.25 -15.26 -49.62
C ALA A 409 -10.36 -13.77 -49.92
N ASP A 410 -9.51 -12.95 -49.31
CA ASP A 410 -9.39 -11.55 -49.67
C ASP A 410 -7.93 -11.15 -49.52
N SER A 411 -7.48 -10.25 -50.38
CA SER A 411 -6.14 -9.69 -50.24
C SER A 411 -6.09 -8.37 -51.00
N VAL A 412 -5.18 -7.50 -50.57
CA VAL A 412 -5.07 -6.16 -51.12
C VAL A 412 -3.66 -5.67 -50.86
N TRP A 413 -3.16 -4.83 -51.76
CA TRP A 413 -1.85 -4.21 -51.62
C TRP A 413 -2.01 -2.82 -51.02
N PHE A 414 -1.28 -2.56 -49.93
CA PHE A 414 -1.23 -1.25 -49.30
C PHE A 414 -0.09 -0.44 -49.90
N PHE A 415 -0.39 0.73 -50.44
CA PHE A 415 0.63 1.72 -50.79
C PHE A 415 0.77 2.68 -49.63
N ASN A 416 2.01 2.89 -49.18
CA ASN A 416 2.25 3.67 -47.95
C ASN A 416 1.71 5.09 -48.08
N ARG A 417 0.99 5.55 -47.04
CA ARG A 417 0.40 6.88 -47.08
C ARG A 417 1.46 7.98 -47.03
N HIS A 418 2.61 7.73 -46.41
CA HIS A 418 3.67 8.73 -46.31
C HIS A 418 4.62 8.70 -47.50
N TRP A 419 4.98 7.50 -47.97
CA TRP A 419 6.02 7.35 -48.98
C TRP A 419 5.47 7.11 -50.38
N TYR A 420 4.19 6.80 -50.52
CA TYR A 420 3.63 6.41 -51.81
C TYR A 420 2.15 6.78 -51.84
N PRO A 421 1.84 8.07 -51.85
CA PRO A 421 0.43 8.49 -51.78
C PRO A 421 -0.35 8.19 -53.05
N VAL A 422 -0.24 6.97 -53.54
CA VAL A 422 -0.95 6.53 -54.74
C VAL A 422 -2.27 5.91 -54.31
N ASP A 423 -3.31 6.11 -55.13
CA ASP A 423 -4.59 5.46 -54.89
C ASP A 423 -4.44 3.95 -54.93
N ASP A 424 -4.63 3.29 -53.78
CA ASP A 424 -4.57 1.83 -53.72
C ASP A 424 -5.97 1.22 -53.67
N SER A 425 -6.76 1.55 -54.69
CA SER A 425 -8.12 1.03 -54.84
C SER A 425 -8.19 -0.49 -54.74
N ASN B 2 21.20 23.77 27.36
CA ASN B 2 21.32 23.38 25.95
C ASN B 2 22.68 23.77 25.38
N ARG B 3 23.34 22.83 24.70
CA ARG B 3 24.65 23.08 24.13
C ARG B 3 24.73 22.71 22.65
N ASP B 4 23.60 22.42 22.02
CA ASP B 4 23.62 22.11 20.58
C ASP B 4 23.96 23.36 19.78
N MET B 5 24.68 23.16 18.70
CA MET B 5 25.04 24.30 17.87
C MET B 5 23.77 24.96 17.35
N PRO B 6 23.71 26.30 17.33
CA PRO B 6 22.52 26.96 16.82
C PRO B 6 22.36 26.73 15.32
N LEU B 7 21.14 26.96 14.84
CA LEU B 7 20.79 26.56 13.48
C LEU B 7 21.65 27.29 12.44
N ASP B 8 22.02 28.53 12.69
CA ASP B 8 22.82 29.28 11.73
C ASP B 8 24.32 29.07 11.90
N SER B 9 24.72 27.93 12.46
CA SER B 9 26.13 27.60 12.55
C SER B 9 26.69 27.29 11.16
N ASP B 10 28.00 27.42 11.03
CA ASP B 10 28.64 27.24 9.73
C ASP B 10 28.59 25.80 9.26
N VAL B 11 28.66 24.83 10.18
CA VAL B 11 28.59 23.43 9.77
C VAL B 11 27.17 23.03 9.40
N PHE B 12 26.20 23.91 9.61
CA PHE B 12 24.80 23.70 9.25
C PHE B 12 24.38 24.38 7.95
N ARG B 13 25.21 25.25 7.38
CA ARG B 13 24.70 26.09 6.29
C ARG B 13 24.50 25.28 5.01
N VAL B 14 23.66 25.82 4.12
CA VAL B 14 23.08 25.01 3.04
C VAL B 14 23.91 25.16 1.78
N PRO B 15 24.17 24.07 1.07
CA PRO B 15 24.89 24.14 -0.19
C PRO B 15 24.17 25.05 -1.16
N PRO B 16 24.89 25.96 -1.81
CA PRO B 16 24.23 26.97 -2.64
C PRO B 16 23.91 26.44 -4.03
N GLY B 17 22.98 27.11 -4.67
CA GLY B 17 22.48 26.69 -5.97
C GLY B 17 21.12 26.02 -5.85
N TYR B 18 20.29 26.20 -6.86
CA TYR B 18 18.92 25.70 -6.80
C TYR B 18 18.93 24.19 -6.74
N ASN B 19 18.12 23.63 -5.83
CA ASN B 19 17.99 22.18 -5.63
C ASN B 19 19.35 21.51 -5.45
N ALA B 20 20.31 22.23 -4.86
CA ALA B 20 21.63 21.69 -4.63
C ALA B 20 21.54 20.54 -3.63
N PRO B 21 22.05 19.36 -3.97
CA PRO B 21 22.03 18.25 -3.01
C PRO B 21 22.66 18.66 -1.68
N GLN B 22 22.14 18.09 -0.60
CA GLN B 22 22.70 18.30 0.72
C GLN B 22 22.58 17.00 1.51
N GLN B 23 23.20 16.97 2.67
CA GLN B 23 23.18 15.80 3.55
C GLN B 23 23.66 14.55 2.80
N VAL B 24 24.66 14.71 1.94
CA VAL B 24 25.16 13.57 1.18
C VAL B 24 26.01 12.69 2.09
N HIS B 25 25.67 11.40 2.14
CA HIS B 25 26.42 10.41 2.89
C HIS B 25 26.55 9.14 2.05
N ILE B 26 27.63 8.40 2.27
CA ILE B 26 27.86 7.15 1.58
C ILE B 26 28.08 6.04 2.59
N THR B 27 27.77 4.81 2.18
CA THR B 27 28.05 3.65 3.01
C THR B 27 28.23 2.43 2.10
N GLN B 28 28.90 1.42 2.64
CA GLN B 28 29.17 0.21 1.88
C GLN B 28 27.88 -0.40 1.37
N GLY B 29 27.87 -0.78 0.10
CA GLY B 29 26.63 -1.17 -0.54
C GLY B 29 26.53 -2.66 -0.85
N ASP B 30 27.51 -3.45 -0.42
CA ASP B 30 27.45 -4.90 -0.62
C ASP B 30 28.20 -5.59 0.51
N LEU B 31 28.36 -6.91 0.38
CA LEU B 31 28.99 -7.71 1.41
C LEU B 31 30.51 -7.57 1.41
N VAL B 32 31.14 -7.42 0.25
CA VAL B 32 32.59 -7.48 0.14
C VAL B 32 33.20 -6.15 -0.22
N GLY B 33 32.41 -5.10 -0.38
CA GLY B 33 32.97 -3.77 -0.55
C GLY B 33 33.22 -3.34 -1.97
N ARG B 34 32.56 -3.95 -2.95
CA ARG B 34 32.60 -3.51 -4.34
C ARG B 34 31.43 -2.59 -4.69
N ALA B 35 30.62 -2.22 -3.71
CA ALA B 35 29.48 -1.34 -3.94
C ALA B 35 29.42 -0.27 -2.85
N MET B 36 28.62 0.75 -3.12
CA MET B 36 28.47 1.87 -2.21
C MET B 36 27.08 2.45 -2.39
N ILE B 37 26.43 2.77 -1.29
CA ILE B 37 25.15 3.46 -1.31
C ILE B 37 25.41 4.95 -1.21
N ILE B 38 25.01 5.71 -2.23
CA ILE B 38 25.07 7.16 -2.22
C ILE B 38 23.71 7.70 -1.78
N SER B 39 23.71 8.60 -0.80
CA SER B 39 22.47 9.11 -0.23
C SER B 39 22.57 10.62 -0.07
N TRP B 40 21.54 11.33 -0.49
CA TRP B 40 21.52 12.79 -0.38
C TRP B 40 20.06 13.25 -0.39
N VAL B 41 19.87 14.55 -0.15
CA VAL B 41 18.54 15.13 -0.09
C VAL B 41 18.51 16.37 -0.97
N THR B 42 17.39 16.56 -1.66
CA THR B 42 17.09 17.79 -2.39
C THR B 42 15.89 18.45 -1.73
N MET B 43 15.99 19.75 -1.48
CA MET B 43 14.95 20.47 -0.75
C MET B 43 13.96 21.21 -1.65
N ASP B 44 14.34 21.56 -2.87
CA ASP B 44 13.52 22.45 -3.70
C ASP B 44 12.55 21.69 -4.60
N GLU B 45 12.98 20.56 -5.16
CA GLU B 45 12.09 19.67 -5.91
C GLU B 45 12.73 18.29 -5.95
N PRO B 46 11.93 17.23 -6.28
CA PRO B 46 12.48 15.86 -6.30
C PRO B 46 13.85 15.72 -6.93
N GLY B 47 13.96 16.06 -8.21
CA GLY B 47 15.25 16.03 -8.87
C GLY B 47 15.61 14.63 -9.33
N SER B 48 16.84 14.48 -9.81
CA SER B 48 17.31 13.18 -10.30
C SER B 48 17.91 12.37 -9.16
N SER B 49 17.66 11.06 -9.19
CA SER B 49 18.38 10.13 -8.33
C SER B 49 19.52 9.45 -9.07
N ALA B 50 19.93 10.00 -10.21
CA ALA B 50 21.03 9.43 -10.96
C ALA B 50 22.35 9.94 -10.41
N VAL B 51 23.36 9.08 -10.45
CA VAL B 51 24.68 9.36 -9.90
C VAL B 51 25.72 9.12 -10.98
N ARG B 52 26.47 10.16 -11.33
CA ARG B 52 27.57 10.03 -12.27
C ARG B 52 28.86 9.73 -11.51
N TYR B 53 29.64 8.75 -12.01
CA TYR B 53 30.86 8.34 -11.32
C TYR B 53 31.86 7.75 -12.29
N TRP B 54 33.14 7.87 -11.95
CA TRP B 54 34.23 7.36 -12.77
C TRP B 54 35.48 7.23 -11.91
N SER B 55 36.31 6.24 -12.23
CA SER B 55 37.60 6.12 -11.58
C SER B 55 38.54 7.23 -12.06
N GLU B 56 39.39 7.70 -11.15
CA GLU B 56 40.35 8.74 -11.55
C GLU B 56 41.36 8.21 -12.55
N LYS B 57 41.62 6.90 -12.55
CA LYS B 57 42.58 6.30 -13.46
C LYS B 57 42.05 6.30 -14.89
N ASN B 58 41.27 5.27 -15.24
CA ASN B 58 40.65 5.17 -16.56
C ASN B 58 39.81 6.41 -16.87
N GLY B 59 38.61 6.49 -16.30
CA GLY B 59 37.86 7.72 -16.31
C GLY B 59 36.60 7.74 -17.16
N ARG B 60 36.10 6.60 -17.61
CA ARG B 60 34.82 6.60 -18.31
C ARG B 60 33.71 6.82 -17.30
N LYS B 61 32.93 7.89 -17.51
CA LYS B 61 31.94 8.34 -16.55
C LYS B 61 30.63 7.61 -16.81
N ARG B 62 30.16 6.84 -15.83
CA ARG B 62 28.92 6.08 -15.95
C ARG B 62 27.86 6.63 -15.00
N ILE B 63 26.62 6.18 -15.22
CA ILE B 63 25.47 6.63 -14.45
C ILE B 63 24.92 5.44 -13.67
N ALA B 64 24.49 5.70 -12.43
CA ALA B 64 23.74 4.74 -11.61
C ALA B 64 22.35 5.30 -11.35
N LYS B 65 21.33 4.49 -11.61
CA LYS B 65 19.95 4.89 -11.40
C LYS B 65 19.52 4.51 -9.99
N GLY B 66 18.89 5.44 -9.27
CA GLY B 66 18.51 5.20 -7.89
C GLY B 66 17.05 5.37 -7.56
N LYS B 67 16.75 5.62 -6.29
CA LYS B 67 15.37 5.75 -5.81
C LYS B 67 15.28 6.96 -4.89
N MET B 68 14.13 7.63 -4.93
CA MET B 68 13.84 8.73 -4.02
C MET B 68 12.60 8.44 -3.20
N SER B 69 12.57 9.01 -2.01
CA SER B 69 11.49 8.79 -1.09
C SER B 69 11.26 10.04 -0.26
N THR B 70 10.08 10.11 0.34
CA THR B 70 9.73 11.16 1.28
C THR B 70 9.06 10.51 2.49
N TYR B 71 8.96 11.27 3.57
CA TYR B 71 8.21 10.83 4.75
C TYR B 71 7.71 12.07 5.50
N ARG B 72 6.82 11.83 6.46
CA ARG B 72 6.29 12.87 7.34
C ARG B 72 6.47 12.40 8.78
N PHE B 73 6.83 13.33 9.66
CA PHE B 73 6.87 13.07 11.10
C PHE B 73 6.03 14.14 11.80
N PHE B 74 4.82 13.76 12.21
CA PHE B 74 3.86 14.67 12.85
C PHE B 74 3.63 15.82 11.87
N ASN B 75 3.94 17.07 12.23
CA ASN B 75 3.67 18.21 11.36
C ASN B 75 4.88 18.60 10.52
N TYR B 76 5.93 17.78 10.54
CA TYR B 76 7.08 17.96 9.68
C TYR B 76 6.88 17.16 8.39
N SER B 77 7.29 17.74 7.27
CA SER B 77 7.37 17.06 5.99
C SER B 77 8.82 17.12 5.51
N SER B 78 9.38 15.97 5.16
CA SER B 78 10.77 15.92 4.76
C SER B 78 10.93 16.46 3.34
N GLY B 79 12.18 16.79 3.01
CA GLY B 79 12.53 17.05 1.63
C GLY B 79 12.52 15.76 0.85
N PHE B 80 13.34 15.68 -0.20
CA PHE B 80 13.34 14.55 -1.12
C PHE B 80 14.61 13.76 -0.90
N ILE B 81 14.47 12.61 -0.23
CA ILE B 81 15.59 11.73 0.11
C ILE B 81 15.96 10.87 -1.10
N HIS B 82 17.26 10.78 -1.38
CA HIS B 82 17.76 10.03 -2.52
C HIS B 82 18.69 8.93 -2.04
N HIS B 83 18.53 7.75 -2.61
CA HIS B 83 19.37 6.62 -2.31
C HIS B 83 19.71 5.91 -3.60
N THR B 84 21.00 5.69 -3.85
CA THR B 84 21.46 5.11 -5.10
C THR B 84 22.67 4.24 -4.84
N THR B 85 22.65 3.03 -5.39
CA THR B 85 23.73 2.07 -5.20
C THR B 85 24.59 1.99 -6.46
N ILE B 86 25.89 2.22 -6.29
CA ILE B 86 26.87 2.03 -7.34
C ILE B 86 27.52 0.66 -7.12
N ARG B 87 27.53 -0.16 -8.16
CA ARG B 87 28.03 -1.52 -8.04
C ARG B 87 29.22 -1.77 -8.96
N LYS B 88 29.61 -3.04 -9.03
CA LYS B 88 30.76 -3.59 -9.76
C LYS B 88 32.02 -2.72 -9.74
N LEU B 89 32.23 -1.97 -8.65
CA LEU B 89 33.43 -1.17 -8.49
C LEU B 89 34.67 -2.05 -8.36
N LYS B 90 35.81 -1.44 -8.61
CA LYS B 90 37.09 -2.12 -8.45
C LYS B 90 37.68 -1.76 -7.10
N TYR B 91 38.50 -2.67 -6.58
CA TYR B 91 39.09 -2.51 -5.26
C TYR B 91 40.24 -1.51 -5.28
N ASN B 92 40.44 -0.86 -4.13
CA ASN B 92 41.60 0.01 -3.91
C ASN B 92 41.73 1.04 -5.01
N THR B 93 40.62 1.75 -5.28
CA THR B 93 40.55 2.68 -6.39
C THR B 93 39.86 3.97 -5.93
N LYS B 94 40.43 5.10 -6.31
CA LYS B 94 39.78 6.38 -6.06
C LYS B 94 38.72 6.60 -7.11
N TYR B 95 37.50 6.92 -6.67
CA TYR B 95 36.39 7.21 -7.55
C TYR B 95 35.87 8.61 -7.25
N TYR B 96 35.41 9.29 -8.29
CA TYR B 96 34.66 10.53 -8.17
C TYR B 96 33.19 10.24 -8.41
N TYR B 97 32.32 11.03 -7.77
CA TYR B 97 30.90 10.85 -8.00
C TYR B 97 30.18 12.19 -7.83
N GLU B 98 29.13 12.39 -8.63
CA GLU B 98 28.39 13.64 -8.68
C GLU B 98 26.90 13.37 -8.51
N VAL B 99 26.22 14.26 -7.79
CA VAL B 99 24.78 14.19 -7.60
C VAL B 99 24.20 15.57 -7.89
N GLY B 100 22.88 15.62 -8.07
CA GLY B 100 22.22 16.83 -8.53
C GLY B 100 22.53 17.07 -10.00
N LEU B 101 22.30 16.06 -10.81
CA LEU B 101 22.74 16.10 -12.20
C LEU B 101 21.90 17.08 -13.03
N ARG B 102 20.63 17.27 -12.69
CA ARG B 102 19.73 18.06 -13.53
C ARG B 102 19.79 19.56 -13.25
N ASN B 103 20.18 20.00 -12.05
CA ASN B 103 20.34 21.43 -11.79
C ASN B 103 21.72 21.76 -11.22
N THR B 104 21.86 21.74 -9.89
CA THR B 104 23.11 22.12 -9.24
C THR B 104 23.88 20.86 -8.87
N THR B 105 24.94 20.57 -9.63
CA THR B 105 25.75 19.38 -9.41
C THR B 105 26.80 19.63 -8.32
N ARG B 106 27.14 18.56 -7.59
CA ARG B 106 28.17 18.59 -6.58
C ARG B 106 29.01 17.33 -6.67
N ARG B 107 30.33 17.48 -6.52
CA ARG B 107 31.28 16.40 -6.74
C ARG B 107 31.95 16.00 -5.42
N PHE B 108 32.08 14.70 -5.21
CA PHE B 108 32.80 14.15 -4.06
C PHE B 108 33.61 12.93 -4.55
N SER B 109 34.14 12.16 -3.61
CA SER B 109 34.99 11.04 -3.98
C SER B 109 35.02 10.02 -2.85
N PHE B 110 35.39 8.78 -3.19
CA PHE B 110 35.66 7.77 -2.19
C PHE B 110 36.71 6.81 -2.75
N ILE B 111 37.35 6.08 -1.84
CA ILE B 111 38.36 5.08 -2.18
C ILE B 111 37.84 3.73 -1.73
N THR B 112 37.54 2.85 -2.69
CA THR B 112 37.10 1.50 -2.35
C THR B 112 38.16 0.80 -1.50
N PRO B 113 37.75 -0.03 -0.54
CA PRO B 113 38.73 -0.71 0.32
C PRO B 113 39.52 -1.74 -0.47
N PRO B 114 40.62 -2.24 0.08
CA PRO B 114 41.33 -3.33 -0.58
C PRO B 114 40.49 -4.59 -0.54
N GLN B 115 40.80 -5.51 -1.46
CA GLN B 115 40.10 -6.78 -1.43
C GLN B 115 40.45 -7.53 -0.15
N THR B 116 39.47 -8.31 0.33
CA THR B 116 39.65 -9.00 1.60
C THR B 116 40.80 -10.00 1.50
N GLY B 117 41.70 -9.92 2.49
CA GLY B 117 42.77 -10.88 2.67
C GLY B 117 43.15 -10.88 4.14
N LEU B 118 43.98 -11.84 4.51
CA LEU B 118 44.32 -12.04 5.92
C LEU B 118 45.09 -10.86 6.49
N ASP B 119 46.05 -10.33 5.75
CA ASP B 119 46.96 -9.31 6.27
C ASP B 119 46.62 -7.90 5.81
N VAL B 120 45.49 -7.71 5.16
CA VAL B 120 45.09 -6.41 4.62
C VAL B 120 44.96 -5.40 5.76
N PRO B 121 45.78 -4.35 5.78
CA PRO B 121 45.65 -3.32 6.83
C PRO B 121 44.47 -2.41 6.57
N TYR B 122 43.94 -1.86 7.65
CA TYR B 122 42.78 -0.97 7.53
C TYR B 122 42.55 -0.27 8.86
N THR B 123 42.19 1.02 8.78
CA THR B 123 41.95 1.87 9.94
C THR B 123 40.47 2.18 10.05
N PHE B 124 39.85 1.78 11.16
CA PHE B 124 38.44 2.06 11.42
C PHE B 124 38.34 3.13 12.48
N GLY B 125 37.62 4.21 12.18
CA GLY B 125 37.23 5.13 13.22
C GLY B 125 36.04 4.61 14.00
N LEU B 126 36.01 4.94 15.29
CA LEU B 126 34.93 4.50 16.17
C LEU B 126 34.28 5.72 16.78
N ILE B 127 33.03 5.98 16.37
CA ILE B 127 32.27 7.11 16.86
C ILE B 127 30.92 6.60 17.35
N GLY B 128 30.45 7.15 18.46
CA GLY B 128 29.15 6.79 18.99
C GLY B 128 28.50 7.92 19.77
N ASP B 129 27.19 8.08 19.62
CA ASP B 129 26.43 9.11 20.33
C ASP B 129 26.89 10.50 19.94
N LEU B 130 27.03 10.73 18.64
CA LEU B 130 27.59 11.98 18.15
C LEU B 130 26.72 13.18 18.53
N GLY B 131 25.50 13.22 18.02
CA GLY B 131 24.71 14.42 18.22
C GLY B 131 25.25 15.62 17.43
N GLN B 132 24.86 16.81 17.87
CA GLN B 132 25.24 18.05 17.21
C GLN B 132 25.50 19.13 18.27
N SER B 133 26.32 18.80 19.26
CA SER B 133 26.83 19.76 20.22
C SER B 133 28.15 20.35 19.72
N PHE B 134 28.63 21.38 20.42
CA PHE B 134 30.00 21.83 20.17
C PHE B 134 30.99 20.73 20.50
N ASP B 135 30.68 19.91 21.51
CA ASP B 135 31.49 18.72 21.76
C ASP B 135 31.51 17.81 20.54
N SER B 136 30.35 17.64 19.90
CA SER B 136 30.29 16.80 18.71
C SER B 136 31.25 17.29 17.63
N ASN B 137 31.24 18.61 17.38
CA ASN B 137 32.09 19.16 16.34
C ASN B 137 33.57 18.92 16.64
N THR B 138 33.98 19.09 17.90
CA THR B 138 35.36 18.83 18.28
C THR B 138 35.76 17.40 17.95
N THR B 139 34.89 16.44 18.26
CA THR B 139 35.20 15.03 18.00
C THR B 139 35.33 14.76 16.51
N LEU B 140 34.43 15.31 15.71
CA LEU B 140 34.53 15.17 14.26
C LEU B 140 35.85 15.75 13.76
N SER B 141 36.20 16.95 14.23
CA SER B 141 37.47 17.57 13.84
C SER B 141 38.65 16.73 14.31
N HIS B 142 38.58 16.15 15.51
CA HIS B 142 39.68 15.30 15.97
C HIS B 142 39.77 14.03 15.15
N TYR B 143 38.65 13.54 14.64
CA TYR B 143 38.72 12.31 13.85
C TYR B 143 39.33 12.56 12.47
N GLU B 144 39.01 13.69 11.84
CA GLU B 144 39.49 13.93 10.49
C GLU B 144 40.87 14.55 10.46
N LEU B 145 41.34 15.10 11.58
CA LEU B 145 42.72 15.54 11.69
C LEU B 145 43.61 14.45 12.26
N SER B 146 43.08 13.26 12.47
CA SER B 146 43.84 12.20 13.10
C SER B 146 45.05 11.82 12.25
N PRO B 147 46.25 11.73 12.82
CA PRO B 147 47.42 11.34 12.03
C PRO B 147 47.40 9.91 11.53
N LYS B 148 46.61 9.02 12.11
CA LYS B 148 46.56 7.65 11.61
C LYS B 148 45.50 7.46 10.53
N LYS B 149 44.74 8.50 10.19
CA LYS B 149 43.82 8.55 9.06
C LYS B 149 42.88 7.34 8.99
N GLY B 150 41.67 7.50 9.51
CA GLY B 150 40.68 6.45 9.38
C GLY B 150 40.12 6.40 7.97
N GLN B 151 39.73 5.19 7.55
CA GLN B 151 39.20 4.96 6.22
C GLN B 151 37.75 4.53 6.22
N THR B 152 37.14 4.36 7.39
CA THR B 152 35.74 3.97 7.56
C THR B 152 35.38 4.19 9.01
N VAL B 153 34.17 4.67 9.27
CA VAL B 153 33.69 4.93 10.63
C VAL B 153 32.60 3.91 10.94
N LEU B 154 32.89 3.02 11.89
CA LEU B 154 31.84 2.19 12.47
C LEU B 154 31.12 3.03 13.53
N PHE B 155 29.85 3.32 13.29
CA PHE B 155 29.08 4.24 14.12
C PHE B 155 28.12 3.42 14.96
N VAL B 156 28.22 3.53 16.29
CA VAL B 156 27.55 2.59 17.19
C VAL B 156 26.24 3.15 17.76
N GLY B 157 25.61 4.11 17.08
CA GLY B 157 24.26 4.49 17.41
C GLY B 157 24.18 5.89 18.01
N ASP B 158 22.93 6.37 18.08
CA ASP B 158 22.61 7.72 18.53
C ASP B 158 23.25 8.77 17.62
N LEU B 159 22.48 9.27 16.65
CA LEU B 159 23.05 10.06 15.57
C LEU B 159 22.82 11.56 15.75
N SER B 160 21.57 12.01 15.60
CA SER B 160 21.26 13.43 15.58
C SER B 160 20.63 13.95 16.87
N TYR B 161 20.01 13.09 17.66
CA TYR B 161 19.24 13.49 18.85
C TYR B 161 18.13 14.47 18.49
N ALA B 162 17.56 14.34 17.30
CA ALA B 162 16.41 15.15 16.96
C ALA B 162 15.21 14.83 17.83
N ASP B 163 15.12 13.60 18.36
CA ASP B 163 13.98 13.23 19.20
C ASP B 163 13.92 14.02 20.51
N ARG B 164 14.94 14.81 20.84
CA ARG B 164 14.91 15.65 22.03
C ARG B 164 14.30 17.03 21.77
N TYR B 165 14.20 17.46 20.51
CA TYR B 165 13.56 18.72 20.21
C TYR B 165 12.04 18.54 20.22
N PRO B 166 11.28 19.62 20.32
CA PRO B 166 9.81 19.49 20.36
C PRO B 166 9.29 18.73 19.15
N ASN B 167 8.39 17.77 19.41
CA ASN B 167 7.83 16.93 18.36
C ASN B 167 8.91 16.23 17.55
N HIS B 168 10.08 16.05 18.17
CA HIS B 168 11.23 15.40 17.55
C HIS B 168 11.75 16.17 16.34
N ASP B 169 11.64 17.51 16.40
CA ASP B 169 11.81 18.41 15.24
C ASP B 169 12.80 17.85 14.22
N ASN B 170 12.26 17.21 13.18
CA ASN B 170 13.12 16.50 12.24
C ASN B 170 14.01 17.43 11.44
N VAL B 171 13.82 18.74 11.54
CA VAL B 171 14.80 19.64 10.94
C VAL B 171 16.17 19.38 11.54
N ARG B 172 16.23 18.97 12.80
CA ARG B 172 17.55 18.70 13.36
C ARG B 172 18.11 17.35 12.92
N TRP B 173 17.34 16.52 12.21
CA TRP B 173 17.94 15.50 11.37
C TRP B 173 18.62 16.13 10.16
N ASP B 174 17.92 17.05 9.50
CA ASP B 174 18.47 17.69 8.31
C ASP B 174 19.79 18.40 8.63
N THR B 175 19.84 19.12 9.74
CA THR B 175 21.06 19.83 10.13
C THR B 175 22.21 18.84 10.38
N TRP B 176 21.93 17.74 11.08
CA TRP B 176 22.97 16.74 11.37
C TRP B 176 23.54 16.12 10.09
N GLY B 177 22.75 16.04 9.02
CA GLY B 177 23.28 15.53 7.76
C GLY B 177 24.25 16.50 7.11
N ARG B 178 23.89 17.78 7.07
CA ARG B 178 24.82 18.78 6.55
C ARG B 178 26.07 18.85 7.41
N PHE B 179 25.93 18.69 8.72
CA PHE B 179 27.07 18.80 9.61
C PHE B 179 28.06 17.67 9.37
N THR B 180 27.57 16.42 9.35
CA THR B 180 28.45 15.26 9.23
C THR B 180 28.82 14.95 7.79
N GLU B 181 28.53 15.86 6.87
CA GLU B 181 28.76 15.59 5.45
C GLU B 181 30.24 15.64 5.09
N ARG B 182 31.01 16.51 5.74
CA ARG B 182 32.42 16.66 5.41
C ARG B 182 33.24 15.42 5.69
N SER B 183 32.66 14.40 6.31
CA SER B 183 33.35 13.15 6.55
C SER B 183 32.67 11.98 5.83
N VAL B 184 31.35 11.84 5.96
CA VAL B 184 30.66 10.67 5.44
C VAL B 184 30.34 10.77 3.96
N ALA B 185 30.50 11.96 3.35
CA ALA B 185 30.43 12.06 1.90
C ALA B 185 31.69 11.57 1.23
N TYR B 186 32.81 11.51 1.96
CA TYR B 186 34.08 11.09 1.38
C TYR B 186 34.54 9.72 1.86
N GLN B 187 33.95 9.18 2.93
CA GLN B 187 34.27 7.86 3.44
C GLN B 187 33.01 7.24 4.01
N PRO B 188 32.87 5.92 3.94
CA PRO B 188 31.63 5.28 4.42
C PRO B 188 31.59 5.22 5.94
N TRP B 189 30.46 5.60 6.51
CA TRP B 189 30.15 5.32 7.92
C TRP B 189 29.22 4.12 7.98
N ILE B 190 29.45 3.22 8.93
CA ILE B 190 28.67 1.99 9.08
C ILE B 190 27.69 2.16 10.24
N TRP B 191 26.40 1.99 9.96
CA TRP B 191 25.33 2.49 10.81
C TRP B 191 24.82 1.41 11.78
N THR B 192 24.70 1.78 13.05
CA THR B 192 24.01 1.02 14.06
C THR B 192 22.86 1.86 14.61
N ALA B 193 21.70 1.23 14.77
CA ALA B 193 20.54 1.93 15.34
C ALA B 193 20.68 2.00 16.86
N GLY B 194 20.68 3.23 17.40
CA GLY B 194 20.72 3.45 18.83
C GLY B 194 19.33 3.70 19.40
N ASN B 195 19.30 4.11 20.67
CA ASN B 195 18.00 4.31 21.31
C ASN B 195 17.36 5.63 20.92
N HIS B 196 18.16 6.64 20.53
CA HIS B 196 17.61 7.89 20.04
C HIS B 196 17.15 7.80 18.60
N GLU B 197 17.25 6.63 17.96
CA GLU B 197 16.68 6.41 16.64
C GLU B 197 15.33 5.74 16.68
N ILE B 198 14.94 5.14 17.82
CA ILE B 198 13.63 4.51 17.94
C ILE B 198 12.52 5.51 17.60
N GLU B 199 12.47 6.62 18.33
CA GLU B 199 11.51 7.70 18.12
C GLU B 199 10.08 7.14 18.07
N PHE B 200 9.78 6.31 19.05
CA PHE B 200 8.43 5.79 19.25
C PHE B 200 7.67 6.82 20.07
N ALA B 201 6.72 7.51 19.44
CA ALA B 201 6.03 8.66 20.03
C ALA B 201 4.53 8.53 19.77
N PRO B 202 3.86 7.60 20.46
CA PRO B 202 2.42 7.42 20.22
C PRO B 202 1.59 8.64 20.59
N GLU B 203 2.09 9.52 21.45
CA GLU B 203 1.33 10.72 21.82
C GLU B 203 1.15 11.68 20.65
N ILE B 204 1.98 11.57 19.62
CA ILE B 204 1.78 12.32 18.40
C ILE B 204 1.64 11.32 17.25
N ASN B 205 1.17 10.11 17.57
CA ASN B 205 0.99 9.02 16.61
C ASN B 205 2.22 8.92 15.70
N GLU B 206 3.40 8.86 16.31
CA GLU B 206 4.56 8.43 15.53
C GLU B 206 5.00 7.15 16.22
N THR B 207 4.44 6.04 15.75
CA THR B 207 4.56 4.75 16.41
C THR B 207 5.34 3.72 15.60
N GLU B 208 5.87 4.07 14.43
CA GLU B 208 6.65 3.13 13.64
C GLU B 208 8.13 3.26 14.00
N PRO B 209 8.71 2.35 14.76
CA PRO B 209 10.07 2.55 15.27
C PRO B 209 11.08 2.71 14.15
N PHE B 210 12.01 3.66 14.35
CA PHE B 210 13.16 3.95 13.50
C PHE B 210 12.77 4.56 12.17
N LYS B 211 11.53 5.04 12.02
CA LYS B 211 11.01 5.56 10.77
C LYS B 211 11.92 6.65 10.16
N PRO B 212 12.22 7.75 10.88
CA PRO B 212 13.08 8.78 10.25
C PRO B 212 14.50 8.29 9.99
N PHE B 213 15.09 7.55 10.92
CA PHE B 213 16.43 7.03 10.73
C PHE B 213 16.49 6.05 9.56
N SER B 214 15.46 5.19 9.42
CA SER B 214 15.46 4.21 8.35
C SER B 214 15.16 4.82 6.99
N TYR B 215 14.48 5.98 6.96
CA TYR B 215 14.31 6.68 5.69
C TYR B 215 15.60 7.34 5.25
N ARG B 216 16.33 7.96 6.19
CA ARG B 216 17.49 8.78 5.82
C ARG B 216 18.74 7.95 5.61
N TYR B 217 18.88 6.86 6.36
CA TYR B 217 20.12 6.08 6.38
C TYR B 217 19.78 4.65 6.02
N HIS B 218 20.09 4.27 4.78
CA HIS B 218 19.88 2.92 4.31
C HIS B 218 21.16 2.11 4.45
N VAL B 219 21.03 0.80 4.32
CA VAL B 219 22.07 -0.11 4.80
C VAL B 219 21.96 -1.44 4.05
N PRO B 220 23.09 -2.09 3.68
CA PRO B 220 23.05 -3.22 2.72
C PRO B 220 22.69 -4.54 3.38
N TYR B 221 21.51 -4.61 3.99
CA TYR B 221 21.24 -5.70 4.90
C TYR B 221 20.88 -6.99 4.16
N GLU B 222 20.37 -6.88 2.92
CA GLU B 222 20.08 -8.08 2.13
C GLU B 222 21.36 -8.82 1.73
N ALA B 223 22.49 -8.11 1.60
CA ALA B 223 23.76 -8.74 1.22
C ALA B 223 24.14 -9.87 2.16
N SER B 224 23.69 -9.82 3.41
CA SER B 224 23.95 -10.87 4.40
C SER B 224 22.67 -11.64 4.75
N GLN B 225 21.70 -11.65 3.84
CA GLN B 225 20.45 -12.40 4.02
C GLN B 225 19.69 -11.94 5.27
N SER B 226 19.77 -10.66 5.57
CA SER B 226 18.95 -10.11 6.65
C SER B 226 17.57 -9.76 6.10
N THR B 227 16.57 -9.77 6.99
CA THR B 227 15.23 -9.32 6.69
C THR B 227 14.93 -7.96 7.32
N SER B 228 15.94 -7.24 7.81
CA SER B 228 15.69 -5.95 8.42
C SER B 228 16.94 -5.11 8.32
N PRO B 229 16.82 -3.79 8.09
CA PRO B 229 18.03 -2.95 8.08
C PRO B 229 18.73 -2.84 9.41
N PHE B 230 18.09 -3.22 10.51
CA PHE B 230 18.62 -2.94 11.82
C PHE B 230 19.63 -3.97 12.30
N TRP B 231 19.81 -5.07 11.57
CA TRP B 231 20.91 -5.99 11.83
C TRP B 231 21.34 -6.54 10.49
N TYR B 232 22.65 -6.71 10.33
CA TYR B 232 23.24 -7.11 9.05
C TYR B 232 24.74 -7.34 9.29
N SER B 233 25.45 -7.61 8.20
N SER B 233 25.45 -7.61 8.20
CA SER B 233 26.89 -7.80 8.27
CA SER B 233 26.89 -7.81 8.28
C SER B 233 27.52 -7.29 6.99
C SER B 233 27.53 -7.31 6.99
N ILE B 234 28.79 -6.89 7.09
CA ILE B 234 29.57 -6.45 5.95
C ILE B 234 31.00 -6.95 6.14
N LYS B 235 31.63 -7.35 5.04
CA LYS B 235 33.07 -7.63 5.02
C LYS B 235 33.80 -6.47 4.37
N ARG B 236 34.94 -6.11 4.93
CA ARG B 236 35.67 -4.94 4.48
C ARG B 236 37.13 -5.11 4.89
N ALA B 237 38.02 -5.21 3.91
CA ALA B 237 39.46 -5.42 4.14
C ALA B 237 39.57 -6.73 4.92
N SER B 238 40.35 -6.80 6.00
CA SER B 238 40.57 -8.04 6.73
C SER B 238 39.58 -8.23 7.88
N ALA B 239 38.38 -7.68 7.78
CA ALA B 239 37.44 -7.68 8.90
C ALA B 239 36.06 -8.19 8.47
N HIS B 240 35.39 -8.85 9.40
CA HIS B 240 34.00 -9.26 9.26
C HIS B 240 33.22 -8.55 10.36
N ILE B 241 32.34 -7.63 9.97
CA ILE B 241 31.62 -6.76 10.89
C ILE B 241 30.18 -7.22 10.99
N ILE B 242 29.65 -7.25 12.22
CA ILE B 242 28.29 -7.67 12.50
C ILE B 242 27.59 -6.57 13.29
N VAL B 243 26.54 -5.99 12.72
CA VAL B 243 25.80 -4.90 13.35
C VAL B 243 24.49 -5.45 13.91
N LEU B 244 24.24 -5.18 15.19
CA LEU B 244 23.08 -5.68 15.89
C LEU B 244 22.21 -4.54 16.39
N SER B 245 20.93 -4.87 16.62
CA SER B 245 19.92 -3.89 17.02
C SER B 245 19.56 -4.15 18.47
N SER B 246 20.09 -3.29 19.36
CA SER B 246 19.79 -3.39 20.78
C SER B 246 18.31 -3.21 21.07
N TYR B 247 17.55 -2.60 20.16
CA TYR B 247 16.16 -2.26 20.41
C TYR B 247 15.25 -2.92 19.39
N SER B 248 15.65 -4.09 18.93
CA SER B 248 14.80 -5.00 18.18
C SER B 248 14.75 -6.33 18.93
N ALA B 249 13.77 -7.15 18.58
CA ALA B 249 13.61 -8.45 19.22
C ALA B 249 14.84 -9.31 18.99
N TYR B 250 15.35 -9.91 20.06
CA TYR B 250 16.44 -10.87 19.95
C TYR B 250 16.15 -12.16 20.70
N GLY B 251 14.88 -12.45 20.98
CA GLY B 251 14.53 -13.68 21.66
C GLY B 251 14.71 -14.89 20.77
N ARG B 252 14.85 -16.05 21.41
CA ARG B 252 15.06 -17.30 20.67
C ARG B 252 13.91 -17.54 19.68
N GLY B 253 14.26 -17.73 18.41
CA GLY B 253 13.25 -17.91 17.39
C GLY B 253 12.85 -16.66 16.65
N THR B 254 13.35 -15.48 17.07
CA THR B 254 13.05 -14.22 16.41
C THR B 254 13.98 -14.01 15.22
N PRO B 255 13.62 -13.11 14.31
CA PRO B 255 14.51 -12.83 13.16
C PRO B 255 15.96 -12.50 13.52
N GLN B 256 16.20 -11.51 14.38
CA GLN B 256 17.58 -11.11 14.68
C GLN B 256 18.33 -12.25 15.36
N TYR B 257 17.70 -12.89 16.36
CA TYR B 257 18.28 -14.08 16.99
C TYR B 257 18.61 -15.15 15.96
N THR B 258 17.62 -15.53 15.14
CA THR B 258 17.83 -16.53 14.10
C THR B 258 18.93 -16.10 13.12
N TRP B 259 18.96 -14.81 12.75
CA TRP B 259 19.93 -14.35 11.76
C TRP B 259 21.35 -14.40 12.31
N LEU B 260 21.53 -14.04 13.59
CA LEU B 260 22.87 -13.93 14.14
C LEU B 260 23.55 -15.29 14.27
N LYS B 261 22.82 -16.29 14.78
CA LYS B 261 23.47 -17.58 15.01
C LYS B 261 23.89 -18.23 13.70
N LYS B 262 23.18 -17.96 12.59
CA LYS B 262 23.59 -18.50 11.29
C LYS B 262 24.66 -17.66 10.61
N GLU B 263 24.71 -16.37 10.91
CA GLU B 263 25.80 -15.55 10.39
C GLU B 263 27.12 -15.94 11.06
N LEU B 264 27.08 -16.24 12.36
CA LEU B 264 28.30 -16.65 13.05
C LEU B 264 28.85 -17.94 12.47
N ARG B 265 27.98 -18.86 12.05
CA ARG B 265 28.46 -20.09 11.43
C ARG B 265 29.12 -19.81 10.07
N LYS B 266 28.73 -18.71 9.42
CA LYS B 266 29.28 -18.37 8.11
C LYS B 266 30.67 -17.74 8.17
N VAL B 267 31.07 -17.21 9.34
CA VAL B 267 32.34 -16.51 9.45
C VAL B 267 33.50 -17.48 9.22
N LYS B 268 34.37 -17.14 8.30
CA LYS B 268 35.58 -17.91 8.03
C LYS B 268 36.76 -17.06 8.49
N ARG B 269 37.30 -17.36 9.67
CA ARG B 269 38.38 -16.56 10.23
C ARG B 269 39.67 -16.71 9.42
N SER B 270 39.84 -17.86 8.74
CA SER B 270 40.97 -18.03 7.86
C SER B 270 40.88 -17.20 6.60
N GLU B 271 39.79 -16.45 6.39
CA GLU B 271 39.71 -15.48 5.31
C GLU B 271 39.52 -14.05 5.78
N THR B 272 38.69 -13.81 6.79
CA THR B 272 38.62 -12.52 7.48
C THR B 272 39.08 -12.73 8.92
N PRO B 273 40.32 -12.35 9.27
CA PRO B 273 40.81 -12.65 10.62
C PRO B 273 40.06 -11.94 11.74
N TRP B 274 39.64 -10.70 11.52
CA TRP B 274 39.10 -9.85 12.57
C TRP B 274 37.57 -9.89 12.57
N LEU B 275 37.01 -10.22 13.73
CA LEU B 275 35.55 -10.27 13.91
C LEU B 275 35.15 -9.15 14.85
N ILE B 276 34.42 -8.17 14.31
CA ILE B 276 33.96 -7.00 15.05
C ILE B 276 32.43 -7.02 15.11
N VAL B 277 31.89 -6.69 16.29
CA VAL B 277 30.45 -6.68 16.54
C VAL B 277 30.06 -5.33 17.10
N LEU B 278 29.00 -4.74 16.54
CA LEU B 278 28.55 -3.41 16.91
C LEU B 278 27.12 -3.49 17.43
N MET B 279 26.88 -2.85 18.58
CA MET B 279 25.56 -2.67 19.15
C MET B 279 25.55 -1.33 19.85
N HIS B 280 24.36 -0.83 20.18
CA HIS B 280 24.33 0.46 20.86
C HIS B 280 24.51 0.32 22.37
N SER B 281 23.74 -0.57 23.00
CA SER B 281 23.77 -0.72 24.46
C SER B 281 24.82 -1.76 24.85
N PRO B 282 25.80 -1.41 25.69
CA PRO B 282 26.91 -2.32 25.98
C PRO B 282 26.53 -3.45 26.93
N LEU B 283 27.17 -4.59 26.70
CA LEU B 283 26.99 -5.75 27.58
C LEU B 283 27.80 -5.64 28.85
N TYR B 284 28.88 -4.85 28.84
CA TYR B 284 29.69 -4.61 30.03
C TYR B 284 29.79 -3.11 30.22
N ASN B 285 29.45 -2.64 31.41
CA ASN B 285 29.30 -1.21 31.65
C ASN B 285 29.29 -0.98 33.15
N SER B 286 30.42 -0.50 33.68
CA SER B 286 30.52 -0.17 35.10
C SER B 286 30.23 1.29 35.37
N TYR B 287 29.68 2.01 34.39
CA TYR B 287 29.12 3.34 34.61
C TYR B 287 27.69 3.22 35.09
N ASN B 288 27.30 4.13 36.00
CA ASN B 288 25.97 4.05 36.59
C ASN B 288 24.87 4.34 35.58
N HIS B 289 25.11 5.28 34.66
CA HIS B 289 24.16 5.58 33.60
C HIS B 289 23.89 4.34 32.78
N HIS B 290 22.60 3.96 32.68
CA HIS B 290 22.18 2.76 31.97
C HIS B 290 22.83 1.51 32.54
N PHE B 291 23.08 1.48 33.85
CA PHE B 291 23.76 0.34 34.43
C PHE B 291 22.96 -0.94 34.23
N MET B 292 23.63 -1.97 33.73
CA MET B 292 23.08 -3.31 33.54
C MET B 292 21.94 -3.33 32.54
N GLU B 293 21.84 -2.31 31.70
CA GLU B 293 20.83 -2.31 30.64
C GLU B 293 21.14 -3.36 29.58
N GLY B 294 22.41 -3.71 29.40
CA GLY B 294 22.80 -4.69 28.41
C GLY B 294 22.74 -6.12 28.88
N GLU B 295 22.08 -6.37 30.01
CA GLU B 295 22.05 -7.71 30.56
C GLU B 295 21.19 -8.65 29.71
N ALA B 296 20.02 -8.20 29.27
CA ALA B 296 19.09 -9.08 28.57
C ALA B 296 19.70 -9.62 27.28
N MET B 297 20.50 -8.80 26.59
CA MET B 297 21.18 -9.29 25.40
C MET B 297 22.36 -10.18 25.77
N ARG B 298 23.11 -9.79 26.81
CA ARG B 298 24.23 -10.62 27.24
C ARG B 298 23.78 -12.05 27.52
N THR B 299 22.58 -12.22 28.13
CA THR B 299 22.12 -13.56 28.48
C THR B 299 21.97 -14.44 27.24
N LYS B 300 21.72 -13.84 26.08
CA LYS B 300 21.46 -14.58 24.85
C LYS B 300 22.68 -14.71 23.93
N PHE B 301 23.50 -13.67 23.83
CA PHE B 301 24.57 -13.62 22.85
C PHE B 301 25.97 -13.78 23.44
N GLU B 302 26.16 -13.61 24.76
CA GLU B 302 27.52 -13.63 25.31
C GLU B 302 28.22 -14.94 25.03
N ALA B 303 27.54 -16.07 25.23
CA ALA B 303 28.17 -17.35 24.96
C ALA B 303 28.49 -17.52 23.48
N TRP B 304 27.66 -16.95 22.60
CA TRP B 304 27.96 -16.98 21.16
C TRP B 304 29.23 -16.21 20.83
N PHE B 305 29.39 -15.01 21.41
CA PHE B 305 30.61 -14.24 21.19
C PHE B 305 31.85 -15.01 21.62
N VAL B 306 31.76 -15.75 22.74
CA VAL B 306 32.93 -16.47 23.24
C VAL B 306 33.20 -17.72 22.40
N LYS B 307 32.15 -18.44 22.01
CA LYS B 307 32.36 -19.66 21.24
C LYS B 307 32.92 -19.36 19.86
N TYR B 308 32.43 -18.32 19.20
CA TYR B 308 32.97 -17.91 17.92
C TYR B 308 34.13 -16.93 18.07
N LYS B 309 34.52 -16.64 19.30
CA LYS B 309 35.72 -15.87 19.64
C LYS B 309 35.77 -14.52 18.93
N VAL B 310 34.72 -13.73 19.15
CA VAL B 310 34.70 -12.36 18.65
C VAL B 310 35.92 -11.59 19.15
N ASP B 311 36.49 -10.74 18.30
CA ASP B 311 37.67 -9.99 18.68
C ASP B 311 37.33 -8.79 19.56
N VAL B 312 36.31 -8.02 19.20
CA VAL B 312 35.96 -6.82 19.95
C VAL B 312 34.49 -6.49 19.73
N VAL B 313 33.83 -6.04 20.80
CA VAL B 313 32.44 -5.60 20.74
C VAL B 313 32.41 -4.11 21.07
N PHE B 314 31.96 -3.29 20.12
CA PHE B 314 31.87 -1.84 20.30
C PHE B 314 30.42 -1.41 20.54
N ALA B 315 30.25 -0.51 21.52
CA ALA B 315 28.91 -0.03 21.88
C ALA B 315 28.97 1.45 22.23
N GLY B 316 27.81 2.00 22.59
CA GLY B 316 27.72 3.36 23.06
C GLY B 316 26.77 3.51 24.22
N HIS B 317 25.66 4.24 24.02
CA HIS B 317 24.60 4.44 25.01
C HIS B 317 25.10 5.19 26.23
N VAL B 318 26.13 4.66 26.89
CA VAL B 318 26.80 5.38 27.98
C VAL B 318 27.68 6.46 27.36
N HIS B 319 27.59 7.67 27.90
CA HIS B 319 28.31 8.81 27.32
C HIS B 319 29.70 8.97 27.96
N ALA B 320 30.54 7.96 27.76
CA ALA B 320 31.90 7.96 28.28
C ALA B 320 32.67 6.85 27.59
N TYR B 321 33.91 6.65 28.01
CA TYR B 321 34.79 5.64 27.44
C TYR B 321 35.10 4.56 28.48
N GLU B 322 35.27 3.33 27.99
CA GLU B 322 35.60 2.21 28.87
C GLU B 322 36.09 1.05 28.03
N ARG B 323 37.21 0.47 28.44
CA ARG B 323 37.73 -0.76 27.85
C ARG B 323 37.68 -1.84 28.91
N SER B 324 37.23 -3.02 28.53
CA SER B 324 37.08 -4.12 29.47
C SER B 324 38.23 -5.11 29.30
N GLU B 325 38.44 -5.92 30.35
CA GLU B 325 39.26 -7.10 30.21
C GLU B 325 38.49 -8.15 29.41
N ARG B 326 39.22 -9.13 28.88
CA ARG B 326 38.57 -10.27 28.24
C ARG B 326 37.96 -11.14 29.34
N VAL B 327 36.65 -11.02 29.54
CA VAL B 327 35.95 -11.80 30.55
C VAL B 327 34.68 -12.39 29.95
N SER B 328 34.18 -13.43 30.62
CA SER B 328 32.91 -14.06 30.28
C SER B 328 32.16 -14.35 31.56
N ASN B 329 30.83 -14.34 31.45
CA ASN B 329 29.93 -14.64 32.55
C ASN B 329 28.82 -15.56 32.02
N ILE B 330 29.22 -16.74 31.57
CA ILE B 330 28.36 -17.64 30.82
C ILE B 330 28.11 -18.95 31.56
N ALA B 331 28.39 -19.00 32.86
CA ALA B 331 28.25 -20.21 33.65
C ALA B 331 27.09 -20.15 34.63
N TYR B 332 26.32 -19.07 34.64
CA TYR B 332 25.25 -18.89 35.61
C TYR B 332 24.12 -19.90 35.39
N LYS B 333 23.59 -20.43 36.49
CA LYS B 333 22.54 -21.44 36.43
C LYS B 333 21.52 -21.24 37.54
N ILE B 334 21.11 -19.98 37.74
CA ILE B 334 20.07 -19.57 38.67
C ILE B 334 20.47 -19.80 40.12
N THR B 335 20.78 -21.05 40.47
CA THR B 335 21.00 -21.43 41.86
C THR B 335 22.45 -21.78 42.19
N ASN B 336 23.34 -21.84 41.20
CA ASN B 336 24.70 -22.30 41.46
C ASN B 336 25.62 -21.21 42.00
N GLY B 337 25.22 -19.94 41.93
CA GLY B 337 26.06 -18.86 42.40
C GLY B 337 27.23 -18.51 41.50
N LEU B 338 27.32 -19.11 40.31
CA LEU B 338 28.42 -18.81 39.38
C LEU B 338 28.05 -17.58 38.55
N CYS B 339 28.13 -16.40 39.19
CA CYS B 339 27.64 -15.16 38.60
C CYS B 339 28.66 -14.02 38.63
N THR B 340 29.95 -14.33 38.71
CA THR B 340 30.96 -13.28 38.62
C THR B 340 31.71 -13.42 37.31
N PRO B 341 31.96 -12.32 36.59
CA PRO B 341 32.82 -12.40 35.39
C PRO B 341 34.22 -12.87 35.75
N VAL B 342 34.70 -13.86 35.00
CA VAL B 342 36.04 -14.39 35.16
C VAL B 342 36.84 -14.12 33.90
N LYS B 343 38.16 -14.05 34.06
CA LYS B 343 39.05 -13.93 32.91
C LYS B 343 38.73 -15.03 31.91
N ASP B 344 38.79 -14.68 30.62
CA ASP B 344 38.48 -15.65 29.56
C ASP B 344 39.17 -15.16 28.28
N GLN B 345 40.28 -15.84 27.92
CA GLN B 345 41.00 -15.49 26.71
C GLN B 345 40.23 -15.83 25.45
N SER B 346 39.14 -16.60 25.57
CA SER B 346 38.25 -16.84 24.44
C SER B 346 37.23 -15.73 24.22
N ALA B 347 37.14 -14.75 25.14
CA ALA B 347 36.10 -13.73 25.10
C ALA B 347 36.59 -12.50 24.33
N PRO B 348 35.66 -11.69 23.81
CA PRO B 348 36.06 -10.43 23.20
C PRO B 348 36.39 -9.38 24.25
N VAL B 349 36.93 -8.27 23.77
CA VAL B 349 37.09 -7.05 24.57
C VAL B 349 35.89 -6.15 24.30
N TYR B 350 35.33 -5.57 25.36
CA TYR B 350 34.15 -4.70 25.26
C TYR B 350 34.60 -3.26 25.44
N ILE B 351 34.40 -2.45 24.40
CA ILE B 351 34.68 -1.02 24.44
C ILE B 351 33.37 -0.25 24.39
N THR B 352 33.19 0.67 25.33
CA THR B 352 32.14 1.68 25.25
C THR B 352 32.76 2.96 24.70
N ILE B 353 32.15 3.51 23.65
CA ILE B 353 32.77 4.60 22.90
C ILE B 353 31.73 5.66 22.57
N GLY B 354 30.75 5.82 23.46
CA GLY B 354 29.65 6.74 23.22
C GLY B 354 29.86 8.14 23.76
N ASP B 355 31.08 8.64 23.64
CA ASP B 355 31.47 9.96 24.14
C ASP B 355 31.81 10.92 23.00
N ALA B 356 31.14 10.80 21.86
CA ALA B 356 31.45 11.68 20.74
C ALA B 356 30.93 13.10 20.93
N GLY B 357 30.06 13.33 21.90
CA GLY B 357 29.59 14.68 22.18
C GLY B 357 28.14 14.75 22.61
N ASN B 358 27.29 13.89 22.03
CA ASN B 358 25.83 13.94 22.16
C ASN B 358 25.35 15.38 22.25
N TYR B 359 24.49 15.68 23.21
CA TYR B 359 24.02 17.04 23.46
C TYR B 359 24.87 17.78 24.50
N GLY B 360 26.08 17.30 24.75
CA GLY B 360 27.04 18.02 25.58
C GLY B 360 27.12 17.61 27.04
N VAL B 361 26.63 16.44 27.42
CA VAL B 361 26.78 15.97 28.78
C VAL B 361 27.54 14.64 28.78
N ILE B 362 28.36 14.43 29.80
CA ILE B 362 29.25 13.29 29.89
C ILE B 362 28.86 12.48 31.13
N ASP B 363 29.11 11.17 31.07
CA ASP B 363 28.73 10.24 32.14
C ASP B 363 29.93 10.01 33.06
N SER B 364 29.89 10.63 34.24
CA SER B 364 31.01 10.57 35.15
C SER B 364 30.70 9.86 36.47
N ASN B 365 29.46 9.41 36.68
CA ASN B 365 29.08 8.68 37.89
C ASN B 365 29.40 7.21 37.65
N MET B 366 30.61 6.82 38.03
CA MET B 366 31.05 5.44 37.88
C MET B 366 30.74 4.64 39.14
N ILE B 367 30.54 3.35 38.95
CA ILE B 367 30.39 2.44 40.08
CA ILE B 367 30.38 2.44 40.09
C ILE B 367 31.75 2.13 40.66
N GLN B 368 31.89 2.28 41.96
CA GLN B 368 33.17 2.15 42.62
C GLN B 368 33.20 0.94 43.57
N PRO B 369 34.37 0.30 43.73
CA PRO B 369 35.61 0.65 43.05
C PRO B 369 35.57 0.13 41.62
N GLN B 370 36.57 0.46 40.81
CA GLN B 370 36.61 -0.02 39.44
C GLN B 370 36.59 -1.55 39.47
N PRO B 371 35.62 -2.19 38.84
CA PRO B 371 35.51 -3.65 38.95
C PRO B 371 36.64 -4.34 38.19
N GLU B 372 36.80 -5.63 38.49
CA GLU B 372 37.91 -6.39 37.92
C GLU B 372 37.74 -6.64 36.43
N TYR B 373 36.50 -6.61 35.92
CA TYR B 373 36.29 -6.76 34.49
C TYR B 373 36.56 -5.49 33.70
N SER B 374 36.85 -4.38 34.38
CA SER B 374 37.02 -3.07 33.77
C SER B 374 38.50 -2.72 33.73
N ALA B 375 39.09 -2.77 32.54
CA ALA B 375 40.50 -2.43 32.39
C ALA B 375 40.71 -0.93 32.53
N PHE B 376 40.14 -0.14 31.63
CA PHE B 376 40.31 1.31 31.60
C PHE B 376 38.94 1.96 31.46
N ARG B 377 38.71 3.03 32.21
CA ARG B 377 37.53 3.86 32.03
C ARG B 377 37.87 5.30 32.41
N GLU B 378 37.22 6.25 31.73
CA GLU B 378 37.41 7.67 31.97
C GLU B 378 36.26 8.43 31.33
N ALA B 379 35.79 9.48 32.01
CA ALA B 379 34.66 10.28 31.52
C ALA B 379 35.21 11.50 30.79
N SER B 380 35.47 11.33 29.50
CA SER B 380 35.93 12.43 28.65
C SER B 380 35.36 12.23 27.26
N PHE B 381 35.01 13.34 26.60
CA PHE B 381 34.59 13.27 25.21
C PHE B 381 35.75 12.86 24.32
N GLY B 382 35.45 12.13 23.25
CA GLY B 382 36.47 11.74 22.30
C GLY B 382 35.99 10.62 21.41
N HIS B 383 36.93 10.08 20.63
CA HIS B 383 36.65 9.01 19.69
C HIS B 383 37.75 7.95 19.80
N GLY B 384 37.61 6.88 19.02
CA GLY B 384 38.57 5.79 19.05
C GLY B 384 38.93 5.35 17.65
N MET B 385 40.03 4.60 17.56
CA MET B 385 40.53 4.12 16.27
C MET B 385 40.96 2.67 16.41
N PHE B 386 40.40 1.80 15.56
CA PHE B 386 40.81 0.40 15.46
C PHE B 386 41.63 0.22 14.20
N ASP B 387 42.94 0.04 14.36
CA ASP B 387 43.88 0.04 13.25
C ASP B 387 44.39 -1.38 13.04
N ILE B 388 43.90 -2.03 12.00
CA ILE B 388 44.25 -3.41 11.70
C ILE B 388 45.55 -3.43 10.91
N LYS B 389 46.54 -4.19 11.40
CA LYS B 389 47.85 -4.22 10.76
C LYS B 389 48.05 -5.50 9.94
N ASN B 390 48.04 -6.67 10.59
CA ASN B 390 48.01 -7.90 9.81
C ASN B 390 46.89 -8.76 10.33
N ARG B 391 46.99 -10.06 10.11
CA ARG B 391 46.03 -10.99 10.68
C ARG B 391 46.14 -11.09 12.20
N THR B 392 47.27 -10.68 12.78
CA THR B 392 47.51 -10.91 14.21
C THR B 392 47.40 -9.68 15.08
N HIS B 393 47.71 -8.50 14.57
CA HIS B 393 47.81 -7.29 15.37
C HIS B 393 46.77 -6.26 14.95
N ALA B 394 46.16 -5.62 15.94
CA ALA B 394 45.34 -4.43 15.74
C ALA B 394 45.61 -3.49 16.89
N HIS B 395 45.78 -2.21 16.59
CA HIS B 395 46.09 -1.20 17.60
C HIS B 395 44.84 -0.36 17.81
N PHE B 396 44.26 -0.47 18.99
CA PHE B 396 43.15 0.39 19.36
C PHE B 396 43.66 1.52 20.25
N SER B 397 43.36 2.75 19.85
CA SER B 397 43.72 3.93 20.64
C SER B 397 42.49 4.79 20.85
N TRP B 398 42.50 5.52 21.96
CA TRP B 398 41.40 6.41 22.33
C TRP B 398 41.94 7.83 22.44
N ASN B 399 41.42 8.73 21.60
CA ASN B 399 41.84 10.13 21.56
C ASN B 399 40.79 10.97 22.28
N ARG B 400 41.25 11.86 23.16
CA ARG B 400 40.37 12.76 23.89
C ARG B 400 40.24 14.10 23.19
N ASN B 401 39.04 14.69 23.31
CA ASN B 401 38.81 16.00 22.72
C ASN B 401 39.69 17.07 23.34
N GLN B 402 40.01 16.92 24.63
N GLN B 402 40.01 16.93 24.64
CA GLN B 402 40.85 17.89 25.34
CA GLN B 402 40.85 17.93 25.30
C GLN B 402 42.33 17.74 25.04
C GLN B 402 42.34 17.73 25.06
N ASP B 403 42.75 16.64 24.41
CA ASP B 403 44.14 16.38 24.08
C ASP B 403 44.42 16.81 22.64
N GLY B 404 45.67 16.69 22.23
CA GLY B 404 46.01 16.93 20.85
C GLY B 404 45.51 15.82 19.96
N VAL B 405 45.35 16.13 18.67
CA VAL B 405 44.73 15.17 17.76
C VAL B 405 45.58 13.93 17.62
N ALA B 406 46.87 14.00 17.93
CA ALA B 406 47.80 12.88 17.77
C ALA B 406 48.10 12.17 19.08
N VAL B 407 47.57 12.65 20.20
CA VAL B 407 47.83 12.06 21.51
C VAL B 407 46.84 10.93 21.78
N GLU B 408 47.35 9.76 22.16
CA GLU B 408 46.53 8.65 22.62
C GLU B 408 46.60 8.56 24.14
N ALA B 409 45.48 8.77 24.81
CA ALA B 409 45.42 8.62 26.26
C ALA B 409 45.23 7.17 26.70
N ASP B 410 44.88 6.29 25.78
CA ASP B 410 44.81 4.86 26.05
C ASP B 410 45.06 4.12 24.73
N SER B 411 45.76 3.00 24.83
CA SER B 411 46.02 2.20 23.64
C SER B 411 46.30 0.77 24.10
N VAL B 412 45.81 -0.19 23.31
CA VAL B 412 46.05 -1.61 23.58
C VAL B 412 46.29 -2.31 22.25
N TRP B 413 47.28 -3.17 22.20
CA TRP B 413 47.55 -3.98 21.02
C TRP B 413 46.72 -5.24 21.09
N PHE B 414 45.86 -5.45 20.10
CA PHE B 414 44.96 -6.59 20.06
C PHE B 414 45.67 -7.77 19.41
N PHE B 415 45.70 -8.90 20.10
CA PHE B 415 46.12 -10.16 19.48
C PHE B 415 44.88 -10.86 18.95
N ASN B 416 44.91 -11.24 17.68
CA ASN B 416 43.73 -11.84 17.07
C ASN B 416 43.39 -13.16 17.75
N ARG B 417 42.11 -13.35 18.06
CA ARG B 417 41.71 -14.53 18.83
C ARG B 417 41.95 -15.82 18.06
N HIS B 418 41.95 -15.79 16.73
CA HIS B 418 42.15 -17.02 15.97
C HIS B 418 43.56 -17.16 15.42
N TRP B 419 44.30 -16.06 15.24
CA TRP B 419 45.64 -16.15 14.69
C TRP B 419 46.74 -15.92 15.72
N TYR B 420 46.48 -15.15 16.76
CA TYR B 420 47.44 -14.97 17.86
C TYR B 420 46.75 -15.19 19.21
N PRO B 421 46.29 -16.42 19.48
CA PRO B 421 45.49 -16.66 20.70
C PRO B 421 46.30 -16.58 21.98
N VAL B 422 46.91 -15.42 22.22
CA VAL B 422 47.79 -15.20 23.36
C VAL B 422 47.24 -14.04 24.16
N ASP B 423 47.47 -14.08 25.47
CA ASP B 423 47.06 -12.99 26.36
C ASP B 423 47.55 -11.64 25.85
N ASP B 424 46.64 -10.67 25.82
CA ASP B 424 46.96 -9.32 25.37
C ASP B 424 46.52 -8.27 26.37
N SER B 425 46.36 -8.65 27.63
CA SER B 425 45.94 -7.72 28.67
C SER B 425 47.07 -6.74 28.98
N THR B 426 46.67 -5.52 29.34
CA THR B 426 47.63 -4.45 29.65
C THR B 426 47.91 -4.42 31.15
N ASN C 2 4.44 -39.52 15.25
CA ASN C 2 3.35 -38.66 14.78
C ASN C 2 2.04 -38.97 15.50
N ARG C 3 1.60 -38.05 16.35
CA ARG C 3 0.42 -38.26 17.19
C ARG C 3 -0.67 -37.22 16.98
N ASP C 4 -0.54 -36.33 16.00
CA ASP C 4 -1.63 -35.42 15.69
C ASP C 4 -2.78 -36.19 15.04
N MET C 5 -4.00 -35.82 15.39
CA MET C 5 -5.17 -36.50 14.87
C MET C 5 -5.23 -36.37 13.34
N PRO C 6 -5.57 -37.44 12.63
CA PRO C 6 -5.62 -37.39 11.17
C PRO C 6 -6.63 -36.36 10.68
N LEU C 7 -6.54 -36.06 9.39
CA LEU C 7 -7.38 -35.01 8.81
C LEU C 7 -8.86 -35.39 8.82
N ASP C 8 -9.17 -36.68 8.67
CA ASP C 8 -10.56 -37.12 8.71
C ASP C 8 -11.11 -37.29 10.12
N SER C 9 -10.37 -36.84 11.15
CA SER C 9 -10.83 -36.98 12.52
C SER C 9 -12.11 -36.19 12.77
N ASP C 10 -12.95 -36.71 13.67
CA ASP C 10 -14.28 -36.12 13.86
C ASP C 10 -14.21 -34.69 14.35
N VAL C 11 -13.13 -34.31 15.05
CA VAL C 11 -12.98 -32.94 15.53
C VAL C 11 -12.81 -31.97 14.38
N PHE C 12 -12.32 -32.43 13.22
CA PHE C 12 -12.07 -31.58 12.09
C PHE C 12 -13.20 -31.56 11.08
N ARG C 13 -14.35 -32.16 11.41
CA ARG C 13 -15.46 -32.23 10.47
C ARG C 13 -15.86 -30.83 10.00
N VAL C 14 -16.08 -30.69 8.70
CA VAL C 14 -16.49 -29.40 8.14
C VAL C 14 -17.99 -29.22 8.40
N PRO C 15 -18.40 -28.10 8.99
CA PRO C 15 -19.84 -27.84 9.17
C PRO C 15 -20.57 -27.90 7.85
N PRO C 16 -21.72 -28.55 7.80
CA PRO C 16 -22.47 -28.63 6.53
C PRO C 16 -23.10 -27.30 6.16
N GLY C 17 -23.41 -27.17 4.88
CA GLY C 17 -24.03 -25.99 4.28
C GLY C 17 -23.07 -25.28 3.33
N TYR C 18 -23.63 -24.74 2.24
CA TYR C 18 -22.80 -23.97 1.33
C TYR C 18 -22.27 -22.72 2.01
N ASN C 19 -20.95 -22.51 1.92
CA ASN C 19 -20.27 -21.37 2.56
C ASN C 19 -20.62 -21.28 4.05
N ALA C 20 -20.74 -22.43 4.69
CA ALA C 20 -21.07 -22.45 6.11
C ALA C 20 -19.88 -21.93 6.91
N PRO C 21 -20.08 -20.95 7.79
CA PRO C 21 -18.99 -20.51 8.68
C PRO C 21 -18.41 -21.67 9.46
N GLN C 22 -17.10 -21.78 9.43
CA GLN C 22 -16.33 -22.70 10.26
C GLN C 22 -15.32 -21.89 11.07
N GLN C 23 -14.63 -22.57 11.99
CA GLN C 23 -13.57 -21.94 12.77
C GLN C 23 -14.09 -20.71 13.53
N VAL C 24 -15.31 -20.80 14.06
CA VAL C 24 -15.89 -19.69 14.79
C VAL C 24 -15.21 -19.57 16.15
N HIS C 25 -14.72 -18.37 16.46
CA HIS C 25 -14.03 -18.14 17.73
C HIS C 25 -14.22 -16.69 18.16
N ILE C 26 -14.31 -16.49 19.47
CA ILE C 26 -14.59 -15.19 20.05
C ILE C 26 -13.55 -14.89 21.13
N THR C 27 -13.33 -13.59 21.36
CA THR C 27 -12.55 -13.13 22.51
C THR C 27 -13.05 -11.75 22.89
N GLN C 28 -12.52 -11.21 23.99
CA GLN C 28 -13.02 -9.94 24.51
C GLN C 28 -12.77 -8.79 23.55
N GLY C 29 -13.81 -7.96 23.35
CA GLY C 29 -13.77 -6.88 22.37
C GLY C 29 -13.33 -5.53 22.91
N ASP C 30 -13.48 -5.31 24.22
CA ASP C 30 -13.07 -4.04 24.81
C ASP C 30 -12.23 -4.25 26.07
N LEU C 31 -12.01 -3.17 26.81
CA LEU C 31 -11.21 -3.27 28.02
C LEU C 31 -12.01 -3.83 29.18
N VAL C 32 -13.30 -3.55 29.24
CA VAL C 32 -14.10 -3.83 30.44
C VAL C 32 -15.11 -4.96 30.23
N GLY C 33 -15.14 -5.57 29.06
CA GLY C 33 -16.02 -6.71 28.83
C GLY C 33 -17.37 -6.39 28.23
N ARG C 34 -17.64 -5.13 27.86
CA ARG C 34 -18.89 -4.78 27.21
C ARG C 34 -18.88 -5.08 25.72
N ALA C 35 -17.76 -5.51 25.16
CA ALA C 35 -17.64 -5.79 23.74
C ALA C 35 -17.02 -7.16 23.53
N MET C 36 -17.32 -7.75 22.38
CA MET C 36 -16.84 -9.08 22.02
C MET C 36 -16.54 -9.06 20.53
N ILE C 37 -15.46 -9.72 20.14
CA ILE C 37 -15.03 -9.75 18.76
C ILE C 37 -15.21 -11.18 18.26
N ILE C 38 -16.11 -11.34 17.27
CA ILE C 38 -16.46 -12.63 16.68
C ILE C 38 -15.63 -12.86 15.44
N SER C 39 -15.16 -14.09 15.28
CA SER C 39 -14.29 -14.42 14.16
C SER C 39 -14.71 -15.75 13.59
N TRP C 40 -14.64 -15.87 12.26
CA TRP C 40 -14.95 -17.12 11.59
C TRP C 40 -14.41 -17.06 10.16
N VAL C 41 -14.25 -18.24 9.57
CA VAL C 41 -13.77 -18.39 8.20
C VAL C 41 -14.88 -19.00 7.34
N THR C 42 -15.06 -18.46 6.13
CA THR C 42 -15.91 -19.06 5.11
C THR C 42 -15.02 -19.47 3.94
N MET C 43 -15.29 -20.64 3.37
CA MET C 43 -14.38 -21.23 2.39
C MET C 43 -14.85 -21.09 0.94
N ASP C 44 -16.15 -21.04 0.69
CA ASP C 44 -16.63 -21.14 -0.69
C ASP C 44 -16.76 -19.78 -1.38
N GLU C 45 -17.03 -18.71 -0.63
CA GLU C 45 -17.03 -17.37 -1.19
C GLU C 45 -16.99 -16.38 -0.03
N PRO C 46 -16.54 -15.13 -0.28
CA PRO C 46 -16.33 -14.17 0.83
C PRO C 46 -17.44 -14.13 1.85
N GLY C 47 -18.66 -13.84 1.42
CA GLY C 47 -19.79 -13.85 2.33
C GLY C 47 -19.88 -12.59 3.16
N SER C 48 -20.95 -12.53 3.96
CA SER C 48 -21.25 -11.35 4.75
C SER C 48 -20.46 -11.37 6.05
N SER C 49 -19.84 -10.24 6.39
CA SER C 49 -19.22 -10.05 7.70
C SER C 49 -20.21 -9.62 8.77
N ALA C 50 -21.50 -9.51 8.47
CA ALA C 50 -22.46 -9.11 9.47
C ALA C 50 -22.66 -10.20 10.50
N VAL C 51 -22.95 -9.78 11.73
CA VAL C 51 -23.27 -10.70 12.82
C VAL C 51 -24.61 -10.28 13.40
N ARG C 52 -25.55 -11.20 13.44
CA ARG C 52 -26.83 -10.97 14.09
C ARG C 52 -26.72 -11.44 15.53
N TYR C 53 -27.04 -10.55 16.48
CA TYR C 53 -27.00 -10.92 17.88
C TYR C 53 -28.25 -10.35 18.55
N TRP C 54 -28.57 -10.95 19.71
CA TRP C 54 -29.70 -10.53 20.51
C TRP C 54 -29.56 -11.18 21.88
N SER C 55 -30.10 -10.52 22.90
CA SER C 55 -29.99 -11.00 24.27
C SER C 55 -31.10 -12.01 24.59
N GLU C 56 -30.85 -12.80 25.64
CA GLU C 56 -31.59 -14.03 25.88
C GLU C 56 -33.08 -13.78 26.03
N LYS C 57 -33.45 -12.94 26.98
CA LYS C 57 -34.85 -12.54 27.16
C LYS C 57 -34.91 -11.03 26.98
N ASN C 58 -35.12 -10.63 25.73
CA ASN C 58 -35.23 -9.24 25.29
C ASN C 58 -35.45 -9.31 23.78
N GLY C 59 -34.60 -10.07 23.10
CA GLY C 59 -34.80 -10.43 21.71
C GLY C 59 -34.78 -9.29 20.71
N ARG C 60 -34.29 -8.11 21.07
CA ARG C 60 -34.18 -7.00 20.11
C ARG C 60 -32.99 -7.29 19.20
N LYS C 61 -33.25 -7.95 18.08
CA LYS C 61 -32.18 -8.43 17.21
C LYS C 61 -31.48 -7.25 16.52
N ARG C 62 -30.17 -7.16 16.71
CA ARG C 62 -29.32 -6.14 16.11
C ARG C 62 -28.27 -6.79 15.22
N ILE C 63 -27.59 -5.95 14.43
CA ILE C 63 -26.63 -6.39 13.43
C ILE C 63 -25.34 -5.59 13.60
N ALA C 64 -24.20 -6.29 13.59
CA ALA C 64 -22.89 -5.66 13.66
C ALA C 64 -22.12 -5.97 12.39
N LYS C 65 -21.47 -4.96 11.83
CA LYS C 65 -20.72 -5.08 10.59
C LYS C 65 -19.23 -5.12 10.89
N GLY C 66 -18.52 -6.04 10.23
CA GLY C 66 -17.10 -6.21 10.46
C GLY C 66 -16.30 -6.13 9.18
N LYS C 67 -15.25 -6.94 9.05
CA LYS C 67 -14.41 -6.87 7.86
C LYS C 67 -13.89 -8.25 7.50
N MET C 68 -13.82 -8.50 6.21
CA MET C 68 -13.21 -9.68 5.62
C MET C 68 -11.75 -9.38 5.31
N SER C 69 -10.90 -10.40 5.48
CA SER C 69 -9.54 -10.30 4.95
C SER C 69 -9.02 -11.70 4.67
N THR C 70 -8.02 -11.77 3.80
CA THR C 70 -7.41 -13.03 3.41
C THR C 70 -5.89 -12.89 3.46
N TYR C 71 -5.22 -14.04 3.49
CA TYR C 71 -3.77 -14.08 3.49
C TYR C 71 -3.30 -15.28 2.68
N ARG C 72 -2.05 -15.20 2.22
CA ARG C 72 -1.36 -16.31 1.60
C ARG C 72 -0.14 -16.67 2.42
N PHE C 73 0.25 -17.94 2.38
CA PHE C 73 1.47 -18.40 3.06
C PHE C 73 2.14 -19.46 2.19
N PHE C 74 3.30 -19.10 1.61
CA PHE C 74 4.02 -19.95 0.66
C PHE C 74 3.06 -20.40 -0.44
N ASN C 75 2.55 -21.62 -0.35
CA ASN C 75 1.72 -22.27 -1.34
C ASN C 75 0.25 -22.20 -0.95
N TYR C 76 -0.04 -21.87 0.31
CA TYR C 76 -1.38 -21.93 0.85
C TYR C 76 -2.11 -20.62 0.64
N SER C 77 -3.35 -20.69 0.15
CA SER C 77 -4.23 -19.54 0.03
C SER C 77 -5.42 -19.76 0.95
N SER C 78 -5.69 -18.78 1.81
CA SER C 78 -6.64 -19.00 2.90
C SER C 78 -8.08 -18.80 2.43
N GLY C 79 -9.00 -19.31 3.26
CA GLY C 79 -10.38 -18.91 3.14
C GLY C 79 -10.56 -17.43 3.48
N PHE C 80 -11.82 -16.99 3.42
CA PHE C 80 -12.19 -15.61 3.69
C PHE C 80 -12.43 -15.46 5.19
N ILE C 81 -11.50 -14.81 5.88
CA ILE C 81 -11.52 -14.68 7.33
C ILE C 81 -12.34 -13.47 7.70
N HIS C 82 -13.19 -13.62 8.71
CA HIS C 82 -14.07 -12.55 9.17
C HIS C 82 -13.75 -12.21 10.61
N HIS C 83 -13.71 -10.92 10.91
CA HIS C 83 -13.61 -10.41 12.27
C HIS C 83 -14.65 -9.32 12.44
N THR C 84 -15.46 -9.43 13.49
CA THR C 84 -16.53 -8.47 13.71
C THR C 84 -16.68 -8.23 15.20
N THR C 85 -16.75 -6.97 15.60
CA THR C 85 -16.86 -6.61 17.01
C THR C 85 -18.29 -6.19 17.32
N ILE C 86 -18.93 -6.89 18.24
CA ILE C 86 -20.19 -6.44 18.83
C ILE C 86 -19.85 -5.57 20.04
N ARG C 87 -20.48 -4.41 20.12
CA ARG C 87 -20.12 -3.44 21.16
C ARG C 87 -21.33 -3.09 22.02
N LYS C 88 -21.04 -2.40 23.12
CA LYS C 88 -22.05 -1.88 24.04
C LYS C 88 -22.98 -2.98 24.54
N LEU C 89 -22.46 -4.20 24.67
CA LEU C 89 -23.22 -5.31 25.24
C LEU C 89 -23.42 -5.10 26.74
N LYS C 90 -24.40 -5.81 27.29
CA LYS C 90 -24.69 -5.70 28.72
C LYS C 90 -23.95 -6.78 29.52
N TYR C 91 -23.56 -6.41 30.73
CA TYR C 91 -22.86 -7.32 31.63
C TYR C 91 -23.80 -8.42 32.12
N ASN C 92 -23.23 -9.59 32.40
CA ASN C 92 -23.94 -10.68 33.04
C ASN C 92 -25.18 -11.12 32.26
N THR C 93 -25.13 -11.01 30.92
CA THR C 93 -26.29 -11.27 30.07
C THR C 93 -25.93 -12.28 28.98
N LYS C 94 -26.76 -13.30 28.82
CA LYS C 94 -26.56 -14.27 27.75
C LYS C 94 -26.98 -13.67 26.41
N TYR C 95 -26.20 -13.93 25.38
CA TYR C 95 -26.54 -13.48 24.04
C TYR C 95 -26.50 -14.66 23.10
N TYR C 96 -27.35 -14.61 22.08
CA TYR C 96 -27.22 -15.46 20.91
C TYR C 96 -26.61 -14.62 19.78
N TYR C 97 -25.89 -15.29 18.89
CA TYR C 97 -25.40 -14.61 17.70
C TYR C 97 -25.37 -15.59 16.53
N GLU C 98 -25.72 -15.08 15.36
CA GLU C 98 -25.77 -15.85 14.13
C GLU C 98 -24.72 -15.30 13.17
N VAL C 99 -24.30 -16.15 12.24
CA VAL C 99 -23.13 -15.84 11.44
C VAL C 99 -23.22 -16.63 10.14
N GLY C 100 -22.77 -16.01 9.05
CA GLY C 100 -23.06 -16.53 7.74
C GLY C 100 -24.49 -16.21 7.36
N LEU C 101 -24.81 -14.92 7.37
CA LEU C 101 -26.21 -14.49 7.45
C LEU C 101 -26.96 -14.69 6.15
N ARG C 102 -26.29 -14.55 5.01
CA ARG C 102 -27.02 -14.58 3.74
C ARG C 102 -26.90 -15.92 3.01
N ASN C 103 -26.11 -16.86 3.53
CA ASN C 103 -26.07 -18.18 2.90
C ASN C 103 -26.40 -19.29 3.91
N THR C 104 -25.40 -19.91 4.54
CA THR C 104 -25.65 -20.93 5.57
C THR C 104 -25.39 -20.33 6.96
N THR C 105 -26.46 -20.06 7.70
CA THR C 105 -26.35 -19.45 9.02
C THR C 105 -26.02 -20.49 10.09
N ARG C 106 -25.20 -20.08 11.07
CA ARG C 106 -24.91 -20.90 12.24
C ARG C 106 -24.99 -20.03 13.48
N ARG C 107 -25.63 -20.57 14.52
CA ARG C 107 -25.94 -19.83 15.73
C ARG C 107 -25.08 -20.31 16.87
N PHE C 108 -24.62 -19.37 17.71
CA PHE C 108 -23.80 -19.69 18.88
C PHE C 108 -24.22 -18.81 20.04
N SER C 109 -23.54 -18.98 21.18
CA SER C 109 -23.96 -18.33 22.41
C SER C 109 -22.75 -17.89 23.22
N PHE C 110 -22.92 -16.84 24.01
CA PHE C 110 -21.92 -16.49 25.00
C PHE C 110 -22.57 -15.64 26.08
N ILE C 111 -21.97 -15.64 27.26
CA ILE C 111 -22.46 -14.92 28.43
C ILE C 111 -21.42 -13.87 28.78
N THR C 112 -21.79 -12.60 28.66
CA THR C 112 -20.86 -11.55 29.00
C THR C 112 -20.50 -11.63 30.48
N PRO C 113 -19.30 -11.21 30.86
CA PRO C 113 -18.91 -11.27 32.27
C PRO C 113 -19.67 -10.23 33.08
N PRO C 114 -19.68 -10.35 34.40
CA PRO C 114 -20.22 -9.27 35.23
C PRO C 114 -19.34 -8.02 35.10
N GLN C 115 -19.88 -6.89 35.55
CA GLN C 115 -19.11 -5.65 35.45
C GLN C 115 -17.87 -5.74 36.33
N THR C 116 -16.79 -5.14 35.84
CA THR C 116 -15.57 -4.97 36.62
C THR C 116 -15.89 -4.56 38.05
N GLY C 117 -15.33 -5.29 39.01
CA GLY C 117 -15.62 -5.01 40.40
C GLY C 117 -14.68 -5.73 41.33
N LEU C 118 -14.58 -5.19 42.56
CA LEU C 118 -13.57 -5.67 43.51
C LEU C 118 -13.84 -7.09 43.98
N ASP C 119 -15.10 -7.42 44.25
CA ASP C 119 -15.46 -8.70 44.84
C ASP C 119 -16.31 -9.55 43.88
N VAL C 120 -15.97 -9.52 42.59
CA VAL C 120 -16.71 -10.24 41.57
C VAL C 120 -15.93 -11.50 41.21
N PRO C 121 -16.49 -12.69 41.41
CA PRO C 121 -15.74 -13.91 41.12
C PRO C 121 -15.77 -14.26 39.64
N TYR C 122 -14.74 -14.95 39.19
CA TYR C 122 -14.68 -15.47 37.83
C TYR C 122 -13.79 -16.69 37.79
N THR C 123 -14.15 -17.65 36.95
CA THR C 123 -13.41 -18.90 36.78
C THR C 123 -12.69 -18.86 35.43
N PHE C 124 -11.37 -18.67 35.48
CA PHE C 124 -10.52 -18.70 34.31
C PHE C 124 -9.92 -20.09 34.14
N GLY C 125 -10.08 -20.66 32.96
CA GLY C 125 -9.30 -21.82 32.59
C GLY C 125 -7.91 -21.41 32.14
N LEU C 126 -6.97 -22.33 32.20
CA LEU C 126 -5.61 -22.10 31.71
C LEU C 126 -5.20 -23.23 30.81
N ILE C 127 -4.96 -22.91 29.54
CA ILE C 127 -4.62 -23.89 28.52
C ILE C 127 -3.42 -23.36 27.75
N GLY C 128 -2.36 -24.17 27.65
CA GLY C 128 -1.14 -23.76 27.00
C GLY C 128 -0.49 -24.82 26.13
N ASP C 129 -0.03 -24.40 24.94
CA ASP C 129 0.62 -25.29 23.99
C ASP C 129 -0.28 -26.47 23.62
N LEU C 130 -1.47 -26.12 23.12
CA LEU C 130 -2.51 -27.12 22.86
C LEU C 130 -2.15 -28.02 21.69
N GLY C 131 -1.95 -27.45 20.50
CA GLY C 131 -1.72 -28.31 19.36
C GLY C 131 -2.99 -29.03 18.94
N GLN C 132 -2.81 -30.11 18.17
CA GLN C 132 -3.93 -30.88 17.66
C GLN C 132 -3.57 -32.37 17.63
N SER C 133 -3.01 -32.86 18.73
CA SER C 133 -2.82 -34.30 18.94
C SER C 133 -3.96 -34.85 19.78
N PHE C 134 -3.99 -36.19 19.91
CA PHE C 134 -4.99 -36.81 20.76
C PHE C 134 -4.87 -36.33 22.20
N ASP C 135 -3.66 -35.96 22.64
CA ASP C 135 -3.53 -35.34 23.94
C ASP C 135 -4.19 -33.96 23.96
N SER C 136 -4.08 -33.21 22.86
CA SER C 136 -4.78 -31.93 22.78
C SER C 136 -6.27 -32.11 22.94
N ASN C 137 -6.84 -33.19 22.39
CA ASN C 137 -8.29 -33.37 22.45
C ASN C 137 -8.76 -33.74 23.85
N THR C 138 -8.02 -34.62 24.53
CA THR C 138 -8.44 -35.02 25.87
C THR C 138 -8.30 -33.88 26.87
N THR C 139 -7.33 -32.97 26.69
CA THR C 139 -7.22 -31.82 27.58
C THR C 139 -8.39 -30.85 27.38
N LEU C 140 -8.72 -30.56 26.13
CA LEU C 140 -9.91 -29.76 25.88
C LEU C 140 -11.14 -30.44 26.47
N SER C 141 -11.14 -31.77 26.55
CA SER C 141 -12.29 -32.50 27.10
C SER C 141 -12.35 -32.42 28.61
N HIS C 142 -11.24 -32.72 29.29
CA HIS C 142 -11.18 -32.55 30.73
C HIS C 142 -11.50 -31.12 31.14
N TYR C 143 -11.34 -30.14 30.23
CA TYR C 143 -11.68 -28.77 30.55
C TYR C 143 -13.18 -28.53 30.47
N GLU C 144 -13.82 -28.99 29.39
CA GLU C 144 -15.24 -28.70 29.23
C GLU C 144 -16.12 -29.49 30.17
N LEU C 145 -15.60 -30.59 30.73
CA LEU C 145 -16.35 -31.40 31.68
C LEU C 145 -16.06 -31.03 33.13
N SER C 146 -15.33 -29.96 33.37
CA SER C 146 -14.85 -29.81 34.74
C SER C 146 -15.94 -29.21 35.63
N PRO C 147 -16.07 -29.72 36.86
CA PRO C 147 -17.15 -29.25 37.73
C PRO C 147 -17.10 -27.75 38.01
N LYS C 148 -15.92 -27.15 38.08
CA LYS C 148 -15.79 -25.77 38.50
C LYS C 148 -16.15 -24.78 37.39
N LYS C 149 -16.36 -25.25 36.16
CA LYS C 149 -16.99 -24.49 35.08
C LYS C 149 -16.24 -23.23 34.69
N GLY C 150 -15.38 -23.34 33.67
CA GLY C 150 -14.60 -22.20 33.22
C GLY C 150 -15.38 -21.27 32.31
N GLN C 151 -15.10 -19.97 32.45
CA GLN C 151 -15.82 -18.94 31.72
C GLN C 151 -14.98 -18.21 30.69
N THR C 152 -13.66 -18.22 30.84
CA THR C 152 -12.76 -17.67 29.84
C THR C 152 -11.48 -18.49 29.91
N VAL C 153 -10.87 -18.74 28.76
CA VAL C 153 -9.63 -19.51 28.70
C VAL C 153 -8.48 -18.55 28.46
N LEU C 154 -7.63 -18.38 29.46
CA LEU C 154 -6.36 -17.69 29.27
C LEU C 154 -5.39 -18.65 28.57
N PHE C 155 -5.00 -18.33 27.34
CA PHE C 155 -4.18 -19.21 26.52
C PHE C 155 -2.75 -18.66 26.44
N VAL C 156 -1.78 -19.40 26.99
CA VAL C 156 -0.45 -18.84 27.23
C VAL C 156 0.45 -19.02 26.01
N GLY C 157 -0.10 -19.48 24.90
CA GLY C 157 0.62 -19.50 23.65
C GLY C 157 0.79 -20.89 23.08
N ASP C 158 1.30 -20.91 21.84
CA ASP C 158 1.44 -22.11 21.00
C ASP C 158 0.08 -22.73 20.72
N LEU C 159 -0.48 -22.42 19.54
CA LEU C 159 -1.86 -22.80 19.25
C LEU C 159 -1.93 -24.08 18.44
N SER C 160 -1.62 -23.99 17.15
CA SER C 160 -1.92 -25.05 16.20
C SER C 160 -0.76 -25.99 15.94
N TYR C 161 0.48 -25.50 16.03
CA TYR C 161 1.66 -26.23 15.59
C TYR C 161 1.58 -26.58 14.11
N ALA C 162 0.86 -25.74 13.34
CA ALA C 162 0.85 -25.92 11.90
C ALA C 162 2.25 -25.81 11.32
N ASP C 163 3.11 -25.00 11.94
CA ASP C 163 4.46 -24.80 11.43
C ASP C 163 5.32 -26.05 11.50
N ARG C 164 4.88 -27.09 12.23
CA ARG C 164 5.56 -28.37 12.25
C ARG C 164 5.38 -29.16 10.96
N TYR C 165 4.45 -28.76 10.12
CA TYR C 165 4.11 -29.48 8.90
C TYR C 165 4.87 -28.93 7.70
N PRO C 166 5.00 -29.71 6.62
CA PRO C 166 5.74 -29.24 5.45
C PRO C 166 5.28 -27.88 4.97
N ASN C 167 6.22 -26.92 4.94
CA ASN C 167 5.93 -25.54 4.57
C ASN C 167 4.89 -24.92 5.49
N HIS C 168 4.85 -25.42 6.73
CA HIS C 168 3.92 -24.95 7.74
C HIS C 168 2.48 -25.17 7.33
N ASP C 169 2.23 -26.25 6.58
CA ASP C 169 0.92 -26.59 6.02
C ASP C 169 -0.23 -25.90 6.74
N ASN C 170 -0.60 -24.72 6.25
CA ASN C 170 -1.57 -23.91 6.97
C ASN C 170 -2.97 -24.53 6.96
N VAL C 171 -3.18 -25.64 6.26
CA VAL C 171 -4.40 -26.40 6.44
C VAL C 171 -4.55 -26.79 7.91
N ARG C 172 -3.42 -27.06 8.56
CA ARG C 172 -3.44 -27.39 9.99
C ARG C 172 -3.76 -26.18 10.85
N TRP C 173 -3.76 -24.97 10.29
CA TRP C 173 -4.40 -23.85 10.98
C TRP C 173 -5.93 -23.98 10.92
N ASP C 174 -6.45 -24.36 9.74
CA ASP C 174 -7.89 -24.55 9.59
C ASP C 174 -8.40 -25.72 10.43
N THR C 175 -7.64 -26.81 10.51
CA THR C 175 -8.11 -27.94 11.30
C THR C 175 -8.14 -27.60 12.79
N TRP C 176 -7.09 -26.96 13.31
CA TRP C 176 -7.14 -26.45 14.68
C TRP C 176 -8.30 -25.50 14.90
N GLY C 177 -8.64 -24.70 13.88
CA GLY C 177 -9.74 -23.76 14.01
C GLY C 177 -11.07 -24.45 14.26
N ARG C 178 -11.38 -25.47 13.46
CA ARG C 178 -12.63 -26.21 13.66
C ARG C 178 -12.58 -27.06 14.92
N PHE C 179 -11.41 -27.57 15.28
CA PHE C 179 -11.29 -28.42 16.47
C PHE C 179 -11.65 -27.65 17.74
N THR C 180 -11.07 -26.47 17.91
CA THR C 180 -11.33 -25.71 19.12
C THR C 180 -12.67 -24.99 19.11
N GLU C 181 -13.34 -24.89 17.95
CA GLU C 181 -14.58 -24.12 17.87
C GLU C 181 -15.58 -24.51 18.95
N ARG C 182 -15.65 -25.80 19.29
CA ARG C 182 -16.64 -26.26 20.27
C ARG C 182 -16.46 -25.63 21.64
N SER C 183 -15.35 -24.95 21.88
CA SER C 183 -15.11 -24.25 23.14
C SER C 183 -14.98 -22.75 22.97
N VAL C 184 -14.30 -22.29 21.92
CA VAL C 184 -13.99 -20.88 21.76
C VAL C 184 -15.12 -20.10 21.07
N ALA C 185 -16.08 -20.79 20.46
CA ALA C 185 -17.25 -20.11 19.93
C ALA C 185 -18.21 -19.69 21.03
N TYR C 186 -18.10 -20.26 22.23
CA TYR C 186 -19.08 -20.02 23.28
C TYR C 186 -18.55 -19.25 24.48
N GLN C 187 -17.23 -19.19 24.67
CA GLN C 187 -16.62 -18.39 25.72
C GLN C 187 -15.30 -17.86 25.18
N PRO C 188 -14.89 -16.67 25.61
CA PRO C 188 -13.68 -16.07 25.03
C PRO C 188 -12.44 -16.84 25.43
N TRP C 189 -11.46 -16.86 24.52
CA TRP C 189 -10.10 -17.31 24.80
C TRP C 189 -9.16 -16.12 24.61
N ILE C 190 -8.37 -15.82 25.64
CA ILE C 190 -7.44 -14.69 25.62
C ILE C 190 -6.10 -15.14 25.05
N TRP C 191 -5.72 -14.58 23.90
CA TRP C 191 -4.60 -15.06 23.10
C TRP C 191 -3.29 -14.39 23.50
N THR C 192 -2.26 -15.20 23.73
CA THR C 192 -0.88 -14.74 23.77
C THR C 192 -0.06 -15.50 22.74
N ALA C 193 0.99 -14.86 22.23
CA ALA C 193 1.70 -15.36 21.05
C ALA C 193 2.92 -16.18 21.49
N GLY C 194 2.93 -17.46 21.12
CA GLY C 194 4.06 -18.32 21.38
C GLY C 194 5.02 -18.40 20.21
N ASN C 195 6.11 -19.14 20.42
CA ASN C 195 7.15 -19.24 19.40
C ASN C 195 6.63 -19.94 18.15
N HIS C 196 5.74 -20.93 18.30
CA HIS C 196 5.18 -21.61 17.12
C HIS C 196 4.21 -20.74 16.33
N GLU C 197 4.03 -19.48 16.74
CA GLU C 197 3.31 -18.50 15.93
C GLU C 197 4.23 -17.50 15.23
N ILE C 198 5.53 -17.48 15.54
CA ILE C 198 6.47 -16.63 14.80
C ILE C 198 6.49 -17.03 13.33
N GLU C 199 6.63 -18.32 13.06
CA GLU C 199 6.62 -18.85 11.70
C GLU C 199 7.51 -18.03 10.76
N PHE C 200 8.70 -17.69 11.25
CA PHE C 200 9.71 -16.99 10.46
C PHE C 200 10.43 -18.03 9.60
N ALA C 201 10.02 -18.15 8.35
CA ALA C 201 10.56 -19.15 7.44
C ALA C 201 11.07 -18.46 6.19
N PRO C 202 12.17 -17.71 6.29
CA PRO C 202 12.69 -17.00 5.12
C PRO C 202 13.10 -17.92 3.99
N GLU C 203 13.48 -19.17 4.30
CA GLU C 203 13.86 -20.13 3.28
C GLU C 203 12.69 -20.53 2.38
N ILE C 204 11.48 -20.04 2.65
CA ILE C 204 10.35 -20.13 1.72
C ILE C 204 9.78 -18.75 1.50
N ASN C 205 10.64 -17.73 1.59
CA ASN C 205 10.29 -16.32 1.36
C ASN C 205 9.11 -15.87 2.23
N GLU C 206 9.11 -16.28 3.51
CA GLU C 206 8.03 -15.96 4.45
C GLU C 206 8.64 -15.33 5.70
N THR C 207 8.91 -14.02 5.62
CA THR C 207 9.77 -13.33 6.57
C THR C 207 9.04 -12.35 7.46
N GLU C 208 7.70 -12.34 7.43
CA GLU C 208 6.89 -11.44 8.24
C GLU C 208 6.35 -12.19 9.45
N PRO C 209 6.80 -11.88 10.66
CA PRO C 209 6.46 -12.72 11.82
C PRO C 209 5.00 -12.64 12.20
N PHE C 210 4.54 -13.70 12.88
CA PHE C 210 3.15 -13.84 13.33
C PHE C 210 2.16 -13.66 12.16
N LYS C 211 2.63 -14.00 10.96
CA LYS C 211 1.90 -13.93 9.71
C LYS C 211 0.52 -14.57 9.85
N PRO C 212 0.39 -15.89 9.98
CA PRO C 212 -0.97 -16.46 9.94
C PRO C 212 -1.73 -16.29 11.25
N PHE C 213 -1.03 -16.37 12.38
CA PHE C 213 -1.68 -16.22 13.68
C PHE C 213 -2.40 -14.85 13.78
N SER C 214 -1.74 -13.77 13.35
CA SER C 214 -2.33 -12.45 13.52
C SER C 214 -3.52 -12.24 12.60
N TYR C 215 -3.47 -12.80 11.39
CA TYR C 215 -4.61 -12.70 10.49
C TYR C 215 -5.81 -13.47 11.04
N ARG C 216 -5.57 -14.60 11.68
CA ARG C 216 -6.64 -15.47 12.12
C ARG C 216 -7.16 -15.15 13.52
N TYR C 217 -6.39 -14.45 14.35
CA TYR C 217 -6.76 -14.21 15.75
C TYR C 217 -6.49 -12.76 16.10
N HIS C 218 -7.55 -11.97 16.21
CA HIS C 218 -7.47 -10.56 16.58
C HIS C 218 -7.68 -10.39 18.08
N VAL C 219 -7.01 -9.37 18.64
CA VAL C 219 -7.15 -9.03 20.06
C VAL C 219 -7.48 -7.54 20.14
N PRO C 220 -8.10 -7.10 21.23
CA PRO C 220 -8.49 -5.68 21.35
C PRO C 220 -7.35 -4.79 21.82
N TYR C 221 -6.25 -4.81 21.08
CA TYR C 221 -5.01 -4.25 21.63
C TYR C 221 -5.05 -2.74 21.73
N GLU C 222 -5.76 -2.07 20.84
CA GLU C 222 -5.86 -0.61 20.95
C GLU C 222 -6.65 -0.18 22.17
N ALA C 223 -7.52 -1.05 22.70
CA ALA C 223 -8.32 -0.69 23.87
C ALA C 223 -7.46 -0.31 25.06
N SER C 224 -6.26 -0.91 25.18
CA SER C 224 -5.31 -0.56 26.23
C SER C 224 -4.20 0.37 25.75
N GLN C 225 -4.42 1.07 24.64
CA GLN C 225 -3.48 2.02 24.05
C GLN C 225 -2.22 1.35 23.51
N SER C 226 -2.29 0.07 23.18
CA SER C 226 -1.13 -0.65 22.66
C SER C 226 -1.04 -0.45 21.16
N THR C 227 0.19 -0.43 20.66
CA THR C 227 0.44 -0.27 19.24
C THR C 227 0.69 -1.59 18.54
N SER C 228 0.50 -2.72 19.23
CA SER C 228 0.62 -4.02 18.58
C SER C 228 -0.30 -5.05 19.20
N PRO C 229 -0.86 -5.96 18.39
CA PRO C 229 -1.69 -7.04 18.98
C PRO C 229 -0.95 -7.95 19.93
N PHE C 230 0.39 -7.98 19.89
CA PHE C 230 1.14 -9.00 20.61
C PHE C 230 1.41 -8.65 22.07
N TRP C 231 1.11 -7.43 22.51
CA TRP C 231 0.98 -7.13 23.92
C TRP C 231 -0.24 -6.24 24.11
N TYR C 232 -1.06 -6.56 25.11
CA TYR C 232 -2.29 -5.81 25.36
C TYR C 232 -2.81 -6.15 26.75
N SER C 233 -3.92 -5.52 27.11
CA SER C 233 -4.48 -5.61 28.44
C SER C 233 -6.00 -5.69 28.33
N ILE C 234 -6.63 -6.46 29.21
CA ILE C 234 -8.08 -6.47 29.36
C ILE C 234 -8.43 -6.55 30.84
N LYS C 235 -9.59 -6.02 31.19
CA LYS C 235 -10.16 -6.15 32.52
C LYS C 235 -11.44 -6.99 32.42
N ARG C 236 -11.53 -8.02 33.27
CA ARG C 236 -12.68 -8.92 33.24
C ARG C 236 -12.99 -9.36 34.66
N ALA C 237 -14.20 -9.04 35.12
CA ALA C 237 -14.64 -9.35 36.48
C ALA C 237 -13.69 -8.65 37.45
N SER C 238 -13.01 -9.36 38.35
CA SER C 238 -12.07 -8.76 39.27
C SER C 238 -10.62 -9.01 38.86
N ALA C 239 -10.37 -9.31 37.60
CA ALA C 239 -9.03 -9.59 37.10
C ALA C 239 -8.56 -8.45 36.20
N HIS C 240 -7.32 -8.04 36.40
CA HIS C 240 -6.61 -7.22 35.43
C HIS C 240 -5.54 -8.11 34.80
N ILE C 241 -5.64 -8.31 33.49
CA ILE C 241 -4.85 -9.29 32.76
C ILE C 241 -3.91 -8.54 31.83
N ILE C 242 -2.63 -8.90 31.88
CA ILE C 242 -1.59 -8.28 31.05
C ILE C 242 -0.96 -9.39 30.22
N VAL C 243 -0.98 -9.21 28.90
CA VAL C 243 -0.47 -10.20 27.95
C VAL C 243 0.75 -9.61 27.29
N LEU C 244 1.87 -10.32 27.37
CA LEU C 244 3.13 -9.89 26.79
C LEU C 244 3.54 -10.79 25.63
N SER C 245 4.43 -10.26 24.79
CA SER C 245 5.00 -10.97 23.66
C SER C 245 6.44 -11.33 24.02
N SER C 246 6.70 -12.63 24.24
CA SER C 246 8.05 -13.06 24.56
C SER C 246 9.01 -12.92 23.39
N TYR C 247 8.48 -12.90 22.16
CA TYR C 247 9.30 -12.90 20.97
C TYR C 247 9.12 -11.61 20.15
N SER C 248 8.67 -10.55 20.80
CA SER C 248 8.82 -9.19 20.30
C SER C 248 9.89 -8.50 21.12
N ALA C 249 10.27 -7.30 20.66
CA ALA C 249 11.27 -6.52 21.38
C ALA C 249 10.77 -6.15 22.76
N TYR C 250 11.68 -6.12 23.74
CA TYR C 250 11.35 -5.59 25.06
C TYR C 250 12.54 -4.88 25.67
N GLY C 251 13.47 -4.39 24.86
CA GLY C 251 14.52 -3.54 25.38
C GLY C 251 13.97 -2.20 25.85
N ARG C 252 14.80 -1.50 26.63
CA ARG C 252 14.39 -0.18 27.12
C ARG C 252 14.19 0.77 25.96
N GLY C 253 13.01 1.37 25.87
CA GLY C 253 12.66 2.23 24.77
C GLY C 253 11.80 1.60 23.69
N THR C 254 11.76 0.27 23.63
CA THR C 254 10.90 -0.39 22.66
C THR C 254 9.43 -0.18 23.04
N PRO C 255 8.53 -0.28 22.07
CA PRO C 255 7.10 -0.07 22.38
C PRO C 255 6.55 -0.93 23.51
N GLN C 256 6.77 -2.25 23.45
CA GLN C 256 6.24 -3.14 24.50
C GLN C 256 6.77 -2.76 25.87
N TYR C 257 8.06 -2.41 25.95
CA TYR C 257 8.63 -1.95 27.21
C TYR C 257 7.98 -0.65 27.66
N THR C 258 7.88 0.31 26.75
CA THR C 258 7.22 1.57 27.05
C THR C 258 5.76 1.36 27.43
N TRP C 259 5.08 0.43 26.74
CA TRP C 259 3.68 0.18 27.03
C TRP C 259 3.50 -0.47 28.39
N LEU C 260 4.33 -1.46 28.72
CA LEU C 260 4.16 -2.18 29.97
C LEU C 260 4.44 -1.29 31.17
N LYS C 261 5.50 -0.48 31.10
CA LYS C 261 5.81 0.48 32.15
C LYS C 261 4.60 1.37 32.47
N LYS C 262 3.93 1.86 31.43
CA LYS C 262 2.79 2.76 31.60
C LYS C 262 1.50 2.02 31.94
N GLU C 263 1.33 0.79 31.45
CA GLU C 263 0.13 0.02 31.77
C GLU C 263 0.13 -0.44 33.22
N LEU C 264 1.30 -0.79 33.76
CA LEU C 264 1.41 -1.24 35.14
C LEU C 264 0.84 -0.21 36.11
N ARG C 265 1.21 1.07 35.93
CA ARG C 265 0.71 2.09 36.83
C ARG C 265 -0.73 2.51 36.52
N LYS C 266 -1.34 1.97 35.47
CA LYS C 266 -2.78 2.15 35.27
C LYS C 266 -3.60 1.20 36.14
N VAL C 267 -3.00 0.09 36.58
CA VAL C 267 -3.76 -0.94 37.30
C VAL C 267 -4.31 -0.36 38.58
N LYS C 268 -5.60 -0.60 38.81
CA LYS C 268 -6.32 -0.10 39.99
C LYS C 268 -6.79 -1.31 40.78
N ARG C 269 -5.99 -1.73 41.78
CA ARG C 269 -6.30 -2.93 42.54
C ARG C 269 -7.58 -2.80 43.36
N SER C 270 -8.08 -1.58 43.57
CA SER C 270 -9.36 -1.41 44.25
C SER C 270 -10.54 -1.79 43.36
N GLU C 271 -10.32 -1.84 42.05
CA GLU C 271 -11.31 -2.24 41.07
C GLU C 271 -11.05 -3.62 40.50
N THR C 272 -9.78 -3.99 40.34
CA THR C 272 -9.39 -5.31 39.84
C THR C 272 -8.30 -5.82 40.78
N PRO C 273 -8.67 -6.53 41.84
CA PRO C 273 -7.66 -6.93 42.82
C PRO C 273 -6.65 -7.92 42.27
N TRP C 274 -7.03 -8.74 41.28
CA TRP C 274 -6.19 -9.84 40.80
C TRP C 274 -5.41 -9.38 39.59
N LEU C 275 -4.10 -9.25 39.76
CA LEU C 275 -3.18 -8.87 38.69
C LEU C 275 -2.61 -10.16 38.10
N ILE C 276 -2.97 -10.45 36.85
CA ILE C 276 -2.57 -11.67 36.15
C ILE C 276 -1.76 -11.26 34.93
N VAL C 277 -0.58 -11.86 34.77
CA VAL C 277 0.28 -11.57 33.63
C VAL C 277 0.44 -12.84 32.81
N LEU C 278 0.15 -12.74 31.53
CA LEU C 278 0.28 -13.84 30.58
C LEU C 278 1.49 -13.61 29.69
N MET C 279 2.37 -14.61 29.60
CA MET C 279 3.47 -14.64 28.65
C MET C 279 3.66 -16.08 28.22
N HIS C 280 4.43 -16.28 27.15
CA HIS C 280 4.62 -17.65 26.68
C HIS C 280 5.76 -18.36 27.37
N SER C 281 7.00 -17.76 27.34
CA SER C 281 8.18 -18.40 27.90
C SER C 281 8.30 -18.05 29.39
N PRO C 282 8.44 -19.04 30.27
CA PRO C 282 8.45 -18.75 31.71
C PRO C 282 9.76 -18.11 32.17
N LEU C 283 9.63 -17.16 33.11
CA LEU C 283 10.80 -16.56 33.74
C LEU C 283 11.40 -17.48 34.79
N TYR C 284 10.63 -18.50 35.22
CA TYR C 284 11.07 -19.44 36.24
C TYR C 284 10.66 -20.82 35.77
N ASN C 285 11.65 -21.67 35.51
CA ASN C 285 11.38 -23.02 35.04
C ASN C 285 12.62 -23.86 35.26
N SER C 286 12.45 -25.00 35.95
CA SER C 286 13.56 -25.89 36.27
C SER C 286 13.56 -27.16 35.42
N TYR C 287 12.76 -27.21 34.35
CA TYR C 287 12.89 -28.29 33.38
C TYR C 287 14.08 -28.03 32.46
N ASN C 288 14.59 -29.10 31.85
CA ASN C 288 15.77 -28.94 31.00
C ASN C 288 15.42 -28.28 29.68
N HIS C 289 14.25 -28.62 29.12
CA HIS C 289 13.80 -28.00 27.89
C HIS C 289 13.61 -26.50 28.08
N HIS C 290 14.27 -25.71 27.23
CA HIS C 290 14.18 -24.24 27.25
C HIS C 290 14.58 -23.65 28.61
N PHE C 291 15.49 -24.30 29.32
CA PHE C 291 15.93 -23.80 30.61
C PHE C 291 16.61 -22.45 30.44
N MET C 292 16.28 -21.50 31.30
CA MET C 292 16.86 -20.16 31.35
C MET C 292 16.60 -19.35 30.08
N GLU C 293 15.72 -19.79 29.20
CA GLU C 293 15.36 -18.95 28.06
C GLU C 293 14.67 -17.66 28.51
N GLY C 294 13.78 -17.75 29.49
CA GLY C 294 13.07 -16.58 29.96
C GLY C 294 13.91 -15.61 30.77
N GLU C 295 15.23 -15.81 30.82
CA GLU C 295 16.09 -14.95 31.63
C GLU C 295 16.19 -13.54 31.06
N ALA C 296 16.24 -13.42 29.73
CA ALA C 296 16.31 -12.10 29.10
C ALA C 296 15.14 -11.23 29.53
N MET C 297 13.90 -11.73 29.39
CA MET C 297 12.75 -10.97 29.84
C MET C 297 12.75 -10.80 31.35
N ARG C 298 13.30 -11.78 32.07
CA ARG C 298 13.34 -11.69 33.53
C ARG C 298 14.15 -10.49 33.99
N THR C 299 15.29 -10.23 33.33
CA THR C 299 16.09 -9.08 33.71
C THR C 299 15.33 -7.77 33.47
N LYS C 300 14.44 -7.75 32.50
CA LYS C 300 13.78 -6.51 32.10
C LYS C 300 12.53 -6.25 32.93
N PHE C 301 11.77 -7.28 33.27
CA PHE C 301 10.43 -7.09 33.81
C PHE C 301 10.21 -7.62 35.22
N GLU C 302 11.15 -8.39 35.78
CA GLU C 302 10.85 -9.05 37.05
C GLU C 302 10.67 -8.04 38.17
N ALA C 303 11.55 -7.03 38.24
CA ALA C 303 11.47 -6.07 39.33
C ALA C 303 10.17 -5.27 39.26
N TRP C 304 9.59 -5.13 38.07
CA TRP C 304 8.29 -4.47 37.97
C TRP C 304 7.16 -5.37 38.46
N PHE C 305 7.25 -6.68 38.20
CA PHE C 305 6.26 -7.62 38.76
C PHE C 305 6.24 -7.56 40.27
N VAL C 306 7.43 -7.56 40.90
CA VAL C 306 7.52 -7.42 42.35
C VAL C 306 7.10 -6.02 42.78
N LYS C 307 7.45 -5.00 41.98
CA LYS C 307 7.11 -3.62 42.36
C LYS C 307 5.60 -3.42 42.43
N TYR C 308 4.85 -4.01 41.49
CA TYR C 308 3.42 -3.84 41.45
C TYR C 308 2.67 -5.05 42.02
N LYS C 309 3.38 -6.00 42.62
CA LYS C 309 2.78 -7.14 43.30
C LYS C 309 1.81 -7.88 42.39
N VAL C 310 2.35 -8.41 41.29
CA VAL C 310 1.57 -9.31 40.45
C VAL C 310 1.22 -10.54 41.26
N ASP C 311 -0.04 -10.99 41.15
CA ASP C 311 -0.45 -12.18 41.90
C ASP C 311 0.13 -13.45 41.27
N VAL C 312 0.03 -13.57 39.95
CA VAL C 312 0.48 -14.79 39.27
C VAL C 312 0.89 -14.44 37.85
N VAL C 313 1.92 -15.13 37.37
CA VAL C 313 2.39 -15.05 36.00
C VAL C 313 2.24 -16.42 35.38
N PHE C 314 1.53 -16.49 34.24
CA PHE C 314 1.22 -17.76 33.60
C PHE C 314 1.98 -17.87 32.28
N ALA C 315 2.69 -18.97 32.11
CA ALA C 315 3.48 -19.19 30.91
C ALA C 315 3.19 -20.58 30.35
N GLY C 316 3.69 -20.83 29.14
CA GLY C 316 3.62 -22.15 28.53
C GLY C 316 4.98 -22.68 28.12
N HIS C 317 5.15 -22.96 26.83
CA HIS C 317 6.44 -23.22 26.21
C HIS C 317 7.09 -24.52 26.70
N VAL C 318 7.15 -24.72 28.02
CA VAL C 318 7.64 -25.96 28.60
C VAL C 318 6.47 -26.93 28.75
N HIS C 319 6.55 -28.08 28.07
CA HIS C 319 5.46 -29.05 28.00
C HIS C 319 5.43 -29.91 29.26
N ALA C 320 5.03 -29.28 30.36
CA ALA C 320 4.84 -29.92 31.66
C ALA C 320 4.18 -28.89 32.56
N TYR C 321 4.13 -29.18 33.86
CA TYR C 321 3.50 -28.30 34.83
C TYR C 321 4.48 -27.97 35.94
N GLU C 322 4.57 -26.69 36.29
CA GLU C 322 5.43 -26.26 37.39
C GLU C 322 4.79 -25.11 38.12
N ARG C 323 5.08 -25.02 39.42
CA ARG C 323 4.56 -23.95 40.27
C ARG C 323 5.68 -23.50 41.18
N SER C 324 6.13 -22.26 41.03
CA SER C 324 7.22 -21.77 41.86
C SER C 324 6.71 -21.38 43.23
N GLU C 325 7.65 -21.12 44.14
CA GLU C 325 7.32 -20.32 45.31
C GLU C 325 7.32 -18.84 44.93
N ARG C 326 7.07 -17.97 45.89
CA ARG C 326 7.16 -16.53 45.67
C ARG C 326 8.61 -16.13 45.92
N VAL C 327 9.33 -15.83 44.84
CA VAL C 327 10.76 -15.52 44.91
C VAL C 327 11.04 -14.37 43.95
N SER C 328 12.19 -13.74 44.14
CA SER C 328 12.65 -12.69 43.24
C SER C 328 14.17 -12.69 43.23
N ASN C 329 14.72 -12.38 42.06
CA ASN C 329 16.15 -12.41 41.77
C ASN C 329 16.59 -11.07 41.23
N ILE C 330 16.25 -10.02 41.97
CA ILE C 330 16.34 -8.63 41.48
C ILE C 330 17.45 -7.84 42.15
N ALA C 331 18.33 -8.50 42.90
CA ALA C 331 19.42 -7.81 43.62
C ALA C 331 20.77 -7.91 42.93
N TYR C 332 20.88 -8.69 41.85
CA TYR C 332 22.17 -8.88 41.18
C TYR C 332 22.70 -7.56 40.64
N LYS C 333 23.99 -7.29 40.87
CA LYS C 333 24.62 -6.07 40.35
C LYS C 333 25.99 -6.40 39.76
N ILE C 334 26.07 -7.55 39.08
CA ILE C 334 27.22 -8.05 38.32
C ILE C 334 28.34 -8.59 39.21
N THR C 335 28.67 -7.88 40.28
CA THR C 335 29.81 -8.29 41.10
C THR C 335 29.50 -8.44 42.58
N ASN C 336 28.25 -8.30 43.01
CA ASN C 336 27.94 -8.28 44.44
C ASN C 336 27.52 -9.65 44.99
N GLY C 337 27.42 -10.67 44.15
CA GLY C 337 27.15 -12.02 44.60
C GLY C 337 25.70 -12.34 44.90
N LEU C 338 24.79 -11.37 44.76
CA LEU C 338 23.37 -11.60 45.07
C LEU C 338 22.65 -12.07 43.80
N CYS C 339 22.92 -13.33 43.44
CA CYS C 339 22.35 -13.90 42.22
C CYS C 339 21.50 -15.13 42.51
N THR C 340 20.96 -15.24 43.72
CA THR C 340 20.08 -16.35 44.06
C THR C 340 18.69 -15.84 44.38
N PRO C 341 17.63 -16.51 43.89
CA PRO C 341 16.28 -16.12 44.28
C PRO C 341 16.06 -16.27 45.78
N VAL C 342 15.44 -15.27 46.37
CA VAL C 342 15.12 -15.28 47.79
C VAL C 342 13.61 -15.16 47.93
N LYS C 343 13.07 -15.74 49.01
CA LYS C 343 11.65 -15.63 49.28
C LYS C 343 11.25 -14.16 49.33
N ASP C 344 10.14 -13.84 48.68
CA ASP C 344 9.69 -12.45 48.57
C ASP C 344 8.17 -12.47 48.49
N GLN C 345 7.52 -12.05 49.59
CA GLN C 345 6.07 -12.06 49.69
C GLN C 345 5.39 -11.09 48.73
N SER C 346 6.14 -10.17 48.12
CA SER C 346 5.63 -9.28 47.10
C SER C 346 5.81 -9.83 45.69
N ALA C 347 6.41 -11.05 45.54
CA ALA C 347 6.62 -11.58 44.20
C ALA C 347 5.41 -12.38 43.72
N PRO C 348 5.20 -12.48 42.41
CA PRO C 348 4.15 -13.35 41.90
C PRO C 348 4.52 -14.81 42.07
N VAL C 349 3.53 -15.67 41.84
CA VAL C 349 3.74 -17.09 41.65
C VAL C 349 3.87 -17.35 40.15
N TYR C 350 4.89 -18.11 39.77
CA TYR C 350 5.17 -18.44 38.38
C TYR C 350 4.71 -19.86 38.12
N ILE C 351 3.67 -20.01 37.31
CA ILE C 351 3.10 -21.30 36.96
C ILE C 351 3.34 -21.53 35.47
N THR C 352 3.90 -22.70 35.15
CA THR C 352 4.06 -23.16 33.77
C THR C 352 2.98 -24.20 33.51
N ILE C 353 2.15 -23.94 32.51
CA ILE C 353 0.95 -24.75 32.26
C ILE C 353 0.87 -25.06 30.76
N GLY C 354 2.03 -25.13 30.10
CA GLY C 354 2.04 -25.42 28.69
C GLY C 354 2.02 -26.91 28.38
N ASP C 355 1.17 -27.68 29.08
CA ASP C 355 1.13 -29.13 28.99
C ASP C 355 -0.22 -29.64 28.48
N ALA C 356 -0.87 -28.89 27.60
CA ALA C 356 -2.17 -29.32 27.08
C ALA C 356 -2.06 -30.36 25.98
N GLY C 357 -0.86 -30.71 25.52
CA GLY C 357 -0.74 -31.78 24.56
C GLY C 357 0.28 -31.56 23.46
N ASN C 358 0.39 -30.31 22.98
CA ASN C 358 1.15 -29.95 21.79
C ASN C 358 0.97 -31.01 20.70
N TYR C 359 2.08 -31.49 20.15
CA TYR C 359 2.06 -32.58 19.19
C TYR C 359 2.18 -33.93 19.85
N GLY C 360 1.97 -33.99 21.17
CA GLY C 360 1.91 -35.24 21.89
C GLY C 360 3.15 -35.68 22.62
N VAL C 361 4.03 -34.75 23.01
CA VAL C 361 5.29 -35.08 23.69
C VAL C 361 5.38 -34.27 24.98
N ILE C 362 5.80 -34.94 26.05
CA ILE C 362 5.93 -34.32 27.36
C ILE C 362 7.40 -34.02 27.64
N ASP C 363 7.65 -32.92 28.36
CA ASP C 363 9.00 -32.54 28.79
C ASP C 363 9.21 -33.13 30.17
N SER C 364 9.97 -34.23 30.25
CA SER C 364 10.11 -34.95 31.51
C SER C 364 11.48 -34.81 32.16
N ASN C 365 12.51 -34.39 31.43
CA ASN C 365 13.85 -34.24 32.02
C ASN C 365 13.95 -32.90 32.73
N MET C 366 14.17 -32.93 34.04
CA MET C 366 14.28 -31.73 34.87
C MET C 366 15.68 -31.61 35.46
N ILE C 367 16.09 -30.37 35.73
CA ILE C 367 17.29 -30.13 36.50
C ILE C 367 17.10 -30.72 37.89
N GLN C 368 18.09 -31.51 38.33
CA GLN C 368 18.03 -32.11 39.64
C GLN C 368 19.22 -31.65 40.48
N PRO C 369 19.03 -31.41 41.79
CA PRO C 369 17.76 -31.55 42.51
C PRO C 369 16.79 -30.39 42.30
N GLN C 370 15.53 -30.58 42.71
CA GLN C 370 14.51 -29.57 42.55
C GLN C 370 14.88 -28.32 43.34
N PRO C 371 15.11 -27.18 42.68
CA PRO C 371 15.61 -25.99 43.39
C PRO C 371 14.60 -25.49 44.41
N GLU C 372 15.09 -24.66 45.33
CA GLU C 372 14.22 -24.17 46.39
C GLU C 372 13.16 -23.23 45.86
N TYR C 373 13.40 -22.57 44.71
CA TYR C 373 12.39 -21.65 44.19
C TYR C 373 11.19 -22.37 43.60
N SER C 374 11.23 -23.70 43.53
CA SER C 374 10.22 -24.50 42.88
C SER C 374 9.35 -25.18 43.93
N ALA C 375 8.04 -24.96 43.86
CA ALA C 375 7.12 -25.61 44.78
C ALA C 375 6.71 -26.99 44.26
N PHE C 376 6.08 -27.03 43.10
CA PHE C 376 5.53 -28.26 42.56
C PHE C 376 5.85 -28.36 41.09
N ARG C 377 6.25 -29.55 40.65
CA ARG C 377 6.50 -29.80 39.23
C ARG C 377 6.19 -31.27 38.92
N GLU C 378 5.72 -31.51 37.70
CA GLU C 378 5.49 -32.85 37.18
C GLU C 378 5.28 -32.79 35.67
N ALA C 379 5.75 -33.82 34.97
CA ALA C 379 5.64 -33.91 33.51
C ALA C 379 4.42 -34.78 33.17
N SER C 380 3.25 -34.16 33.15
CA SER C 380 2.01 -34.83 32.75
C SER C 380 1.19 -33.87 31.92
N PHE C 381 0.39 -34.42 31.01
CA PHE C 381 -0.53 -33.60 30.23
C PHE C 381 -1.69 -33.12 31.12
N GLY C 382 -2.18 -31.92 30.83
CA GLY C 382 -3.34 -31.40 31.52
C GLY C 382 -3.49 -29.90 31.34
N HIS C 383 -4.44 -29.35 32.12
CA HIS C 383 -4.80 -27.95 32.04
C HIS C 383 -4.91 -27.40 33.46
N GLY C 384 -5.18 -26.08 33.57
CA GLY C 384 -5.28 -25.43 34.86
C GLY C 384 -6.59 -24.67 35.02
N MET C 385 -6.89 -24.31 36.26
CA MET C 385 -8.11 -23.58 36.60
C MET C 385 -7.80 -22.59 37.71
N PHE C 386 -8.03 -21.30 37.44
CA PHE C 386 -7.79 -20.21 38.39
C PHE C 386 -9.15 -19.62 38.74
N ASP C 387 -9.66 -19.98 39.92
CA ASP C 387 -11.04 -19.68 40.30
C ASP C 387 -11.05 -18.57 41.36
N ILE C 388 -11.20 -17.33 40.90
CA ILE C 388 -11.29 -16.19 41.80
C ILE C 388 -12.56 -16.32 42.62
N LYS C 389 -12.42 -16.37 43.95
CA LYS C 389 -13.58 -16.38 44.81
C LYS C 389 -14.02 -14.94 45.15
N ASN C 390 -13.13 -14.15 45.73
CA ASN C 390 -13.43 -12.77 46.06
C ASN C 390 -12.15 -11.96 45.98
N ARG C 391 -12.04 -10.90 46.78
CA ARG C 391 -10.88 -10.03 46.68
C ARG C 391 -9.66 -10.60 47.39
N THR C 392 -9.82 -11.57 48.28
CA THR C 392 -8.68 -12.15 49.00
C THR C 392 -8.31 -13.55 48.55
N HIS C 393 -9.25 -14.32 48.02
CA HIS C 393 -9.03 -15.73 47.74
C HIS C 393 -9.25 -16.06 46.28
N ALA C 394 -8.35 -16.88 45.73
CA ALA C 394 -8.54 -17.50 44.42
C ALA C 394 -7.91 -18.87 44.46
N HIS C 395 -8.66 -19.88 44.01
CA HIS C 395 -8.23 -21.28 44.10
C HIS C 395 -7.74 -21.74 42.74
N PHE C 396 -6.43 -21.95 42.62
CA PHE C 396 -5.85 -22.55 41.42
C PHE C 396 -5.83 -24.06 41.54
N SER C 397 -6.02 -24.74 40.41
CA SER C 397 -6.00 -26.20 40.42
C SER C 397 -5.48 -26.72 39.09
N TRP C 398 -4.75 -27.83 39.16
CA TRP C 398 -4.15 -28.49 38.00
C TRP C 398 -4.83 -29.85 37.84
N ASN C 399 -5.31 -30.14 36.63
CA ASN C 399 -6.02 -31.37 36.35
C ASN C 399 -5.20 -32.22 35.39
N ARG C 400 -4.82 -33.42 35.82
CA ARG C 400 -4.08 -34.34 34.98
C ARG C 400 -5.00 -35.04 33.99
N ASN C 401 -4.45 -35.37 32.82
CA ASN C 401 -5.23 -36.03 31.78
C ASN C 401 -5.50 -37.50 32.10
N GLN C 402 -4.65 -38.13 32.92
CA GLN C 402 -4.88 -39.50 33.35
C GLN C 402 -5.80 -39.61 34.57
N ASP C 403 -6.31 -38.50 35.08
CA ASP C 403 -7.19 -38.52 36.23
C ASP C 403 -8.63 -38.22 35.80
N GLY C 404 -9.56 -38.45 36.73
CA GLY C 404 -10.92 -38.05 36.50
C GLY C 404 -11.01 -36.53 36.42
N VAL C 405 -12.04 -36.06 35.70
CA VAL C 405 -12.15 -34.63 35.41
C VAL C 405 -12.31 -33.79 36.68
N ALA C 406 -12.72 -34.40 37.78
CA ALA C 406 -12.91 -33.68 39.03
C ALA C 406 -11.73 -33.81 39.98
N VAL C 407 -10.67 -34.51 39.58
CA VAL C 407 -9.51 -34.76 40.44
C VAL C 407 -8.50 -33.63 40.27
N GLU C 408 -8.08 -33.04 41.38
CA GLU C 408 -7.04 -32.00 41.39
C GLU C 408 -5.76 -32.64 41.92
N ALA C 409 -4.76 -32.83 41.05
CA ALA C 409 -3.48 -33.37 41.48
C ALA C 409 -2.60 -32.33 42.18
N ASP C 410 -2.93 -31.05 42.05
CA ASP C 410 -2.25 -29.99 42.78
C ASP C 410 -3.19 -28.80 42.85
N SER C 411 -3.29 -28.21 44.04
CA SER C 411 -4.17 -27.06 44.22
C SER C 411 -3.61 -26.16 45.31
N VAL C 412 -3.75 -24.85 45.11
CA VAL C 412 -3.25 -23.87 46.07
C VAL C 412 -4.28 -22.76 46.24
N TRP C 413 -4.25 -22.13 47.39
CA TRP C 413 -5.05 -20.94 47.63
C TRP C 413 -4.18 -19.73 47.31
N PHE C 414 -4.55 -19.00 46.28
CA PHE C 414 -3.90 -17.72 46.01
C PHE C 414 -4.48 -16.68 46.96
N PHE C 415 -3.64 -16.17 47.85
CA PHE C 415 -4.02 -15.06 48.72
C PHE C 415 -3.58 -13.75 48.07
N ASN C 416 -4.53 -12.83 47.93
CA ASN C 416 -4.32 -11.63 47.13
C ASN C 416 -3.13 -10.83 47.62
N ARG C 417 -2.25 -10.43 46.70
CA ARG C 417 -1.08 -9.67 47.10
C ARG C 417 -1.42 -8.27 47.59
N HIS C 418 -2.58 -7.74 47.19
CA HIS C 418 -2.96 -6.40 47.64
C HIS C 418 -3.83 -6.42 48.88
N TRP C 419 -4.86 -7.27 48.89
CA TRP C 419 -5.86 -7.25 49.95
C TRP C 419 -5.62 -8.29 51.04
N TYR C 420 -4.71 -9.24 50.83
CA TYR C 420 -4.55 -10.30 51.82
C TYR C 420 -3.22 -11.03 51.65
N PRO C 421 -2.06 -10.32 51.75
CA PRO C 421 -0.77 -10.96 51.40
C PRO C 421 -0.23 -11.87 52.50
N VAL C 422 -0.94 -12.98 52.75
CA VAL C 422 -0.48 -14.00 53.68
C VAL C 422 0.54 -14.90 52.99
N ASP C 423 1.38 -15.56 53.79
CA ASP C 423 2.25 -16.61 53.27
C ASP C 423 1.44 -17.73 52.64
N ASP C 424 1.80 -18.11 51.42
CA ASP C 424 1.09 -19.18 50.71
C ASP C 424 2.04 -20.08 49.91
N LYS D 1 -3.50 40.95 -17.77
CA LYS D 1 -3.71 39.58 -18.23
C LYS D 1 -3.73 38.61 -17.05
N ASN D 2 -2.83 38.81 -16.10
CA ASN D 2 -2.89 38.08 -14.84
C ASN D 2 -3.94 38.75 -13.97
N ARG D 3 -5.18 38.26 -14.08
CA ARG D 3 -6.31 38.84 -13.36
C ARG D 3 -6.60 38.13 -12.05
N ASP D 4 -5.77 37.16 -11.65
CA ASP D 4 -5.98 36.45 -10.41
C ASP D 4 -5.73 37.35 -9.21
N MET D 5 -6.56 37.20 -8.19
CA MET D 5 -6.39 37.96 -6.97
C MET D 5 -5.04 37.64 -6.33
N PRO D 6 -4.29 38.64 -5.87
CA PRO D 6 -3.03 38.37 -5.16
C PRO D 6 -3.31 37.63 -3.86
N LEU D 7 -2.24 37.07 -3.29
CA LEU D 7 -2.41 36.21 -2.13
C LEU D 7 -2.75 37.00 -0.86
N ASP D 8 -2.45 38.28 -0.82
CA ASP D 8 -2.76 39.10 0.35
C ASP D 8 -4.16 39.69 0.29
N SER D 9 -5.01 39.19 -0.62
CA SER D 9 -6.38 39.67 -0.68
C SER D 9 -7.12 39.31 0.59
N ASP D 10 -8.20 40.06 0.86
CA ASP D 10 -8.98 39.81 2.06
C ASP D 10 -9.71 38.47 2.01
N VAL D 11 -10.00 37.97 0.80
CA VAL D 11 -10.66 36.67 0.66
C VAL D 11 -9.72 35.52 1.01
N PHE D 12 -8.41 35.78 1.04
CA PHE D 12 -7.42 34.73 1.27
C PHE D 12 -6.86 34.73 2.68
N ARG D 13 -7.27 35.68 3.52
CA ARG D 13 -6.72 35.78 4.87
C ARG D 13 -6.88 34.47 5.63
N VAL D 14 -5.88 34.15 6.44
CA VAL D 14 -5.91 32.92 7.22
C VAL D 14 -6.77 33.14 8.47
N PRO D 15 -7.70 32.24 8.79
CA PRO D 15 -8.38 32.30 10.08
C PRO D 15 -7.37 32.26 11.21
N PRO D 16 -7.41 33.24 12.11
CA PRO D 16 -6.36 33.34 13.14
C PRO D 16 -6.57 32.33 14.26
N GLY D 17 -5.49 32.13 15.01
CA GLY D 17 -5.48 31.21 16.13
C GLY D 17 -4.69 29.96 15.80
N TYR D 18 -4.02 29.42 16.82
CA TYR D 18 -3.16 28.27 16.58
C TYR D 18 -3.96 27.12 15.99
N ASN D 19 -3.66 26.75 14.76
CA ASN D 19 -4.40 25.74 14.02
C ASN D 19 -5.91 26.03 14.07
N ALA D 20 -6.26 27.15 13.46
CA ALA D 20 -7.66 27.41 13.15
C ALA D 20 -8.05 26.59 11.93
N PRO D 21 -9.15 25.85 11.97
CA PRO D 21 -9.63 25.20 10.75
C PRO D 21 -9.79 26.23 9.65
N GLN D 22 -9.54 25.80 8.42
CA GLN D 22 -9.75 26.66 7.27
C GLN D 22 -10.19 25.80 6.09
N GLN D 23 -10.53 26.49 5.00
CA GLN D 23 -11.06 25.83 3.79
C GLN D 23 -12.24 24.94 4.16
N VAL D 24 -13.08 25.46 5.06
CA VAL D 24 -14.24 24.72 5.55
C VAL D 24 -15.30 24.66 4.46
N HIS D 25 -15.77 23.46 4.14
CA HIS D 25 -16.81 23.31 3.13
C HIS D 25 -17.67 22.11 3.49
N ILE D 26 -18.93 22.14 3.01
CA ILE D 26 -19.89 21.09 3.28
C ILE D 26 -20.52 20.63 1.97
N THR D 27 -20.92 19.36 1.94
CA THR D 27 -21.72 18.83 0.83
C THR D 27 -22.52 17.64 1.33
N GLN D 28 -23.63 17.38 0.64
CA GLN D 28 -24.55 16.31 1.04
C GLN D 28 -23.80 14.99 1.18
N GLY D 29 -24.16 14.23 2.21
CA GLY D 29 -23.42 13.03 2.55
C GLY D 29 -24.21 11.76 2.41
N ASP D 30 -25.43 11.84 1.88
CA ASP D 30 -26.28 10.67 1.72
C ASP D 30 -27.03 10.82 0.41
N LEU D 31 -28.09 10.02 0.25
CA LEU D 31 -28.93 10.10 -0.94
C LEU D 31 -30.11 11.04 -0.76
N VAL D 32 -30.73 11.04 0.43
CA VAL D 32 -32.00 11.72 0.65
C VAL D 32 -31.85 13.10 1.29
N GLY D 33 -30.71 13.39 1.92
CA GLY D 33 -30.46 14.73 2.43
C GLY D 33 -30.28 14.80 3.93
N ARG D 34 -30.25 13.64 4.59
CA ARG D 34 -30.09 13.55 6.04
C ARG D 34 -28.64 13.48 6.47
N ALA D 35 -27.69 13.82 5.59
CA ALA D 35 -26.29 13.70 5.95
C ALA D 35 -25.48 14.83 5.35
N MET D 36 -24.33 15.07 5.97
CA MET D 36 -23.49 16.22 5.69
C MET D 36 -22.04 15.77 5.76
N ILE D 37 -21.27 16.01 4.71
CA ILE D 37 -19.82 15.86 4.78
C ILE D 37 -19.22 17.21 5.13
N ILE D 38 -18.49 17.27 6.24
CA ILE D 38 -17.86 18.50 6.72
C ILE D 38 -16.37 18.40 6.43
N SER D 39 -15.89 19.26 5.55
CA SER D 39 -14.52 19.20 5.06
C SER D 39 -13.77 20.46 5.48
N TRP D 40 -12.56 20.29 6.00
CA TRP D 40 -11.72 21.42 6.35
C TRP D 40 -10.26 20.98 6.39
N VAL D 41 -9.36 21.97 6.52
CA VAL D 41 -7.91 21.75 6.49
C VAL D 41 -7.28 22.51 7.66
N THR D 42 -6.29 21.89 8.30
CA THR D 42 -5.54 22.49 9.39
C THR D 42 -4.07 22.56 8.98
N MET D 43 -3.46 23.72 9.12
CA MET D 43 -2.09 23.94 8.64
CA MET D 43 -2.08 23.82 8.63
C MET D 43 -1.03 23.78 9.72
N ASP D 44 -1.37 23.90 11.00
CA ASP D 44 -0.31 23.86 12.01
C ASP D 44 0.02 22.45 12.47
N GLU D 45 -0.99 21.60 12.62
CA GLU D 45 -0.78 20.21 13.01
C GLU D 45 -2.05 19.42 12.69
N PRO D 46 -1.98 18.07 12.68
CA PRO D 46 -3.15 17.26 12.36
C PRO D 46 -4.46 17.72 12.99
N GLY D 47 -4.52 17.75 14.31
CA GLY D 47 -5.74 18.16 14.99
C GLY D 47 -6.84 17.10 14.89
N SER D 48 -7.98 17.44 15.48
CA SER D 48 -9.10 16.50 15.57
C SER D 48 -9.94 16.53 14.30
N SER D 49 -10.40 15.34 13.89
CA SER D 49 -11.35 15.21 12.79
C SER D 49 -12.78 15.16 13.28
N ALA D 50 -13.03 15.63 14.51
CA ALA D 50 -14.33 15.48 15.15
C ALA D 50 -15.16 16.75 14.95
N VAL D 51 -16.46 16.55 14.73
CA VAL D 51 -17.41 17.63 14.50
C VAL D 51 -18.45 17.62 15.61
N ARG D 52 -18.58 18.74 16.31
CA ARG D 52 -19.65 18.94 17.28
C ARG D 52 -20.82 19.59 16.55
N TYR D 53 -22.02 19.04 16.72
CA TYR D 53 -23.16 19.53 15.96
C TYR D 53 -24.46 19.37 16.75
N TRP D 54 -25.32 20.38 16.63
CA TRP D 54 -26.60 20.38 17.31
C TRP D 54 -27.58 21.23 16.51
N SER D 55 -28.87 21.00 16.75
CA SER D 55 -29.91 21.79 16.09
C SER D 55 -30.35 22.93 17.01
N GLU D 56 -30.79 24.03 16.40
CA GLU D 56 -31.33 25.13 17.18
C GLU D 56 -32.59 24.73 17.94
N LYS D 57 -33.31 23.70 17.47
CA LYS D 57 -34.48 23.20 18.18
C LYS D 57 -34.09 22.53 19.48
N ASN D 58 -33.85 21.22 19.44
CA ASN D 58 -33.37 20.43 20.57
C ASN D 58 -32.24 21.13 21.30
N GLY D 59 -31.04 21.08 20.73
CA GLY D 59 -29.85 21.61 21.37
C GLY D 59 -28.83 20.55 21.76
N ARG D 60 -29.11 19.27 21.53
CA ARG D 60 -28.21 18.23 21.99
C ARG D 60 -26.93 18.24 21.18
N LYS D 61 -25.80 18.46 21.85
CA LYS D 61 -24.50 18.40 21.20
C LYS D 61 -24.08 16.95 21.02
N ARG D 62 -23.86 16.53 19.77
CA ARG D 62 -23.32 15.23 19.47
C ARG D 62 -21.98 15.42 18.76
N ILE D 63 -21.18 14.35 18.73
CA ILE D 63 -19.88 14.37 18.08
C ILE D 63 -19.88 13.37 16.93
N ALA D 64 -19.33 13.79 15.79
CA ALA D 64 -19.09 12.92 14.65
C ALA D 64 -17.60 12.69 14.50
N LYS D 65 -17.21 11.45 14.24
CA LYS D 65 -15.80 11.07 14.11
C LYS D 65 -15.43 11.00 12.64
N GLY D 66 -14.30 11.60 12.28
CA GLY D 66 -13.88 11.66 10.89
C GLY D 66 -12.53 11.03 10.59
N LYS D 67 -11.89 11.48 9.52
CA LYS D 67 -10.66 10.89 9.02
C LYS D 67 -9.71 11.98 8.52
N MET D 68 -8.42 11.74 8.72
CA MET D 68 -7.35 12.70 8.39
C MET D 68 -6.54 12.15 7.23
N SER D 69 -6.29 12.99 6.23
CA SER D 69 -5.52 12.60 5.06
C SER D 69 -4.63 13.76 4.65
N THR D 70 -3.52 13.43 4.00
CA THR D 70 -2.63 14.41 3.38
C THR D 70 -2.24 13.92 2.00
N TYR D 71 -1.58 14.79 1.25
CA TYR D 71 -1.14 14.45 -0.10
C TYR D 71 0.00 15.39 -0.48
N ARG D 72 0.83 14.93 -1.41
CA ARG D 72 1.88 15.75 -1.98
C ARG D 72 1.65 15.88 -3.48
N PHE D 73 2.12 16.98 -4.05
CA PHE D 73 2.09 17.19 -5.49
C PHE D 73 3.36 17.94 -5.86
N PHE D 74 4.22 17.30 -6.64
CA PHE D 74 5.55 17.83 -6.93
C PHE D 74 6.28 18.22 -5.65
N ASN D 75 6.59 19.51 -5.49
CA ASN D 75 7.26 19.99 -4.30
C ASN D 75 6.30 20.61 -3.31
N TYR D 76 4.99 20.46 -3.54
CA TYR D 76 3.99 20.94 -2.59
C TYR D 76 3.59 19.81 -1.64
N SER D 77 3.50 20.15 -0.36
CA SER D 77 2.93 19.26 0.65
C SER D 77 1.70 19.93 1.23
N SER D 78 0.60 19.18 1.33
CA SER D 78 -0.67 19.72 1.75
C SER D 78 -0.70 19.93 3.26
N GLY D 79 -1.70 20.68 3.71
CA GLY D 79 -2.05 20.69 5.10
C GLY D 79 -2.68 19.36 5.50
N PHE D 80 -3.29 19.37 6.68
CA PHE D 80 -3.96 18.20 7.23
C PHE D 80 -5.44 18.30 6.92
N ILE D 81 -5.89 17.45 5.99
CA ILE D 81 -7.22 17.52 5.40
C ILE D 81 -8.17 16.64 6.20
N HIS D 82 -9.36 17.16 6.51
CA HIS D 82 -10.33 16.48 7.34
C HIS D 82 -11.66 16.32 6.61
N HIS D 83 -12.22 15.11 6.70
CA HIS D 83 -13.56 14.83 6.19
C HIS D 83 -14.32 14.02 7.23
N THR D 84 -15.46 14.54 7.67
CA THR D 84 -16.30 13.88 8.66
C THR D 84 -17.75 13.95 8.20
N THR D 85 -18.47 12.85 8.29
CA THR D 85 -19.86 12.80 7.87
C THR D 85 -20.77 12.88 9.09
N ILE D 86 -21.66 13.87 9.11
CA ILE D 86 -22.75 13.94 10.06
C ILE D 86 -23.94 13.22 9.46
N ARG D 87 -24.62 12.38 10.26
CA ARG D 87 -25.67 11.49 9.77
C ARG D 87 -26.95 11.65 10.55
N LYS D 88 -28.03 11.15 9.94
CA LYS D 88 -29.34 11.01 10.58
C LYS D 88 -29.87 12.35 11.10
N LEU D 89 -29.57 13.42 10.36
CA LEU D 89 -30.11 14.73 10.67
C LEU D 89 -31.62 14.77 10.45
N LYS D 90 -32.26 15.69 11.13
CA LYS D 90 -33.66 16.00 10.85
C LYS D 90 -33.75 16.89 9.64
N TYR D 91 -34.85 16.79 8.90
CA TYR D 91 -35.07 17.62 7.73
C TYR D 91 -35.55 19.01 8.15
N ASN D 92 -35.22 20.00 7.32
CA ASN D 92 -35.75 21.35 7.42
C ASN D 92 -35.37 22.06 8.72
N THR D 93 -34.39 21.55 9.46
CA THR D 93 -33.95 22.20 10.67
C THR D 93 -32.55 22.81 10.48
N LYS D 94 -32.29 23.86 11.23
CA LYS D 94 -31.00 24.53 11.20
C LYS D 94 -30.06 23.90 12.23
N TYR D 95 -28.87 23.50 11.76
CA TYR D 95 -27.87 22.86 12.59
C TYR D 95 -26.66 23.78 12.70
N TYR D 96 -26.11 23.89 13.90
CA TYR D 96 -24.79 24.46 14.11
C TYR D 96 -23.78 23.31 14.19
N TYR D 97 -22.61 23.51 13.60
CA TYR D 97 -21.52 22.57 13.73
C TYR D 97 -20.24 23.30 14.07
N GLU D 98 -19.38 22.62 14.84
CA GLU D 98 -18.09 23.17 15.23
C GLU D 98 -17.00 22.19 14.89
N VAL D 99 -15.88 22.74 14.45
CA VAL D 99 -14.74 21.96 14.03
C VAL D 99 -13.48 22.58 14.61
N GLY D 100 -12.50 21.75 14.94
CA GLY D 100 -11.24 22.23 15.47
C GLY D 100 -11.26 22.24 16.99
N LEU D 101 -11.79 21.14 17.54
CA LEU D 101 -12.17 21.12 18.94
C LEU D 101 -10.99 21.01 19.90
N ARG D 102 -9.78 20.72 19.40
CA ARG D 102 -8.66 20.52 20.31
C ARG D 102 -7.88 21.79 20.62
N ASN D 103 -7.93 22.79 19.74
CA ASN D 103 -7.32 24.08 20.05
C ASN D 103 -8.31 25.21 19.81
N THR D 104 -8.30 25.83 18.63
CA THR D 104 -9.23 26.90 18.34
C THR D 104 -10.34 26.39 17.42
N THR D 105 -11.58 26.52 17.88
CA THR D 105 -12.75 26.05 17.15
C THR D 105 -13.38 27.20 16.36
N ARG D 106 -14.16 26.83 15.36
CA ARG D 106 -14.91 27.80 14.57
C ARG D 106 -16.31 27.25 14.33
N ARG D 107 -17.31 28.11 14.49
CA ARG D 107 -18.71 27.71 14.37
C ARG D 107 -19.29 28.20 13.06
N PHE D 108 -19.96 27.29 12.34
CA PHE D 108 -20.76 27.61 11.18
C PHE D 108 -22.13 26.94 11.37
N SER D 109 -22.94 26.90 10.33
CA SER D 109 -24.24 26.27 10.41
C SER D 109 -24.70 25.86 9.02
N PHE D 110 -25.73 25.02 8.97
CA PHE D 110 -26.39 24.70 7.71
C PHE D 110 -27.87 24.46 7.99
N ILE D 111 -28.66 24.46 6.92
CA ILE D 111 -30.08 24.14 7.02
C ILE D 111 -30.31 22.93 6.14
N THR D 112 -30.64 21.80 6.77
CA THR D 112 -30.92 20.61 5.99
C THR D 112 -32.13 20.85 5.11
N PRO D 113 -32.22 20.18 3.97
CA PRO D 113 -33.36 20.38 3.08
C PRO D 113 -34.61 19.76 3.68
N PRO D 114 -35.79 20.06 3.14
CA PRO D 114 -36.94 19.18 3.37
C PRO D 114 -36.68 17.86 2.68
N GLN D 115 -37.37 16.82 3.14
CA GLN D 115 -37.08 15.57 2.45
C GLN D 115 -37.80 15.51 1.12
N THR D 116 -37.31 14.60 0.27
CA THR D 116 -37.77 14.55 -1.10
C THR D 116 -39.27 14.38 -1.16
N GLY D 117 -39.90 15.12 -2.07
CA GLY D 117 -41.33 15.04 -2.28
C GLY D 117 -41.67 15.66 -3.62
N LEU D 118 -42.92 15.47 -4.01
CA LEU D 118 -43.30 15.80 -5.38
C LEU D 118 -43.37 17.31 -5.61
N ASP D 119 -43.78 18.09 -4.61
CA ASP D 119 -43.94 19.53 -4.80
C ASP D 119 -43.07 20.35 -3.85
N VAL D 120 -41.98 19.77 -3.35
CA VAL D 120 -41.04 20.48 -2.46
C VAL D 120 -40.34 21.58 -3.24
N PRO D 121 -40.54 22.86 -2.89
CA PRO D 121 -39.83 23.93 -3.59
C PRO D 121 -38.40 24.07 -3.09
N TYR D 122 -37.50 24.40 -4.02
CA TYR D 122 -36.10 24.55 -3.64
C TYR D 122 -35.41 25.41 -4.67
N THR D 123 -34.36 26.11 -4.22
CA THR D 123 -33.59 27.04 -5.04
C THR D 123 -32.17 26.53 -5.18
N PHE D 124 -31.73 26.33 -6.42
CA PHE D 124 -30.38 25.87 -6.73
C PHE D 124 -29.62 26.99 -7.45
N GLY D 125 -28.51 27.42 -6.87
CA GLY D 125 -27.61 28.29 -7.58
C GLY D 125 -26.70 27.51 -8.50
N LEU D 126 -26.35 28.11 -9.64
CA LEU D 126 -25.54 27.45 -10.66
C LEU D 126 -24.30 28.28 -10.93
N ILE D 127 -23.16 27.76 -10.49
CA ILE D 127 -21.86 28.39 -10.66
C ILE D 127 -20.98 27.38 -11.38
N GLY D 128 -20.22 27.86 -12.37
CA GLY D 128 -19.28 27.02 -13.06
C GLY D 128 -18.02 27.79 -13.37
N ASP D 129 -16.89 27.07 -13.36
CA ASP D 129 -15.61 27.64 -13.79
C ASP D 129 -15.26 28.86 -12.94
N LEU D 130 -15.32 28.69 -11.62
CA LEU D 130 -15.19 29.81 -10.70
C LEU D 130 -13.80 30.44 -10.75
N GLY D 131 -12.79 29.71 -10.31
CA GLY D 131 -11.48 30.32 -10.29
C GLY D 131 -11.40 31.36 -9.17
N GLN D 132 -10.38 32.22 -9.29
CA GLN D 132 -10.08 33.19 -8.24
C GLN D 132 -9.56 34.51 -8.80
N SER D 133 -10.06 34.92 -9.96
CA SER D 133 -9.84 36.28 -10.42
C SER D 133 -10.76 37.21 -9.63
N PHE D 134 -10.67 38.51 -9.91
CA PHE D 134 -11.62 39.43 -9.33
C PHE D 134 -13.04 39.16 -9.85
N ASP D 135 -13.15 38.78 -11.13
CA ASP D 135 -14.46 38.44 -11.69
C ASP D 135 -15.11 37.30 -10.89
N SER D 136 -14.32 36.28 -10.54
CA SER D 136 -14.80 35.20 -9.70
C SER D 136 -15.47 35.75 -8.44
N ASN D 137 -14.88 36.79 -7.87
CA ASN D 137 -15.36 37.36 -6.61
C ASN D 137 -16.65 38.14 -6.81
N THR D 138 -16.78 38.86 -7.92
CA THR D 138 -18.04 39.55 -8.19
C THR D 138 -19.18 38.55 -8.32
N THR D 139 -18.94 37.43 -9.01
CA THR D 139 -19.98 36.41 -9.18
C THR D 139 -20.44 35.88 -7.83
N LEU D 140 -19.48 35.50 -6.99
CA LEU D 140 -19.83 34.97 -5.67
C LEU D 140 -20.58 36.02 -4.86
N SER D 141 -20.19 37.29 -4.98
CA SER D 141 -20.91 38.37 -4.32
C SER D 141 -22.35 38.47 -4.82
N HIS D 142 -22.55 38.25 -6.12
CA HIS D 142 -23.90 38.38 -6.67
C HIS D 142 -24.79 37.23 -6.23
N TYR D 143 -24.27 36.01 -6.26
CA TYR D 143 -25.07 34.87 -5.82
C TYR D 143 -25.47 35.00 -4.34
N GLU D 144 -24.54 35.41 -3.48
CA GLU D 144 -24.86 35.68 -2.09
C GLU D 144 -25.93 36.75 -1.96
N LEU D 145 -25.92 37.75 -2.85
CA LEU D 145 -26.81 38.89 -2.73
C LEU D 145 -28.13 38.68 -3.48
N SER D 146 -28.33 37.51 -4.06
CA SER D 146 -29.50 37.30 -4.89
C SER D 146 -30.76 37.47 -4.06
N PRO D 147 -31.78 38.16 -4.57
CA PRO D 147 -33.02 38.34 -3.79
C PRO D 147 -33.67 37.03 -3.35
N LYS D 148 -33.63 35.96 -4.13
CA LYS D 148 -34.24 34.71 -3.69
C LYS D 148 -33.17 33.65 -3.47
N LYS D 149 -32.53 33.73 -2.31
CA LYS D 149 -32.23 32.57 -1.46
C LYS D 149 -31.74 31.31 -2.18
N GLY D 150 -30.50 31.28 -2.65
CA GLY D 150 -29.93 30.05 -3.17
C GLY D 150 -29.59 29.11 -2.03
N GLN D 151 -30.20 27.93 -2.01
CA GLN D 151 -30.02 27.03 -0.88
C GLN D 151 -28.89 26.02 -1.06
N THR D 152 -28.54 25.71 -2.31
CA THR D 152 -27.45 24.78 -2.61
C THR D 152 -26.85 25.20 -3.94
N VAL D 153 -25.53 25.18 -4.03
CA VAL D 153 -24.83 25.43 -5.29
C VAL D 153 -24.58 24.09 -5.98
N LEU D 154 -24.92 24.01 -7.26
CA LEU D 154 -24.46 22.89 -8.08
C LEU D 154 -23.34 23.40 -8.97
N PHE D 155 -22.14 22.88 -8.76
CA PHE D 155 -20.92 23.37 -9.38
C PHE D 155 -20.55 22.45 -10.55
N VAL D 156 -20.50 23.01 -11.77
CA VAL D 156 -20.37 22.20 -12.98
C VAL D 156 -18.92 22.07 -13.43
N GLY D 157 -17.99 22.33 -12.53
CA GLY D 157 -16.62 21.94 -12.77
C GLY D 157 -15.69 23.14 -12.92
N ASP D 158 -14.40 22.85 -12.71
CA ASP D 158 -13.29 23.80 -12.73
C ASP D 158 -13.35 24.78 -11.55
N LEU D 159 -12.58 24.48 -10.51
CA LEU D 159 -12.70 25.12 -9.21
C LEU D 159 -11.68 26.25 -9.02
N SER D 160 -10.42 25.89 -8.84
CA SER D 160 -9.38 26.83 -8.45
C SER D 160 -8.52 27.32 -9.61
N TYR D 161 -8.34 26.51 -10.66
CA TYR D 161 -7.38 26.78 -11.73
C TYR D 161 -5.94 26.84 -11.20
N ALA D 162 -5.64 26.10 -10.12
CA ALA D 162 -4.28 26.06 -9.61
C ALA D 162 -3.31 25.47 -10.64
N ASP D 163 -3.83 24.63 -11.55
CA ASP D 163 -2.99 23.96 -12.54
C ASP D 163 -2.38 24.95 -13.54
N ARG D 164 -2.91 26.18 -13.61
N ARG D 164 -2.90 26.17 -13.62
CA ARG D 164 -2.29 27.19 -14.46
CA ARG D 164 -2.30 27.18 -14.46
C ARG D 164 -0.98 27.70 -13.87
C ARG D 164 -1.03 27.76 -13.86
N TYR D 165 -0.84 27.63 -12.56
CA TYR D 165 0.38 28.12 -11.94
C TYR D 165 1.53 27.14 -12.13
N PRO D 166 2.78 27.62 -12.09
CA PRO D 166 3.92 26.72 -12.29
C PRO D 166 3.92 25.59 -11.26
N ASN D 167 4.10 24.35 -11.76
CA ASN D 167 4.01 23.13 -10.96
C ASN D 167 2.64 23.01 -10.29
N HIS D 168 1.61 23.59 -10.93
CA HIS D 168 0.23 23.58 -10.44
C HIS D 168 0.10 24.23 -9.07
N ASP D 169 1.15 24.91 -8.59
CA ASP D 169 1.29 25.44 -7.23
C ASP D 169 0.00 25.39 -6.41
N ASN D 170 -0.17 24.30 -5.65
CA ASN D 170 -1.43 24.03 -4.96
C ASN D 170 -1.64 24.90 -3.75
N VAL D 171 -0.74 25.84 -3.50
CA VAL D 171 -1.11 26.96 -2.66
C VAL D 171 -2.42 27.55 -3.18
N ARG D 172 -2.58 27.58 -4.50
CA ARG D 172 -3.79 28.10 -5.11
C ARG D 172 -4.99 27.17 -4.96
N TRP D 173 -4.84 26.01 -4.34
CA TRP D 173 -6.01 25.26 -3.88
C TRP D 173 -6.39 25.71 -2.48
N ASP D 174 -5.39 25.82 -1.59
CA ASP D 174 -5.63 26.40 -0.28
C ASP D 174 -6.26 27.78 -0.40
N THR D 175 -5.73 28.62 -1.31
CA THR D 175 -6.29 29.95 -1.53
C THR D 175 -7.77 29.90 -1.90
N TRP D 176 -8.16 28.89 -2.68
CA TRP D 176 -9.53 28.79 -3.16
C TRP D 176 -10.44 28.28 -2.07
N GLY D 177 -9.98 27.30 -1.29
CA GLY D 177 -10.77 26.83 -0.16
C GLY D 177 -11.11 27.93 0.81
N ARG D 178 -10.11 28.75 1.14
CA ARG D 178 -10.34 29.94 1.96
CA ARG D 178 -10.39 29.91 1.99
C ARG D 178 -11.32 30.91 1.30
N PHE D 179 -11.13 31.12 0.00
CA PHE D 179 -11.93 32.10 -0.74
C PHE D 179 -13.42 31.71 -0.74
N THR D 180 -13.72 30.45 -1.06
CA THR D 180 -15.12 30.03 -1.19
C THR D 180 -15.78 29.64 0.12
N GLU D 181 -15.03 29.44 1.20
CA GLU D 181 -15.61 28.98 2.46
C GLU D 181 -16.75 29.89 2.92
N ARG D 182 -16.64 31.20 2.66
CA ARG D 182 -17.67 32.16 3.06
C ARG D 182 -19.06 31.79 2.55
N SER D 183 -19.18 30.89 1.57
CA SER D 183 -20.46 30.40 1.10
C SER D 183 -20.64 28.90 1.32
N VAL D 184 -19.63 28.10 1.00
CA VAL D 184 -19.75 26.64 1.03
C VAL D 184 -19.66 26.06 2.43
N ALA D 185 -19.29 26.86 3.43
CA ALA D 185 -19.35 26.40 4.81
C ALA D 185 -20.76 26.43 5.38
N TYR D 186 -21.70 27.11 4.70
CA TYR D 186 -23.04 27.29 5.23
C TYR D 186 -24.13 26.67 4.38
N GLN D 187 -23.85 26.32 3.13
CA GLN D 187 -24.78 25.61 2.28
C GLN D 187 -23.95 24.69 1.39
N PRO D 188 -24.46 23.51 1.06
CA PRO D 188 -23.64 22.55 0.32
C PRO D 188 -23.42 22.99 -1.12
N TRP D 189 -22.22 22.70 -1.62
CA TRP D 189 -21.94 22.74 -3.06
C TRP D 189 -21.82 21.30 -3.54
N ILE D 190 -22.47 20.99 -4.66
CA ILE D 190 -22.45 19.66 -5.26
C ILE D 190 -21.45 19.68 -6.42
N TRP D 191 -20.36 18.93 -6.28
CA TRP D 191 -19.18 19.12 -7.10
C TRP D 191 -19.21 18.26 -8.36
N THR D 192 -18.77 18.85 -9.46
CA THR D 192 -18.52 18.15 -10.71
C THR D 192 -17.06 18.36 -11.09
N ALA D 193 -16.44 17.30 -11.63
CA ALA D 193 -15.04 17.38 -12.02
C ALA D 193 -14.94 17.97 -13.42
N GLY D 194 -14.07 18.97 -13.57
CA GLY D 194 -13.74 19.54 -14.86
C GLY D 194 -12.30 19.24 -15.23
N ASN D 195 -11.90 19.73 -16.40
CA ASN D 195 -10.58 19.39 -16.93
C ASN D 195 -9.47 19.93 -16.05
N HIS D 196 -9.68 21.08 -15.41
CA HIS D 196 -8.65 21.66 -14.54
C HIS D 196 -8.44 20.87 -13.25
N GLU D 197 -9.34 19.95 -12.90
CA GLU D 197 -9.09 19.05 -11.79
C GLU D 197 -8.32 17.80 -12.20
N ILE D 198 -8.20 17.51 -13.50
CA ILE D 198 -7.46 16.33 -13.94
C ILE D 198 -6.04 16.38 -13.39
N GLU D 199 -5.33 17.47 -13.68
CA GLU D 199 -3.97 17.70 -13.20
C GLU D 199 -3.06 16.51 -13.53
N PHE D 200 -3.06 16.15 -14.81
CA PHE D 200 -2.21 15.11 -15.37
C PHE D 200 -0.94 15.75 -15.91
N ALA D 201 0.13 15.64 -15.14
CA ALA D 201 1.41 16.29 -15.44
C ALA D 201 2.53 15.25 -15.36
N PRO D 202 2.71 14.46 -16.41
CA PRO D 202 3.83 13.50 -16.40
C PRO D 202 5.20 14.15 -16.37
N GLU D 203 5.33 15.38 -16.88
CA GLU D 203 6.62 16.07 -16.95
C GLU D 203 7.18 16.43 -15.58
N ILE D 204 6.41 16.21 -14.51
CA ILE D 204 6.89 16.43 -13.15
C ILE D 204 6.51 15.22 -12.31
N ASN D 205 6.41 14.06 -12.97
CA ASN D 205 6.21 12.76 -12.31
C ASN D 205 4.95 12.77 -11.43
N GLU D 206 3.82 13.05 -12.07
CA GLU D 206 2.55 13.30 -11.38
C GLU D 206 1.43 12.84 -12.31
N THR D 207 1.06 11.56 -12.22
CA THR D 207 0.21 10.95 -13.22
C THR D 207 -1.10 10.42 -12.66
N GLU D 208 -1.51 10.88 -11.48
CA GLU D 208 -2.73 10.43 -10.84
C GLU D 208 -3.88 11.37 -11.19
N PRO D 209 -4.81 10.98 -12.07
CA PRO D 209 -5.87 11.91 -12.50
C PRO D 209 -6.79 12.31 -11.35
N PHE D 210 -7.06 13.61 -11.25
CA PHE D 210 -8.02 14.22 -10.32
C PHE D 210 -7.53 14.26 -8.88
N LYS D 211 -6.23 14.09 -8.61
CA LYS D 211 -5.82 13.78 -7.23
C LYS D 211 -6.04 14.95 -6.28
N PRO D 212 -5.48 16.14 -6.49
CA PRO D 212 -5.66 17.21 -5.49
C PRO D 212 -7.11 17.50 -5.20
N PHE D 213 -7.92 17.61 -6.26
CA PHE D 213 -9.36 17.79 -6.12
C PHE D 213 -10.01 16.63 -5.36
N SER D 214 -9.59 15.40 -5.64
CA SER D 214 -10.24 14.26 -4.99
C SER D 214 -9.86 14.16 -3.52
N TYR D 215 -8.69 14.65 -3.14
CA TYR D 215 -8.31 14.64 -1.73
C TYR D 215 -9.05 15.70 -0.94
N ARG D 216 -9.28 16.86 -1.55
CA ARG D 216 -9.87 18.00 -0.87
C ARG D 216 -11.40 17.98 -0.87
N TYR D 217 -12.02 17.47 -1.94
CA TYR D 217 -13.47 17.52 -2.10
C TYR D 217 -13.99 16.09 -2.25
N HIS D 218 -14.73 15.62 -1.25
CA HIS D 218 -15.35 14.30 -1.30
C HIS D 218 -16.82 14.42 -1.68
N VAL D 219 -17.38 13.30 -2.13
CA VAL D 219 -18.78 13.22 -2.53
C VAL D 219 -19.35 11.91 -2.05
N PRO D 220 -20.67 11.88 -1.80
CA PRO D 220 -21.33 10.65 -1.32
C PRO D 220 -21.60 9.64 -2.44
N TYR D 221 -20.53 9.22 -3.12
CA TYR D 221 -20.73 8.43 -4.34
C TYR D 221 -21.17 6.99 -4.02
N GLU D 222 -20.77 6.45 -2.87
CA GLU D 222 -21.27 5.13 -2.48
C GLU D 222 -22.76 5.12 -2.19
N ALA D 223 -23.35 6.29 -1.87
CA ALA D 223 -24.78 6.36 -1.62
C ALA D 223 -25.60 6.01 -2.86
N SER D 224 -25.08 6.30 -4.05
CA SER D 224 -25.73 5.92 -5.30
C SER D 224 -25.16 4.62 -5.86
N GLN D 225 -24.37 3.90 -5.07
CA GLN D 225 -23.69 2.68 -5.52
C GLN D 225 -22.84 2.93 -6.76
N SER D 226 -22.21 4.10 -6.81
CA SER D 226 -21.18 4.39 -7.79
C SER D 226 -19.84 3.90 -7.27
N THR D 227 -18.98 3.47 -8.20
CA THR D 227 -17.66 2.93 -7.91
C THR D 227 -16.58 4.01 -7.81
N SER D 228 -16.87 5.23 -8.27
CA SER D 228 -15.91 6.32 -8.35
C SER D 228 -16.52 7.61 -7.81
N PRO D 229 -15.69 8.52 -7.32
CA PRO D 229 -16.19 9.84 -6.91
C PRO D 229 -16.56 10.78 -8.04
N PHE D 230 -16.33 10.43 -9.31
CA PHE D 230 -16.49 11.39 -10.40
C PHE D 230 -17.84 11.26 -11.10
N TRP D 231 -18.60 10.21 -10.83
CA TRP D 231 -20.00 10.12 -11.21
C TRP D 231 -20.76 9.59 -10.01
N TYR D 232 -21.90 10.20 -9.72
CA TYR D 232 -22.72 9.85 -8.57
C TYR D 232 -24.04 10.60 -8.70
N SER D 233 -25.00 10.18 -7.89
CA SER D 233 -26.33 10.77 -7.88
C SER D 233 -26.71 11.13 -6.46
N ILE D 234 -27.48 12.21 -6.32
CA ILE D 234 -28.09 12.60 -5.06
C ILE D 234 -29.52 13.06 -5.32
N LYS D 235 -30.30 13.11 -4.25
CA LYS D 235 -31.66 13.63 -4.28
C LYS D 235 -31.78 14.70 -3.20
N ARG D 236 -32.27 15.88 -3.59
CA ARG D 236 -32.47 16.98 -2.66
C ARG D 236 -33.78 17.67 -3.00
N ALA D 237 -34.68 17.74 -2.03
CA ALA D 237 -36.00 18.35 -2.23
C ALA D 237 -36.67 17.60 -3.37
N SER D 238 -37.26 18.28 -4.34
CA SER D 238 -37.94 17.61 -5.44
C SER D 238 -37.03 17.29 -6.63
N ALA D 239 -35.71 17.24 -6.42
CA ALA D 239 -34.76 17.13 -7.51
C ALA D 239 -33.94 15.84 -7.40
N HIS D 240 -33.77 15.18 -8.54
CA HIS D 240 -32.87 14.04 -8.68
C HIS D 240 -31.74 14.52 -9.57
N ILE D 241 -30.52 14.58 -9.01
CA ILE D 241 -29.38 15.17 -9.71
C ILE D 241 -28.36 14.07 -10.02
N ILE D 242 -27.90 14.05 -11.27
CA ILE D 242 -26.97 13.04 -11.76
C ILE D 242 -25.70 13.76 -12.18
N VAL D 243 -24.63 13.56 -11.42
CA VAL D 243 -23.33 14.15 -11.73
C VAL D 243 -22.53 13.16 -12.55
N LEU D 244 -22.14 13.57 -13.76
CA LEU D 244 -21.29 12.76 -14.63
C LEU D 244 -19.91 13.37 -14.74
N SER D 245 -18.96 12.56 -15.20
CA SER D 245 -17.58 12.97 -15.38
C SER D 245 -17.23 12.99 -16.86
N SER D 246 -17.02 14.20 -17.40
CA SER D 246 -16.63 14.33 -18.80
C SER D 246 -15.25 13.77 -19.09
N TYR D 247 -14.41 13.59 -18.06
CA TYR D 247 -13.01 13.24 -18.24
C TYR D 247 -12.69 11.90 -17.58
N SER D 248 -13.68 11.03 -17.48
CA SER D 248 -13.52 9.62 -17.19
C SER D 248 -14.04 8.84 -18.39
N ALA D 249 -13.93 7.52 -18.31
CA ALA D 249 -14.40 6.68 -19.41
C ALA D 249 -15.92 6.68 -19.46
N TYR D 250 -16.45 6.52 -20.68
CA TYR D 250 -17.90 6.36 -20.83
C TYR D 250 -18.25 5.49 -22.02
N GLY D 251 -17.33 4.67 -22.52
CA GLY D 251 -17.67 3.70 -23.53
C GLY D 251 -18.60 2.63 -23.00
N ARG D 252 -19.22 1.91 -23.92
CA ARG D 252 -20.16 0.86 -23.53
C ARG D 252 -19.42 -0.24 -22.78
N GLY D 253 -19.88 -0.52 -21.56
CA GLY D 253 -19.25 -1.50 -20.70
C GLY D 253 -18.39 -0.93 -19.61
N THR D 254 -18.06 0.37 -19.68
CA THR D 254 -17.26 1.02 -18.67
C THR D 254 -18.10 1.28 -17.42
N PRO D 255 -17.45 1.46 -16.26
CA PRO D 255 -18.21 1.71 -15.02
C PRO D 255 -19.16 2.90 -15.10
N GLN D 256 -18.67 4.05 -15.57
CA GLN D 256 -19.51 5.23 -15.72
C GLN D 256 -20.75 4.94 -16.57
N TYR D 257 -20.54 4.44 -17.79
CA TYR D 257 -21.63 4.02 -18.68
C TYR D 257 -22.55 3.01 -18.00
N THR D 258 -21.96 1.97 -17.38
CA THR D 258 -22.77 0.95 -16.71
C THR D 258 -23.57 1.57 -15.57
N TRP D 259 -22.91 2.36 -14.72
CA TRP D 259 -23.59 2.98 -13.59
C TRP D 259 -24.74 3.88 -14.04
N LEU D 260 -24.52 4.71 -15.07
CA LEU D 260 -25.55 5.66 -15.46
C LEU D 260 -26.77 4.94 -16.03
N LYS D 261 -26.54 3.90 -16.84
CA LYS D 261 -27.67 3.18 -17.43
C LYS D 261 -28.61 2.64 -16.35
N LYS D 262 -28.05 2.20 -15.24
CA LYS D 262 -28.85 1.68 -14.13
C LYS D 262 -29.45 2.79 -13.29
N GLU D 263 -28.74 3.91 -13.16
CA GLU D 263 -29.22 4.96 -12.27
C GLU D 263 -30.48 5.63 -12.82
N LEU D 264 -30.56 5.79 -14.15
CA LEU D 264 -31.78 6.32 -14.75
C LEU D 264 -32.99 5.45 -14.38
N ARG D 265 -32.82 4.12 -14.36
CA ARG D 265 -33.93 3.24 -14.01
C ARG D 265 -34.46 3.48 -12.61
N LYS D 266 -33.61 3.96 -11.70
CA LYS D 266 -34.02 4.19 -10.32
C LYS D 266 -34.76 5.51 -10.14
N VAL D 267 -34.78 6.38 -11.14
CA VAL D 267 -35.41 7.68 -10.99
C VAL D 267 -36.90 7.47 -10.80
N LYS D 268 -37.47 8.16 -9.82
CA LYS D 268 -38.91 8.15 -9.54
C LYS D 268 -39.40 9.57 -9.70
N ARG D 269 -39.99 9.90 -10.85
CA ARG D 269 -40.43 11.27 -11.09
C ARG D 269 -41.62 11.68 -10.24
N SER D 270 -42.29 10.74 -9.55
CA SER D 270 -43.36 11.07 -8.61
C SER D 270 -42.83 11.37 -7.21
N GLU D 271 -41.54 11.10 -6.95
CA GLU D 271 -40.86 11.56 -5.75
C GLU D 271 -39.97 12.76 -6.03
N THR D 272 -39.06 12.64 -7.00
CA THR D 272 -38.21 13.74 -7.44
C THR D 272 -38.61 14.12 -8.87
N PRO D 273 -39.53 15.08 -9.06
CA PRO D 273 -39.99 15.38 -10.43
C PRO D 273 -38.93 16.02 -11.31
N TRP D 274 -37.98 16.75 -10.73
CA TRP D 274 -36.97 17.46 -11.49
C TRP D 274 -35.71 16.60 -11.62
N LEU D 275 -35.38 16.24 -12.85
CA LEU D 275 -34.23 15.39 -13.15
C LEU D 275 -33.14 16.26 -13.75
N ILE D 276 -32.06 16.44 -13.00
CA ILE D 276 -31.00 17.38 -13.35
C ILE D 276 -29.73 16.59 -13.59
N VAL D 277 -29.05 16.90 -14.69
CA VAL D 277 -27.76 16.30 -15.02
C VAL D 277 -26.71 17.38 -14.98
N LEU D 278 -25.59 17.10 -14.32
CA LEU D 278 -24.42 17.95 -14.33
C LEU D 278 -23.28 17.23 -15.06
N MET D 279 -22.55 18.00 -15.86
CA MET D 279 -21.37 17.52 -16.55
C MET D 279 -20.57 18.75 -16.93
N HIS D 280 -19.25 18.62 -16.98
CA HIS D 280 -18.45 19.80 -17.25
C HIS D 280 -18.57 20.23 -18.71
N SER D 281 -18.35 19.30 -19.65
CA SER D 281 -18.23 19.63 -21.06
C SER D 281 -19.60 19.62 -21.72
N PRO D 282 -20.04 20.72 -22.33
CA PRO D 282 -21.40 20.77 -22.89
C PRO D 282 -21.54 19.90 -24.13
N LEU D 283 -22.70 19.22 -24.22
CA LEU D 283 -23.04 18.51 -25.44
C LEU D 283 -23.51 19.47 -26.54
N TYR D 284 -24.21 20.53 -26.17
CA TYR D 284 -24.59 21.58 -27.11
C TYR D 284 -23.84 22.86 -26.78
N ASN D 285 -23.21 23.45 -27.79
CA ASN D 285 -22.28 24.55 -27.59
C ASN D 285 -21.97 25.21 -28.94
N SER D 286 -22.41 26.46 -29.11
CA SER D 286 -22.21 27.18 -30.37
C SER D 286 -21.12 28.24 -30.27
N TYR D 287 -20.26 28.13 -29.27
CA TYR D 287 -19.06 28.96 -29.20
C TYR D 287 -17.92 28.24 -29.90
N ASN D 288 -16.94 29.02 -30.34
CA ASN D 288 -15.78 28.43 -31.02
C ASN D 288 -14.92 27.67 -30.03
N HIS D 289 -14.75 28.22 -28.83
CA HIS D 289 -13.94 27.57 -27.80
C HIS D 289 -14.57 26.25 -27.38
N HIS D 290 -13.82 25.16 -27.51
CA HIS D 290 -14.28 23.81 -27.21
C HIS D 290 -15.48 23.41 -28.06
N PHE D 291 -15.56 23.88 -29.31
CA PHE D 291 -16.68 23.50 -30.16
C PHE D 291 -16.65 22.00 -30.43
N MET D 292 -17.81 21.37 -30.34
CA MET D 292 -18.01 19.95 -30.62
C MET D 292 -17.20 19.01 -29.73
N GLU D 293 -16.59 19.52 -28.65
CA GLU D 293 -15.84 18.63 -27.77
C GLU D 293 -16.75 17.62 -27.08
N GLY D 294 -18.03 17.99 -26.84
CA GLY D 294 -19.02 17.12 -26.22
C GLY D 294 -19.58 16.05 -27.13
N GLU D 295 -19.11 16.00 -28.37
CA GLU D 295 -19.63 15.05 -29.37
CA GLU D 295 -19.69 15.05 -29.34
C GLU D 295 -19.48 13.60 -28.95
N ALA D 296 -18.44 13.26 -28.18
CA ALA D 296 -18.21 11.85 -27.90
C ALA D 296 -19.22 11.33 -26.88
N MET D 297 -19.38 12.05 -25.77
CA MET D 297 -20.36 11.62 -24.78
C MET D 297 -21.79 11.86 -25.27
N ARG D 298 -22.00 12.81 -26.17
CA ARG D 298 -23.33 12.96 -26.74
C ARG D 298 -23.75 11.73 -27.52
N THR D 299 -22.81 11.07 -28.20
CA THR D 299 -23.16 9.86 -28.92
C THR D 299 -23.57 8.74 -27.99
N LYS D 300 -23.03 8.72 -26.77
CA LYS D 300 -23.33 7.65 -25.83
C LYS D 300 -24.55 7.94 -24.97
N PHE D 301 -24.78 9.19 -24.57
CA PHE D 301 -25.76 9.49 -23.53
C PHE D 301 -26.95 10.34 -23.99
N GLU D 302 -26.89 10.96 -25.17
CA GLU D 302 -27.98 11.85 -25.57
C GLU D 302 -29.31 11.12 -25.61
N ALA D 303 -29.34 9.93 -26.21
CA ALA D 303 -30.60 9.21 -26.37
C ALA D 303 -31.19 8.82 -25.02
N TRP D 304 -30.35 8.45 -24.06
CA TRP D 304 -30.83 8.14 -22.72
C TRP D 304 -31.49 9.36 -22.08
N PHE D 305 -30.81 10.51 -22.14
CA PHE D 305 -31.39 11.75 -21.62
C PHE D 305 -32.79 11.97 -22.16
N VAL D 306 -32.97 11.78 -23.47
CA VAL D 306 -34.29 11.98 -24.06
C VAL D 306 -35.24 10.88 -23.65
N LYS D 307 -34.75 9.64 -23.57
CA LYS D 307 -35.61 8.51 -23.20
C LYS D 307 -36.24 8.73 -21.84
N TYR D 308 -35.50 9.30 -20.90
CA TYR D 308 -36.00 9.51 -19.54
C TYR D 308 -36.50 10.93 -19.31
N LYS D 309 -36.63 11.74 -20.37
CA LYS D 309 -37.21 13.08 -20.29
C LYS D 309 -36.49 13.95 -19.26
N VAL D 310 -35.16 14.02 -19.39
CA VAL D 310 -34.37 14.83 -18.47
C VAL D 310 -34.81 16.29 -18.59
N ASP D 311 -34.86 16.99 -17.45
CA ASP D 311 -35.39 18.35 -17.44
C ASP D 311 -34.35 19.37 -17.91
N VAL D 312 -33.08 19.14 -17.60
CA VAL D 312 -32.03 20.12 -17.87
C VAL D 312 -30.65 19.49 -17.74
N VAL D 313 -29.70 19.95 -18.54
CA VAL D 313 -28.30 19.53 -18.46
C VAL D 313 -27.47 20.78 -18.32
N PHE D 314 -26.92 21.00 -17.13
CA PHE D 314 -26.10 22.17 -16.85
C PHE D 314 -24.64 21.83 -17.07
N ALA D 315 -23.92 22.68 -17.80
CA ALA D 315 -22.52 22.43 -18.09
C ALA D 315 -21.72 23.72 -17.98
N GLY D 316 -20.41 23.57 -17.87
CA GLY D 316 -19.52 24.72 -17.88
C GLY D 316 -18.53 24.66 -19.02
N HIS D 317 -17.24 24.72 -18.69
CA HIS D 317 -16.15 24.52 -19.65
C HIS D 317 -16.04 25.70 -20.61
N VAL D 318 -17.15 26.08 -21.25
CA VAL D 318 -17.17 27.28 -22.07
C VAL D 318 -17.39 28.48 -21.17
N HIS D 319 -16.48 29.46 -21.24
CA HIS D 319 -16.50 30.61 -20.35
C HIS D 319 -17.44 31.69 -20.87
N ALA D 320 -18.72 31.35 -20.91
CA ALA D 320 -19.78 32.25 -21.32
C ALA D 320 -21.13 31.65 -20.97
N TYR D 321 -22.20 32.16 -21.58
CA TYR D 321 -23.56 31.72 -21.26
C TYR D 321 -24.29 31.26 -22.52
N GLU D 322 -24.98 30.13 -22.41
CA GLU D 322 -25.89 29.72 -23.46
C GLU D 322 -27.01 28.85 -22.89
N ARG D 323 -28.20 28.99 -23.48
CA ARG D 323 -29.36 28.17 -23.19
C ARG D 323 -29.89 27.62 -24.49
N SER D 324 -29.98 26.29 -24.59
CA SER D 324 -30.42 25.64 -25.81
C SER D 324 -31.95 25.60 -25.88
N GLU D 325 -32.44 25.35 -27.08
CA GLU D 325 -33.82 24.94 -27.27
C GLU D 325 -33.94 23.47 -26.94
N ARG D 326 -35.16 23.01 -26.71
CA ARG D 326 -35.36 21.58 -26.49
C ARG D 326 -35.20 20.87 -27.83
N VAL D 327 -34.00 20.31 -28.05
CA VAL D 327 -33.62 19.69 -29.31
C VAL D 327 -33.00 18.33 -29.03
N SER D 328 -33.00 17.49 -30.07
CA SER D 328 -32.32 16.21 -30.02
C SER D 328 -31.70 15.94 -31.38
N ASN D 329 -30.61 15.15 -31.36
CA ASN D 329 -29.87 14.79 -32.56
C ASN D 329 -29.49 13.30 -32.43
N ILE D 330 -30.51 12.44 -32.37
CA ILE D 330 -30.34 11.06 -31.99
C ILE D 330 -30.72 10.09 -33.10
N ALA D 331 -31.00 10.58 -34.31
CA ALA D 331 -31.48 9.75 -35.40
C ALA D 331 -30.40 9.42 -36.42
N TYR D 332 -29.14 9.77 -36.14
CA TYR D 332 -28.05 9.50 -37.07
C TYR D 332 -27.74 8.01 -37.12
N LYS D 333 -27.46 7.52 -38.32
CA LYS D 333 -27.12 6.11 -38.51
C LYS D 333 -26.17 5.96 -39.71
N ILE D 334 -25.15 6.82 -39.75
CA ILE D 334 -24.05 6.80 -40.71
C ILE D 334 -24.51 7.24 -42.10
N THR D 335 -25.33 6.42 -42.76
CA THR D 335 -25.68 6.64 -44.16
C THR D 335 -27.08 7.19 -44.35
N ASN D 336 -27.79 7.53 -43.29
CA ASN D 336 -29.17 8.02 -43.44
C ASN D 336 -29.26 9.54 -43.44
N GLY D 337 -28.12 10.24 -43.39
CA GLY D 337 -28.09 11.68 -43.53
C GLY D 337 -28.68 12.51 -42.42
N LEU D 338 -29.28 11.89 -41.39
CA LEU D 338 -29.98 12.65 -40.34
C LEU D 338 -28.98 13.09 -39.26
N CYS D 339 -28.33 14.22 -39.51
CA CYS D 339 -27.36 14.77 -38.57
C CYS D 339 -27.72 16.19 -38.16
N THR D 340 -29.00 16.55 -38.21
CA THR D 340 -29.40 17.88 -37.80
C THR D 340 -30.22 17.80 -36.52
N PRO D 341 -29.88 18.59 -35.51
CA PRO D 341 -30.75 18.66 -34.32
C PRO D 341 -32.16 19.07 -34.73
N VAL D 342 -33.16 18.43 -34.15
CA VAL D 342 -34.55 18.77 -34.43
C VAL D 342 -35.27 19.11 -33.12
N LYS D 343 -36.34 19.90 -33.25
CA LYS D 343 -37.22 20.15 -32.13
C LYS D 343 -37.68 18.83 -31.53
N ASP D 344 -37.59 18.72 -30.20
CA ASP D 344 -37.85 17.45 -29.52
C ASP D 344 -38.31 17.79 -28.09
N GLN D 345 -39.64 17.90 -27.91
CA GLN D 345 -40.20 18.32 -26.64
C GLN D 345 -39.99 17.29 -25.53
N SER D 346 -39.43 16.12 -25.82
CA SER D 346 -39.05 15.19 -24.78
C SER D 346 -37.60 15.36 -24.34
N ALA D 347 -36.84 16.22 -25.02
CA ALA D 347 -35.43 16.41 -24.73
C ALA D 347 -35.22 17.49 -23.69
N PRO D 348 -34.09 17.47 -22.98
CA PRO D 348 -33.84 18.52 -21.98
C PRO D 348 -33.41 19.81 -22.63
N VAL D 349 -33.38 20.87 -21.82
CA VAL D 349 -32.73 22.12 -22.17
C VAL D 349 -31.27 22.02 -21.73
N TYR D 350 -30.35 22.30 -22.65
CA TYR D 350 -28.93 22.32 -22.35
C TYR D 350 -28.52 23.76 -22.08
N ILE D 351 -27.99 24.00 -20.88
CA ILE D 351 -27.56 25.32 -20.45
C ILE D 351 -26.07 25.28 -20.13
N THR D 352 -25.30 26.16 -20.76
CA THR D 352 -23.89 26.36 -20.48
C THR D 352 -23.74 27.52 -19.51
N ILE D 353 -23.07 27.29 -18.39
CA ILE D 353 -23.03 28.28 -17.31
C ILE D 353 -21.62 28.35 -16.72
N GLY D 354 -20.60 28.35 -17.59
CA GLY D 354 -19.22 28.38 -17.14
C GLY D 354 -18.62 29.77 -17.12
N ASP D 355 -19.40 30.78 -16.73
CA ASP D 355 -19.02 32.18 -16.83
C ASP D 355 -18.95 32.86 -15.47
N ALA D 356 -18.44 32.18 -14.45
CA ALA D 356 -18.38 32.77 -13.13
C ALA D 356 -17.11 33.57 -12.89
N GLY D 357 -16.11 33.48 -13.76
CA GLY D 357 -14.89 34.22 -13.55
C GLY D 357 -13.63 33.64 -14.15
N ASN D 358 -13.31 32.40 -13.78
CA ASN D 358 -12.06 31.71 -14.18
C ASN D 358 -10.80 32.57 -13.90
N TYR D 359 -9.80 32.50 -14.76
CA TYR D 359 -8.62 33.34 -14.61
C TYR D 359 -8.83 34.78 -15.16
N GLY D 360 -10.09 35.09 -15.49
CA GLY D 360 -10.46 36.42 -15.91
C GLY D 360 -10.64 36.62 -17.40
N VAL D 361 -11.00 35.58 -18.15
CA VAL D 361 -11.16 35.68 -19.60
C VAL D 361 -12.51 35.11 -20.00
N ILE D 362 -13.22 35.82 -20.87
CA ILE D 362 -14.52 35.39 -21.39
C ILE D 362 -14.32 34.80 -22.77
N ASP D 363 -15.19 33.86 -23.12
CA ASP D 363 -15.20 33.26 -24.45
C ASP D 363 -16.25 33.99 -25.30
N SER D 364 -15.78 34.92 -26.14
CA SER D 364 -16.63 35.85 -26.86
C SER D 364 -16.91 35.43 -28.30
N ASN D 365 -16.09 34.57 -28.89
CA ASN D 365 -16.22 34.22 -30.29
C ASN D 365 -17.17 33.06 -30.45
N MET D 366 -18.12 33.20 -31.38
CA MET D 366 -19.23 32.27 -31.52
C MET D 366 -19.30 31.73 -32.95
N ILE D 367 -20.02 30.62 -33.08
CA ILE D 367 -20.35 30.07 -34.40
C ILE D 367 -21.47 30.92 -34.99
N GLN D 368 -21.26 31.38 -36.23
CA GLN D 368 -22.25 32.25 -36.86
C GLN D 368 -22.91 31.56 -38.06
N PRO D 369 -24.23 31.69 -38.23
CA PRO D 369 -25.11 32.45 -37.33
C PRO D 369 -25.43 31.65 -36.07
N GLN D 370 -26.17 32.23 -35.14
CA GLN D 370 -26.67 31.47 -34.01
C GLN D 370 -27.51 30.30 -34.54
N PRO D 371 -27.11 29.06 -34.29
CA PRO D 371 -27.86 27.93 -34.85
C PRO D 371 -29.22 27.78 -34.17
N GLU D 372 -30.07 26.97 -34.80
CA GLU D 372 -31.45 26.87 -34.35
C GLU D 372 -31.55 26.22 -32.98
N TYR D 373 -30.60 25.36 -32.63
CA TYR D 373 -30.63 24.74 -31.30
C TYR D 373 -30.20 25.69 -30.20
N SER D 374 -29.61 26.83 -30.55
CA SER D 374 -29.22 27.84 -29.57
C SER D 374 -30.36 28.83 -29.41
N ALA D 375 -30.89 28.95 -28.20
CA ALA D 375 -32.00 29.85 -27.90
C ALA D 375 -31.55 31.21 -27.37
N PHE D 376 -30.39 31.27 -26.72
CA PHE D 376 -29.90 32.49 -26.11
C PHE D 376 -28.43 32.30 -25.77
N ARG D 377 -27.60 33.27 -26.07
CA ARG D 377 -26.18 33.18 -25.74
C ARG D 377 -25.63 34.58 -25.51
N GLU D 378 -24.73 34.69 -24.54
CA GLU D 378 -24.01 35.94 -24.33
C GLU D 378 -22.67 35.65 -23.66
N ALA D 379 -21.63 36.40 -24.06
CA ALA D 379 -20.32 36.31 -23.43
C ALA D 379 -20.24 37.33 -22.30
N SER D 380 -20.80 36.95 -21.16
CA SER D 380 -20.78 37.80 -19.97
C SER D 380 -20.49 36.94 -18.76
N PHE D 381 -19.74 37.49 -17.81
CA PHE D 381 -19.55 36.81 -16.55
C PHE D 381 -20.84 36.84 -15.74
N GLY D 382 -21.16 35.72 -15.09
CA GLY D 382 -22.33 35.71 -14.23
C GLY D 382 -22.58 34.34 -13.62
N HIS D 383 -23.82 34.20 -13.13
CA HIS D 383 -24.24 33.00 -12.44
C HIS D 383 -25.73 32.79 -12.70
N GLY D 384 -26.20 31.58 -12.40
CA GLY D 384 -27.56 31.19 -12.70
C GLY D 384 -28.29 30.68 -11.47
N MET D 385 -29.60 30.52 -11.62
CA MET D 385 -30.50 30.14 -10.53
C MET D 385 -31.61 29.26 -11.08
N PHE D 386 -31.77 28.08 -10.47
CA PHE D 386 -32.84 27.15 -10.81
C PHE D 386 -33.75 27.03 -9.60
N ASP D 387 -34.85 27.78 -9.61
CA ASP D 387 -35.76 27.87 -8.47
C ASP D 387 -37.01 27.05 -8.77
N ILE D 388 -37.13 25.92 -8.08
CA ILE D 388 -38.25 25.00 -8.26
C ILE D 388 -39.45 25.53 -7.48
N LYS D 389 -40.53 25.85 -8.22
CA LYS D 389 -41.76 26.29 -7.57
C LYS D 389 -42.65 25.11 -7.17
N ASN D 390 -42.70 24.08 -8.01
CA ASN D 390 -43.48 22.88 -7.72
C ASN D 390 -43.17 21.77 -8.72
N ARG D 391 -44.09 20.82 -8.90
CA ARG D 391 -43.85 19.72 -9.82
C ARG D 391 -43.99 20.12 -11.29
N THR D 392 -44.72 21.20 -11.61
CA THR D 392 -44.90 21.60 -12.99
C THR D 392 -43.98 22.73 -13.42
N HIS D 393 -43.61 23.63 -12.50
CA HIS D 393 -42.92 24.85 -12.85
C HIS D 393 -41.60 24.95 -12.11
N ALA D 394 -40.63 25.57 -12.78
CA ALA D 394 -39.34 25.91 -12.19
C ALA D 394 -38.77 27.06 -13.00
N HIS D 395 -38.33 28.10 -12.32
CA HIS D 395 -37.87 29.32 -12.97
C HIS D 395 -36.34 29.38 -12.97
N PHE D 396 -35.75 29.35 -14.15
CA PHE D 396 -34.32 29.57 -14.32
C PHE D 396 -34.07 31.03 -14.64
N SER D 397 -32.94 31.54 -14.15
N SER D 397 -32.94 31.55 -14.15
CA SER D 397 -32.59 32.94 -14.33
CA SER D 397 -32.58 32.94 -14.33
C SER D 397 -31.08 33.07 -14.41
C SER D 397 -31.07 33.08 -14.42
N TRP D 398 -30.62 33.92 -15.34
CA TRP D 398 -29.21 34.24 -15.50
C TRP D 398 -28.97 35.67 -15.09
N ASN D 399 -27.89 35.90 -14.35
CA ASN D 399 -27.58 37.22 -13.80
C ASN D 399 -26.14 37.58 -14.13
N ARG D 400 -25.94 38.76 -14.69
CA ARG D 400 -24.61 39.20 -15.12
C ARG D 400 -23.89 39.96 -14.01
N ASN D 401 -22.56 39.85 -14.02
CA ASN D 401 -21.74 40.56 -13.04
C ASN D 401 -21.88 42.06 -13.19
N GLN D 402 -22.17 42.54 -14.41
CA GLN D 402 -22.25 43.96 -14.69
C GLN D 402 -23.64 44.54 -14.44
N ASP D 403 -24.56 43.76 -13.88
CA ASP D 403 -25.91 44.22 -13.58
C ASP D 403 -26.14 44.23 -12.08
N GLY D 404 -27.24 44.83 -11.67
CA GLY D 404 -27.67 44.72 -10.28
C GLY D 404 -27.96 43.29 -9.90
N VAL D 405 -27.77 42.98 -8.62
CA VAL D 405 -27.91 41.62 -8.13
C VAL D 405 -29.33 41.06 -8.28
N ALA D 406 -30.29 41.87 -8.71
CA ALA D 406 -31.67 41.44 -8.88
C ALA D 406 -32.12 41.50 -10.34
N VAL D 407 -31.21 41.82 -11.25
CA VAL D 407 -31.54 42.01 -12.66
C VAL D 407 -31.28 40.70 -13.39
N GLU D 408 -32.32 40.18 -14.04
CA GLU D 408 -32.26 38.90 -14.76
C GLU D 408 -32.15 39.16 -16.25
N ALA D 409 -30.91 39.14 -16.77
CA ALA D 409 -30.69 39.31 -18.21
C ALA D 409 -31.40 38.23 -19.02
N ASP D 410 -31.38 37.00 -18.54
CA ASP D 410 -32.13 35.90 -19.13
C ASP D 410 -32.93 35.23 -18.04
N SER D 411 -34.17 34.89 -18.37
CA SER D 411 -35.01 34.18 -17.42
C SER D 411 -36.09 33.45 -18.19
N VAL D 412 -36.34 32.20 -17.80
CA VAL D 412 -37.26 31.31 -18.52
C VAL D 412 -37.98 30.44 -17.49
N TRP D 413 -39.20 30.04 -17.84
CA TRP D 413 -39.97 29.11 -17.03
C TRP D 413 -39.77 27.69 -17.56
N PHE D 414 -39.20 26.81 -16.74
CA PHE D 414 -39.01 25.41 -17.10
C PHE D 414 -40.28 24.64 -16.82
N PHE D 415 -40.92 24.12 -17.86
CA PHE D 415 -42.08 23.27 -17.70
C PHE D 415 -41.65 21.80 -17.62
N ASN D 416 -42.10 21.13 -16.56
CA ASN D 416 -41.58 19.80 -16.22
C ASN D 416 -41.92 18.77 -17.29
N ARG D 417 -40.89 18.05 -17.75
CA ARG D 417 -41.05 17.10 -18.85
C ARG D 417 -41.98 15.95 -18.48
N HIS D 418 -41.92 15.47 -17.24
CA HIS D 418 -42.76 14.34 -16.84
C HIS D 418 -44.18 14.76 -16.45
N TRP D 419 -44.35 15.98 -15.90
CA TRP D 419 -45.63 16.40 -15.33
C TRP D 419 -46.36 17.48 -16.12
N TYR D 420 -45.67 18.17 -17.04
CA TYR D 420 -46.29 19.28 -17.73
C TYR D 420 -45.46 19.63 -18.97
N PRO D 421 -45.51 18.80 -20.04
CA PRO D 421 -44.60 18.97 -21.19
C PRO D 421 -45.07 20.04 -22.18
N VAL D 422 -45.27 21.25 -21.70
CA VAL D 422 -45.62 22.37 -22.58
C VAL D 422 -44.36 22.86 -23.28
N ASP D 423 -44.53 23.41 -24.50
CA ASP D 423 -43.44 24.12 -25.17
C ASP D 423 -43.09 25.37 -24.37
N ASP D 424 -41.83 25.44 -23.90
CA ASP D 424 -41.32 26.55 -23.11
C ASP D 424 -40.10 27.19 -23.76
N SER D 425 -40.12 27.29 -25.09
CA SER D 425 -39.00 27.85 -25.83
C SER D 425 -38.83 29.35 -25.53
N THR D 426 -37.63 29.86 -25.84
CA THR D 426 -37.19 31.23 -25.53
C THR D 426 -38.30 32.28 -25.53
#